data_7AQW
#
_entry.id   7AQW
#
_cell.length_a   1.00
_cell.length_b   1.00
_cell.length_c   1.00
_cell.angle_alpha   90.00
_cell.angle_beta   90.00
_cell.angle_gamma   90.00
#
_symmetry.space_group_name_H-M   'P 1'
#
loop_
_entity.id
_entity.type
_entity.pdbx_description
1 polymer 'NADH-ubiquinone oxidoreductase chain 5'
2 polymer 'NADH-ubiquinone oxidoreductase chain 4'
3 polymer 'Acyl carrier protein 1, mitochondrial'
4 polymer 'Transmembrane protein'
5 polymer 'ESSS subunit of NADH:ubiquinone oxidoreductase (Complex I) protein'
6 polymer P1
7 polymer 'NADH dehydrogenase [ubiquinone] 1 beta subcomplex subunit 2'
8 polymer 'NADH dehydrogenase [ubiquinone] 1 beta subcomplex subunit 3-A'
9 polymer 'NADH dehydrogenase [ubiquinone] 1 beta subcomplex subunit 8, mitochondrial'
10 polymer 'B15 -- 1 beta subcomplex subunit 4'
11 polymer 'NADH dehydrogenase [ubiquinone] 1 beta subcomplex subunit 9'
12 polymer 'NADH dehydrogenase [ubiquinone] 1 beta subcomplex subunit 7'
13 polymer 'NADH dehydrogenase [ubiquinone] 1 beta subcomplex subunit 10-B'
14 non-polymer PHOSPHATIDYLETHANOLAMINE
15 non-polymer '(7S)-4-HYDROXY-N,N,N-TRIMETHYL-9-OXO-7-[(PALMITOYLOXY)METHYL]-3,5,8-TRIOXA-4-PHOSPHAHEXACOSAN-1-AMINIUM 4-OXIDE'
16 non-polymer 'S-[2-({N-[(2R)-2-hydroxy-3,3-dimethyl-4-(phosphonooxy)butanoyl]-beta-alanyl}amino)ethyl] dodecanethioate'
#
loop_
_entity_poly.entity_id
_entity_poly.type
_entity_poly.pdbx_seq_one_letter_code
_entity_poly.pdbx_strand_id
1 'polypeptide(L)'
;MYLLIVFLPLLGSSVAGFFGRFLGSEGSAIMTTTCVSFSSILSLIAFYEVALGASACYLRIAPWISSEMFDASWGFLFDS
LTVVMLIVVTFISSLVHLYSISYMSEDPHSPRFMCYLSIFTFFMLMLVTGDNFLQLFLGWEGVGLASYLLIHFWFTRLQA
DKAAIKAMLVNRVGDFGLALGILGCFTLFQTVDFSTIFACASVPRNSWIFCNMRLNAISLICILLFIGAVGKSAQIGLHT
WLPDAMEGPTPVSALIHAATMVTAGVFMIARCSPLFEYSPTALIVITFAGAMTSFLAATTGILQNDLKRVIAYSTCSQLG
YMIFACGISNYSVSVFHLMNHAFFKALLFLSAGSVIHAMSDEQDMRKMGGLASSFPLTYAMMLIGSLSLIGFPFLTGFYS
KDVILELAYTKYTISGNFAFWLGSVSVLFTSYYSFRLLFLTFLVPTNSFGRDISRCHDAPIPMAIPLILLALGSLFVGYL
AKDMMIGLGTNFWANSLLVLPKNEILAESEFAAPTIIKLIPILFSTLGAFVAYNVNLVADQFQRAFQTSTFCNRLYSFFN
KRWFFDQVLNDFLVRSFLRFGYEVSFEALDKGAIEILGPYGISYTFRRLAERISQLQSGFVYHYAFAMLLGLTLFVTFFC
MWDSLSSWVDNRLSFILIVSSFYTKSSQE
;
L
2 'polypeptide(L)'
;MLEHFCECYFNLSGLILCPVLGSIILLFIPNSRIRLIRLIGLCASLITFLYSLVLWIQFDSSTAKFQFVESLRWLPYENI
NFYLGIDGISLFFVILTTFLIPICILVGWSGMRSYGKEYIIAFLICEFLMIAVFCMLDLLLFYVFFESVLIPMFIIIGVW
GSRQRKIKAAYQFFLYTLLGSLFMLLAILLILFQTGTTDLQILLTTEFSERRQIFLWIAFFASFAVKVPMVPVHIWLPEA
HVEAPTAGSVILAGILLKFGTYGFLRFSIPMFPEATLCFTPFIYTLSAIAIIYTSLTTLRQIDLKKIIAYSSVAHMNLVT
IGMFSLNIQGIGGSILLMLSHGLVSSALFLCVGVLYDRHKTRLVRYYGGLVSTMPNFSTIFFFFTLANMSLPGTSSFIGE
FLILVGAFQRNSLVATLAALGMILGAAYSLWLYNRVVSGNLKPDFLHKFSDLNGREVFIFIPFLVGLVWMGVYPKVFLDC
MHTSVSNLVQHGKFH
;
M
3 'polypeptide(L)'
;MALRNAILRHLRVPVQTLGLNQSKIGFLGTIRSFSSHDDHLSREAVVDRVLDVVKSFPKVDPSKVTPEVHFQNDLGLDSL
DTVEIVMAIEEEFKLEIPDKEADKIDSCSLAIEYVYNHPMSS
;
T
4 'polypeptide(L)'
;MGGGDHGHGAEGGDFRAKVWSMTGGPNCRPKHWRRNTAIAMFGVFLVCIPIAKLSAKLEQRPHMPVRPIPSQIWCKNFGT
KDDYEKEH
;
c
5 'polypeptide(L)'
;MPSTQSLTVAAKTLRNRIFSRSGSTSAGPSRWATPGHEERPKGYFMNRTPPAPGQSRKWEDWELPCYITSFLTIVILGVG
LNAKPDLSIETWAHQKALERLEMEKLATAGDSSD
;
g
6 'polypeptide(L)'
;MGFIMEFAENLVLRLMENPEERDRKAREHIYEMHERCKKIKEMWALPIRPYGFWTFERHNAQLRWDPQISQVAGRRDPYD
DLLEDNYTPPSSSSSSSD
;
i
7 'polypeptide(L)' MGGGGHGGGITYKGVTVHTPKTWHTVTGKGLCAVMWFWILYRAKQDGPVVMGWRHPWDGHGDHGHGDHH j
8 'polypeptide(L)' MAKPLGTTGEFFRRRDEWRKHPMLSNQMRHALPGIGIGVGAFCVYLVGEQIYSKLMAPSSQSSHQKQPAPSH k
9 'polypeptide(L)'
;MAGRLSGVASRIMGGNGVVARSVGSSLRQRAGMGLPVGKHIVPDKPLSVNDELMWDNGTAFPEPCIDRIADTVGKYEALA
WLSGGLGFFVGLGLLAVLNDKASKVPFTPRVYPYDNLRVELGGEP
;
l
10 'polypeptide(L)' MGGGMETNKNKFIEDWGSARENLEHNFRWTRRNFALIGIFGIALPIIVYKGIVKDFHMQDEDAGRPHRKFL m
11 'polypeptide(L)'
;MSGVSTAAYFARRAAQKERVRILYRRALKDTLNWAVHRHIFYRDASDLREKFNVNQDVEDVDRIDKLIAHGEAEYNKWRH
PDPYIVPWAPGGSKFCRNPTPPAGIEIVYNYGLEDNP
;
n
12 'polypeptide(L)'
;MEVPGSSKKMIATQEEMSAAKIALGSRDMCAHLLIPLNKCRQAEFYLPWKCEDERHVYEKCEYELVMERMLAMKKIREEE
ALAKQNKLQGNAAVPLIPKTANA
;
o
13 'polypeptide(L)'
;MGRKKGLPEFEESAPDGFDPENPYKDPVAMVEMREHIVREKWIQIEKAKILREKVKWCYRVEGVNHYQKCRHLVQQYLDS
TRGVGWGKDHRPISLHGPKPEAVEAE
;
p
#
loop_
_chem_comp.id
_chem_comp.type
_chem_comp.name
_chem_comp.formula
8Q1 non-polymer 'S-[2-({N-[(2R)-2-hydroxy-3,3-dimethyl-4-(phosphonooxy)butanoyl]-beta-alanyl}amino)ethyl] dodecanethioate' 'C23 H45 N2 O8 P S'
PC7 non-polymer '(7S)-4-HYDROXY-N,N,N-TRIMETHYL-9-OXO-7-[(PALMITOYLOXY)METHYL]-3,5,8-TRIOXA-4-PHOSPHAHEXACOSAN-1-AMINIUM 4-OXIDE' 'C42 H85 N O8 P 1'
PTY non-polymer PHOSPHATIDYLETHANOLAMINE 'C40 H80 N O8 P'
#
# COMPACT_ATOMS: atom_id res chain seq x y z
N MET A 1 -7.14 22.69 -15.80
CA MET A 1 -7.38 22.79 -14.36
C MET A 1 -7.37 21.41 -13.72
N TYR A 2 -7.58 20.38 -14.53
CA TYR A 2 -7.63 19.01 -14.04
C TYR A 2 -6.33 18.25 -14.24
N LEU A 3 -5.54 18.60 -15.26
CA LEU A 3 -4.19 18.08 -15.32
C LEU A 3 -3.31 18.68 -14.23
N LEU A 4 -3.63 19.90 -13.79
CA LEU A 4 -2.91 20.54 -12.70
C LEU A 4 -3.15 19.86 -11.37
N ILE A 5 -4.25 19.13 -11.22
CA ILE A 5 -4.53 18.40 -9.99
C ILE A 5 -3.58 17.21 -9.92
N VAL A 6 -3.35 16.57 -11.06
CA VAL A 6 -2.59 15.33 -11.13
C VAL A 6 -1.08 15.56 -11.25
N PHE A 7 -0.65 16.66 -11.87
CA PHE A 7 0.75 16.83 -12.20
C PHE A 7 1.49 17.81 -11.29
N LEU A 8 0.78 18.55 -10.45
CA LEU A 8 1.46 19.43 -9.50
C LEU A 8 2.33 18.65 -8.52
N PRO A 9 1.86 17.56 -7.91
CA PRO A 9 2.79 16.77 -7.07
C PRO A 9 3.98 16.23 -7.84
N LEU A 10 3.79 15.82 -9.10
CA LEU A 10 4.91 15.34 -9.89
C LEU A 10 5.93 16.44 -10.15
N LEU A 11 5.46 17.65 -10.48
CA LEU A 11 6.37 18.75 -10.69
C LEU A 11 7.05 19.20 -9.41
N GLY A 12 6.38 19.09 -8.26
CA GLY A 12 7.01 19.38 -7.00
C GLY A 12 8.10 18.38 -6.66
N SER A 13 7.84 17.10 -6.92
CA SER A 13 8.81 16.05 -6.68
C SER A 13 9.99 16.11 -7.65
N SER A 14 9.77 16.55 -8.89
CA SER A 14 10.85 16.68 -9.86
C SER A 14 11.70 17.92 -9.65
N VAL A 15 11.31 18.82 -8.75
CA VAL A 15 12.10 19.98 -8.39
C VAL A 15 12.73 19.83 -7.02
N ALA A 16 12.07 19.12 -6.11
CA ALA A 16 12.65 18.81 -4.81
C ALA A 16 13.55 17.60 -4.80
N GLY A 17 13.64 16.85 -5.90
CA GLY A 17 14.50 15.69 -5.96
C GLY A 17 15.64 15.83 -6.94
N PHE A 18 15.45 16.64 -7.97
CA PHE A 18 16.50 16.90 -8.95
C PHE A 18 17.32 18.13 -8.63
N PHE A 19 16.72 19.14 -8.00
CA PHE A 19 17.40 20.38 -7.65
C PHE A 19 17.25 20.68 -6.18
N GLY A 20 17.24 19.65 -5.34
CA GLY A 20 17.18 19.84 -3.92
C GLY A 20 18.46 20.33 -3.30
N ARG A 21 19.56 20.25 -4.04
CA ARG A 21 20.84 20.76 -3.56
C ARG A 21 20.90 22.28 -3.57
N PHE A 22 20.07 22.92 -4.37
CA PHE A 22 19.99 24.38 -4.40
C PHE A 22 18.94 24.95 -3.46
N LEU A 23 17.93 24.15 -3.09
CA LEU A 23 16.86 24.59 -2.23
C LEU A 23 17.10 24.27 -0.76
N GLY A 24 17.84 23.21 -0.47
CA GLY A 24 18.14 22.83 0.88
C GLY A 24 17.01 22.07 1.54
N SER A 25 17.04 22.07 2.87
CA SER A 25 16.01 21.41 3.66
C SER A 25 14.77 22.26 3.86
N GLU A 26 14.81 23.54 3.51
CA GLU A 26 13.66 24.43 3.65
C GLU A 26 12.94 24.63 2.33
N GLY A 27 13.70 24.91 1.27
CA GLY A 27 13.09 25.06 -0.05
C GLY A 27 12.46 23.77 -0.55
N SER A 28 13.10 22.64 -0.28
CA SER A 28 12.55 21.36 -0.70
C SER A 28 11.28 21.01 0.06
N ALA A 29 11.02 21.64 1.20
CA ALA A 29 9.75 21.48 1.89
C ALA A 29 8.72 22.47 1.37
N ILE A 30 9.14 23.73 1.15
CA ILE A 30 8.21 24.74 0.66
C ILE A 30 7.68 24.36 -0.71
N MET A 31 8.56 23.91 -1.61
CA MET A 31 8.14 23.57 -2.97
C MET A 31 7.07 22.49 -2.96
N THR A 32 7.35 21.38 -2.28
CA THR A 32 6.43 20.24 -2.31
C THR A 32 5.14 20.57 -1.57
N THR A 33 5.23 21.25 -0.42
CA THR A 33 4.02 21.59 0.32
C THR A 33 3.15 22.55 -0.47
N THR A 34 3.76 23.55 -1.11
CA THR A 34 3.00 24.49 -1.92
C THR A 34 2.33 23.80 -3.11
N CYS A 35 3.07 22.93 -3.79
CA CYS A 35 2.50 22.24 -4.96
C CYS A 35 1.33 21.35 -4.53
N VAL A 36 1.50 20.58 -3.46
CA VAL A 36 0.44 19.68 -3.02
C VAL A 36 -0.75 20.46 -2.49
N SER A 37 -0.51 21.59 -1.82
CA SER A 37 -1.61 22.39 -1.32
C SER A 37 -2.40 23.02 -2.46
N PHE A 38 -1.72 23.49 -3.50
CA PHE A 38 -2.44 24.02 -4.66
C PHE A 38 -3.22 22.92 -5.35
N SER A 39 -2.65 21.71 -5.44
CA SER A 39 -3.41 20.57 -5.95
C SER A 39 -4.63 20.29 -5.09
N SER A 40 -4.53 20.41 -3.77
CA SER A 40 -5.64 20.21 -2.86
C SER A 40 -6.75 21.24 -3.04
N ILE A 41 -6.39 22.52 -3.18
CA ILE A 41 -7.43 23.51 -3.41
C ILE A 41 -8.08 23.30 -4.78
N LEU A 42 -7.29 22.92 -5.79
CA LEU A 42 -7.87 22.59 -7.07
C LEU A 42 -8.81 21.40 -6.96
N SER A 43 -8.51 20.45 -6.08
CA SER A 43 -9.43 19.36 -5.81
C SER A 43 -10.69 19.84 -5.10
N LEU A 44 -10.59 20.87 -4.27
CA LEU A 44 -11.78 21.43 -3.63
C LEU A 44 -12.70 22.07 -4.67
N ILE A 45 -12.15 22.85 -5.60
CA ILE A 45 -12.99 23.35 -6.70
C ILE A 45 -13.50 22.21 -7.57
N ALA A 46 -12.69 21.16 -7.77
CA ALA A 46 -13.17 20.00 -8.51
C ALA A 46 -14.36 19.34 -7.81
N PHE A 47 -14.37 19.34 -6.49
CA PHE A 47 -15.52 18.83 -5.76
C PHE A 47 -16.72 19.73 -5.92
N TYR A 48 -16.53 21.05 -5.80
CA TYR A 48 -17.62 21.97 -6.03
C TYR A 48 -18.19 21.89 -7.44
N GLU A 49 -17.39 21.42 -8.39
CA GLU A 49 -17.76 21.46 -9.80
C GLU A 49 -18.25 20.14 -10.37
N VAL A 50 -17.71 19.00 -9.94
CA VAL A 50 -18.02 17.71 -10.54
C VAL A 50 -19.08 16.99 -9.72
N ALA A 51 -18.89 16.97 -8.40
CA ALA A 51 -19.79 16.26 -7.50
C ALA A 51 -21.01 17.08 -7.11
N LEU A 52 -20.83 18.37 -6.84
CA LEU A 52 -21.95 19.22 -6.47
C LEU A 52 -22.63 19.84 -7.69
N GLY A 53 -21.86 20.08 -8.76
CA GLY A 53 -22.44 20.62 -9.98
C GLY A 53 -22.95 19.54 -10.91
N ALA A 54 -22.55 18.30 -10.65
CA ALA A 54 -23.01 17.12 -11.39
C ALA A 54 -22.68 17.24 -12.88
N SER A 55 -21.40 17.50 -13.17
CA SER A 55 -20.90 17.55 -14.54
C SER A 55 -19.50 16.94 -14.56
N ALA A 56 -19.44 15.64 -14.83
CA ALA A 56 -18.16 14.94 -14.88
C ALA A 56 -17.36 15.38 -16.11
N CYS A 57 -16.05 15.26 -16.00
CA CYS A 57 -15.14 15.59 -17.10
C CYS A 57 -14.32 14.37 -17.47
N TYR A 58 -14.14 14.16 -18.77
CA TYR A 58 -13.41 13.02 -19.30
C TYR A 58 -12.30 13.55 -20.20
N LEU A 59 -11.06 13.34 -19.78
CA LEU A 59 -9.89 13.98 -20.36
C LEU A 59 -8.91 12.93 -20.85
N ARG A 60 -8.64 12.94 -22.16
CA ARG A 60 -7.74 11.98 -22.80
C ARG A 60 -6.60 12.75 -23.45
N ILE A 61 -5.36 12.44 -23.05
CA ILE A 61 -4.21 13.14 -23.58
C ILE A 61 -3.71 12.47 -24.86
N ALA A 62 -3.30 11.22 -24.75
CA ALA A 62 -2.69 10.53 -25.88
C ALA A 62 -2.83 9.02 -25.71
N PRO A 63 -2.75 8.24 -26.79
CA PRO A 63 -2.80 6.78 -26.65
C PRO A 63 -1.49 6.22 -26.13
N TRP A 64 -1.60 5.33 -25.16
CA TRP A 64 -0.43 4.73 -24.52
C TRP A 64 -0.08 3.42 -25.20
N ILE A 65 -0.97 2.45 -25.14
CA ILE A 65 -0.73 1.14 -25.79
C ILE A 65 -1.85 0.97 -26.81
N SER A 66 -1.48 1.03 -28.08
CA SER A 66 -2.42 0.90 -29.18
C SER A 66 -2.05 -0.33 -30.01
N SER A 67 -2.60 -1.48 -29.63
CA SER A 67 -2.48 -2.70 -30.43
C SER A 67 -3.67 -2.79 -31.37
N GLU A 68 -3.93 -3.98 -31.92
CA GLU A 68 -5.08 -4.15 -32.81
C GLU A 68 -6.37 -3.70 -32.12
N MET A 69 -6.64 -4.20 -30.92
CA MET A 69 -7.75 -3.73 -30.12
C MET A 69 -7.40 -3.41 -28.68
N PHE A 70 -6.21 -3.78 -28.22
CA PHE A 70 -5.76 -3.41 -26.89
C PHE A 70 -5.43 -1.92 -26.88
N ASP A 71 -6.41 -1.10 -26.52
CA ASP A 71 -6.25 0.34 -26.49
C ASP A 71 -6.41 0.81 -25.05
N ALA A 72 -5.31 1.30 -24.46
CA ALA A 72 -5.30 1.84 -23.10
C ALA A 72 -4.63 3.21 -23.18
N SER A 73 -5.41 4.24 -23.47
CA SER A 73 -4.86 5.57 -23.67
C SER A 73 -4.53 6.23 -22.32
N TRP A 74 -3.94 7.42 -22.40
CA TRP A 74 -3.68 8.24 -21.22
C TRP A 74 -4.93 9.06 -20.96
N GLY A 75 -5.86 8.49 -20.21
CA GLY A 75 -7.13 9.14 -19.96
C GLY A 75 -7.40 9.29 -18.48
N PHE A 76 -8.08 10.39 -18.15
CA PHE A 76 -8.45 10.71 -16.79
C PHE A 76 -9.97 10.83 -16.69
N LEU A 77 -10.55 10.20 -15.70
CA LEU A 77 -11.99 10.13 -15.52
C LEU A 77 -12.33 10.73 -14.16
N PHE A 78 -12.89 11.94 -14.16
CA PHE A 78 -13.30 12.61 -12.93
C PHE A 78 -14.82 12.54 -12.83
N ASP A 79 -15.31 11.64 -11.98
CA ASP A 79 -16.72 11.49 -11.66
C ASP A 79 -16.90 11.70 -10.15
N SER A 80 -18.09 11.41 -9.64
CA SER A 80 -18.35 11.61 -8.22
C SER A 80 -17.45 10.77 -7.34
N LEU A 81 -17.21 9.51 -7.73
CA LEU A 81 -16.34 8.64 -6.94
C LEU A 81 -14.91 9.13 -6.97
N THR A 82 -14.43 9.54 -8.15
CA THR A 82 -13.04 10.00 -8.26
C THR A 82 -12.78 11.22 -7.40
N VAL A 83 -13.70 12.19 -7.44
CA VAL A 83 -13.51 13.44 -6.74
C VAL A 83 -13.56 13.25 -5.22
N VAL A 84 -14.43 12.35 -4.75
CA VAL A 84 -14.47 12.03 -3.32
C VAL A 84 -13.13 11.51 -2.85
N MET A 85 -12.47 10.67 -3.67
CA MET A 85 -11.16 10.18 -3.33
C MET A 85 -10.09 11.26 -3.47
N LEU A 86 -10.28 12.19 -4.40
CA LEU A 86 -9.33 13.28 -4.57
C LEU A 86 -9.30 14.18 -3.34
N ILE A 87 -10.47 14.57 -2.85
CA ILE A 87 -10.54 15.55 -1.77
C ILE A 87 -10.00 14.92 -0.48
N VAL A 88 -9.84 13.61 -0.49
CA VAL A 88 -9.23 12.89 0.62
C VAL A 88 -7.73 12.75 0.43
N VAL A 89 -7.31 12.25 -0.73
CA VAL A 89 -5.89 12.02 -0.98
C VAL A 89 -5.11 13.32 -0.96
N THR A 90 -5.56 14.32 -1.72
CA THR A 90 -4.83 15.57 -1.82
C THR A 90 -4.90 16.42 -0.57
N PHE A 91 -5.84 16.14 0.33
CA PHE A 91 -5.93 16.86 1.59
C PHE A 91 -5.10 16.20 2.68
N ILE A 92 -5.19 14.88 2.81
CA ILE A 92 -4.36 14.16 3.77
C ILE A 92 -2.88 14.29 3.38
N SER A 93 -2.58 14.22 2.08
CA SER A 93 -1.19 14.39 1.65
C SER A 93 -0.69 15.79 1.95
N SER A 94 -1.53 16.80 1.72
CA SER A 94 -1.12 18.17 1.99
C SER A 94 -0.92 18.42 3.48
N LEU A 95 -1.72 17.78 4.32
CA LEU A 95 -1.53 17.89 5.76
C LEU A 95 -0.32 17.11 6.25
N VAL A 96 -0.05 15.94 5.67
CA VAL A 96 1.14 15.17 6.04
C VAL A 96 2.40 15.91 5.62
N HIS A 97 2.36 16.60 4.47
CA HIS A 97 3.51 17.41 4.06
C HIS A 97 3.81 18.51 5.07
N LEU A 98 2.77 19.19 5.58
CA LEU A 98 2.97 20.20 6.61
C LEU A 98 3.45 19.59 7.91
N TYR A 99 2.93 18.41 8.26
CA TYR A 99 3.38 17.71 9.47
C TYR A 99 4.86 17.37 9.38
N SER A 100 5.32 16.93 8.21
CA SER A 100 6.70 16.49 8.06
C SER A 100 7.68 17.65 8.09
N ILE A 101 7.19 18.88 7.84
CA ILE A 101 8.05 20.05 7.95
C ILE A 101 8.62 20.20 9.34
N SER A 102 7.82 19.95 10.38
CA SER A 102 8.29 19.98 11.75
C SER A 102 8.75 18.63 12.27
N TYR A 103 8.23 17.53 11.73
CA TYR A 103 8.68 16.21 12.15
C TYR A 103 10.09 15.93 11.65
N MET A 104 10.35 16.19 10.38
CA MET A 104 11.70 16.02 9.80
C MET A 104 12.45 17.36 9.82
N SER A 105 12.57 17.92 11.02
CA SER A 105 13.32 19.14 11.22
C SER A 105 14.75 18.90 11.69
N GLU A 106 15.04 17.70 12.18
CA GLU A 106 16.38 17.33 12.62
C GLU A 106 16.97 16.20 11.80
N ASP A 107 16.14 15.42 11.12
CA ASP A 107 16.64 14.36 10.25
C ASP A 107 17.44 14.99 9.11
N PRO A 108 18.61 14.43 8.78
CA PRO A 108 19.44 15.07 7.75
C PRO A 108 18.81 15.08 6.37
N HIS A 109 18.24 13.96 5.95
CA HIS A 109 17.82 13.79 4.55
C HIS A 109 16.34 14.13 4.38
N SER A 110 15.97 15.34 4.81
CA SER A 110 14.59 15.77 4.67
C SER A 110 14.15 15.93 3.22
N PRO A 111 14.94 16.55 2.31
CA PRO A 111 14.43 16.76 0.94
C PRO A 111 14.01 15.50 0.21
N ARG A 112 14.75 14.41 0.37
CA ARG A 112 14.38 13.17 -0.30
C ARG A 112 13.08 12.60 0.27
N PHE A 113 12.85 12.81 1.56
CA PHE A 113 11.58 12.40 2.16
C PHE A 113 10.40 13.11 1.52
N MET A 114 10.53 14.42 1.33
CA MET A 114 9.45 15.18 0.71
C MET A 114 9.28 14.80 -0.75
N CYS A 115 10.39 14.53 -1.45
CA CYS A 115 10.30 14.06 -2.83
C CYS A 115 9.54 12.74 -2.91
N TYR A 116 9.84 11.80 -2.02
CA TYR A 116 9.12 10.54 -1.98
C TYR A 116 7.66 10.72 -1.66
N LEU A 117 7.33 11.62 -0.72
CA LEU A 117 5.93 11.87 -0.41
C LEU A 117 5.19 12.42 -1.62
N SER A 118 5.80 13.37 -2.34
CA SER A 118 5.16 13.92 -3.52
C SER A 118 5.00 12.89 -4.62
N ILE A 119 5.99 12.03 -4.83
CA ILE A 119 5.84 11.01 -5.86
C ILE A 119 4.76 10.00 -5.47
N PHE A 120 4.63 9.68 -4.18
CA PHE A 120 3.53 8.83 -3.74
C PHE A 120 2.19 9.49 -4.02
N THR A 121 2.08 10.78 -3.73
CA THR A 121 0.83 11.49 -3.99
C THR A 121 0.49 11.46 -5.47
N PHE A 122 1.50 11.67 -6.33
CA PHE A 122 1.26 11.62 -7.77
C PHE A 122 0.80 10.24 -8.22
N PHE A 123 1.40 9.18 -7.68
CA PHE A 123 0.97 7.84 -8.06
C PHE A 123 -0.44 7.53 -7.57
N MET A 124 -0.80 8.01 -6.38
CA MET A 124 -2.17 7.81 -5.90
C MET A 124 -3.17 8.57 -6.75
N LEU A 125 -2.82 9.78 -7.19
CA LEU A 125 -3.68 10.53 -8.11
C LEU A 125 -3.79 9.86 -9.47
N MET A 126 -2.72 9.25 -9.96
CA MET A 126 -2.82 8.40 -11.15
C MET A 126 -3.73 7.21 -10.95
N LEU A 127 -3.69 6.59 -9.78
CA LEU A 127 -4.56 5.45 -9.49
C LEU A 127 -6.03 5.87 -9.50
N VAL A 128 -6.37 6.92 -8.73
CA VAL A 128 -7.78 7.26 -8.54
C VAL A 128 -8.38 7.83 -9.81
N THR A 129 -7.63 8.65 -10.53
CA THR A 129 -8.12 9.30 -11.75
C THR A 129 -7.77 8.46 -12.97
N GLY A 130 -8.14 7.18 -12.92
CA GLY A 130 -7.82 6.26 -13.97
C GLY A 130 -9.01 5.89 -14.84
N ASP A 131 -8.86 6.06 -16.16
CA ASP A 131 -9.93 5.74 -17.09
C ASP A 131 -9.90 4.29 -17.55
N ASN A 132 -8.73 3.67 -17.55
CA ASN A 132 -8.57 2.29 -18.00
C ASN A 132 -8.16 1.39 -16.83
N PHE A 133 -7.99 0.11 -17.13
CA PHE A 133 -7.39 -0.81 -16.18
C PHE A 133 -5.88 -0.74 -16.16
N LEU A 134 -5.26 -0.09 -17.14
CA LEU A 134 -3.81 0.01 -17.20
C LEU A 134 -3.31 1.27 -16.52
N GLN A 135 -3.90 2.42 -16.83
CA GLN A 135 -3.59 3.63 -16.07
C GLN A 135 -3.93 3.46 -14.59
N LEU A 136 -4.96 2.69 -14.28
CA LEU A 136 -5.18 2.27 -12.91
C LEU A 136 -4.07 1.36 -12.42
N PHE A 137 -3.62 0.43 -13.26
CA PHE A 137 -2.54 -0.49 -12.86
C PHE A 137 -1.21 0.23 -12.73
N LEU A 138 -0.96 1.23 -13.57
CA LEU A 138 0.24 2.04 -13.45
C LEU A 138 0.34 2.66 -12.06
N GLY A 139 -0.72 3.35 -11.64
CA GLY A 139 -0.74 3.89 -10.29
C GLY A 139 -0.73 2.82 -9.24
N TRP A 140 -1.40 1.70 -9.50
CA TRP A 140 -1.48 0.61 -8.54
C TRP A 140 -0.11 0.03 -8.21
N GLU A 141 0.79 0.02 -9.18
CA GLU A 141 2.12 -0.52 -8.93
C GLU A 141 3.09 0.57 -8.50
N GLY A 142 2.95 1.78 -9.04
CA GLY A 142 3.80 2.88 -8.61
C GLY A 142 3.58 3.25 -7.16
N VAL A 143 2.35 3.08 -6.68
CA VAL A 143 2.04 3.42 -5.29
C VAL A 143 2.71 2.44 -4.34
N GLY A 144 2.74 1.15 -4.72
CA GLY A 144 3.48 0.18 -3.94
C GLY A 144 4.98 0.42 -4.00
N LEU A 145 5.47 0.86 -5.16
CA LEU A 145 6.88 1.25 -5.26
C LEU A 145 7.21 2.39 -4.30
N ALA A 146 6.36 3.41 -4.26
CA ALA A 146 6.59 4.54 -3.35
C ALA A 146 6.50 4.09 -1.90
N SER A 147 5.57 3.20 -1.58
CA SER A 147 5.49 2.66 -0.22
C SER A 147 6.78 1.94 0.16
N TYR A 148 7.29 1.11 -0.76
CA TYR A 148 8.54 0.42 -0.50
C TYR A 148 9.68 1.41 -0.27
N LEU A 149 9.78 2.42 -1.13
CA LEU A 149 10.83 3.42 -1.00
C LEU A 149 10.74 4.20 0.29
N LEU A 150 9.53 4.42 0.82
CA LEU A 150 9.35 5.18 2.04
C LEU A 150 9.47 4.34 3.31
N ILE A 151 9.23 3.03 3.23
CA ILE A 151 9.38 2.19 4.41
C ILE A 151 10.83 2.09 4.86
N HIS A 152 11.78 1.94 3.94
CA HIS A 152 13.19 1.89 4.30
C HIS A 152 13.87 3.23 4.02
N PHE A 153 13.17 4.32 4.30
CA PHE A 153 13.80 5.64 4.16
C PHE A 153 15.07 5.74 4.99
N TRP A 154 15.13 5.02 6.11
CA TRP A 154 16.37 4.85 6.86
C TRP A 154 17.01 3.55 6.41
N PHE A 155 17.77 3.64 5.31
CA PHE A 155 18.34 2.46 4.68
C PHE A 155 19.37 1.78 5.58
N THR A 156 19.91 2.49 6.57
CA THR A 156 20.93 1.91 7.44
C THR A 156 20.36 0.80 8.30
N ARG A 157 19.08 0.89 8.65
CA ARG A 157 18.45 -0.16 9.43
C ARG A 157 18.29 -1.43 8.59
N LEU A 158 18.20 -2.57 9.28
CA LEU A 158 17.94 -3.85 8.65
C LEU A 158 16.48 -4.24 8.70
N GLN A 159 15.80 -3.95 9.83
CA GLN A 159 14.38 -4.25 9.92
C GLN A 159 13.57 -3.46 8.90
N ALA A 160 13.99 -2.22 8.61
CA ALA A 160 13.30 -1.42 7.61
C ALA A 160 13.38 -2.07 6.23
N ASP A 161 14.55 -2.58 5.86
CA ASP A 161 14.70 -3.23 4.56
C ASP A 161 13.89 -4.51 4.49
N LYS A 162 13.88 -5.30 5.58
CA LYS A 162 13.09 -6.52 5.60
C LYS A 162 11.60 -6.22 5.45
N ALA A 163 11.12 -5.21 6.18
CA ALA A 163 9.71 -4.82 6.08
C ALA A 163 9.39 -4.33 4.67
N ALA A 164 10.29 -3.53 4.09
CA ALA A 164 10.07 -3.00 2.75
C ALA A 164 10.03 -4.09 1.69
N ILE A 165 10.90 -5.09 1.77
CA ILE A 165 10.91 -6.19 0.81
C ILE A 165 9.69 -7.10 1.02
N LYS A 166 9.28 -7.33 2.27
CA LYS A 166 8.07 -8.13 2.50
C LYS A 166 6.85 -7.43 1.94
N ALA A 167 6.76 -6.11 2.13
CA ALA A 167 5.64 -5.35 1.57
C ALA A 167 5.60 -5.47 0.06
N MET A 168 6.77 -5.41 -0.58
CA MET A 168 6.83 -5.55 -2.03
C MET A 168 6.42 -6.96 -2.48
N LEU A 169 6.84 -7.99 -1.76
CA LEU A 169 6.43 -9.35 -2.13
C LEU A 169 4.91 -9.52 -2.06
N VAL A 170 4.31 -9.07 -0.97
CA VAL A 170 2.86 -9.21 -0.81
C VAL A 170 2.13 -8.38 -1.87
N ASN A 171 2.56 -7.13 -2.06
CA ASN A 171 1.94 -6.28 -3.06
C ASN A 171 2.13 -6.84 -4.46
N ARG A 172 3.22 -7.57 -4.69
CA ARG A 172 3.46 -8.14 -6.01
C ARG A 172 2.56 -9.35 -6.27
N VAL A 173 2.28 -10.15 -5.24
CA VAL A 173 1.25 -11.18 -5.40
C VAL A 173 -0.10 -10.53 -5.68
N GLY A 174 -0.37 -9.42 -5.00
CA GLY A 174 -1.59 -8.67 -5.29
C GLY A 174 -1.67 -8.20 -6.73
N ASP A 175 -0.56 -7.66 -7.24
CA ASP A 175 -0.46 -7.23 -8.64
C ASP A 175 -0.57 -8.36 -9.62
N PHE A 176 -0.08 -9.55 -9.26
CA PHE A 176 -0.35 -10.78 -9.99
C PHE A 176 -1.83 -11.07 -10.13
N GLY A 177 -2.57 -11.04 -9.02
CA GLY A 177 -4.00 -11.21 -9.09
C GLY A 177 -4.66 -10.15 -9.96
N LEU A 178 -4.24 -8.90 -9.77
CA LEU A 178 -4.79 -7.79 -10.54
C LEU A 178 -4.45 -7.92 -12.02
N ALA A 179 -3.22 -8.35 -12.32
CA ALA A 179 -2.82 -8.53 -13.72
C ALA A 179 -3.66 -9.60 -14.39
N LEU A 180 -3.90 -10.72 -13.68
CA LEU A 180 -4.75 -11.75 -14.24
C LEU A 180 -6.18 -11.24 -14.44
N GLY A 181 -6.69 -10.45 -13.50
CA GLY A 181 -8.02 -9.89 -13.66
C GLY A 181 -8.11 -8.99 -14.89
N ILE A 182 -7.10 -8.14 -15.09
CA ILE A 182 -7.09 -7.25 -16.24
C ILE A 182 -7.00 -8.04 -17.53
N LEU A 183 -6.19 -9.10 -17.54
CA LEU A 183 -6.12 -9.96 -18.72
C LEU A 183 -7.47 -10.61 -19.00
N GLY A 184 -8.20 -10.99 -17.95
CA GLY A 184 -9.52 -11.54 -18.14
C GLY A 184 -10.51 -10.52 -18.69
N CYS A 185 -10.38 -9.26 -18.26
CA CYS A 185 -11.29 -8.23 -18.75
C CYS A 185 -11.14 -8.04 -20.26
N PHE A 186 -9.90 -8.05 -20.76
CA PHE A 186 -9.69 -7.86 -22.19
C PHE A 186 -10.18 -9.06 -22.99
N THR A 187 -10.10 -10.26 -22.42
CA THR A 187 -10.46 -11.44 -23.20
C THR A 187 -11.95 -11.50 -23.52
N LEU A 188 -12.81 -10.92 -22.68
CA LEU A 188 -14.24 -10.85 -22.96
C LEU A 188 -14.61 -9.64 -23.81
N PHE A 189 -14.33 -8.43 -23.31
CA PHE A 189 -14.84 -7.21 -23.92
C PHE A 189 -13.89 -6.63 -24.97
N GLN A 190 -12.68 -7.18 -25.08
CA GLN A 190 -11.68 -6.66 -26.01
C GLN A 190 -11.45 -5.17 -25.79
N THR A 191 -11.43 -4.76 -24.53
CA THR A 191 -11.16 -3.39 -24.15
C THR A 191 -10.80 -3.35 -22.67
N VAL A 192 -10.04 -2.33 -22.30
CA VAL A 192 -9.71 -2.07 -20.90
C VAL A 192 -10.32 -0.78 -20.40
N ASP A 193 -11.08 -0.08 -21.23
CA ASP A 193 -11.76 1.13 -20.82
C ASP A 193 -12.86 0.80 -19.81
N PHE A 194 -13.04 1.72 -18.86
CA PHE A 194 -14.07 1.55 -17.85
C PHE A 194 -15.47 1.77 -18.41
N SER A 195 -15.63 2.74 -19.31
CA SER A 195 -16.95 3.02 -19.86
C SER A 195 -17.47 1.85 -20.67
N THR A 196 -16.66 1.32 -21.59
CA THR A 196 -17.10 0.22 -22.43
C THR A 196 -17.35 -1.04 -21.63
N ILE A 197 -16.45 -1.37 -20.69
CA ILE A 197 -16.61 -2.58 -19.90
C ILE A 197 -17.85 -2.48 -19.02
N PHE A 198 -18.06 -1.33 -18.37
CA PHE A 198 -19.24 -1.17 -17.53
C PHE A 198 -20.52 -1.09 -18.33
N ALA A 199 -20.46 -0.66 -19.59
CA ALA A 199 -21.65 -0.66 -20.43
C ALA A 199 -21.99 -2.06 -20.92
N CYS A 200 -20.98 -2.87 -21.23
CA CYS A 200 -21.18 -4.22 -21.76
C CYS A 200 -20.99 -5.29 -20.70
N ALA A 201 -21.06 -4.93 -19.43
CA ALA A 201 -20.78 -5.87 -18.34
C ALA A 201 -21.95 -6.78 -18.02
N SER A 202 -23.10 -6.61 -18.67
CA SER A 202 -24.28 -7.42 -18.39
C SER A 202 -24.51 -8.52 -19.42
N VAL A 203 -24.12 -8.29 -20.67
CA VAL A 203 -24.39 -9.27 -21.72
C VAL A 203 -23.65 -10.59 -21.52
N PRO A 204 -22.34 -10.62 -21.24
CA PRO A 204 -21.63 -11.91 -21.21
C PRO A 204 -22.17 -12.85 -20.14
N ARG A 205 -22.56 -14.05 -20.57
CA ARG A 205 -23.05 -15.12 -19.70
C ARG A 205 -22.42 -16.43 -20.16
N ASN A 206 -21.12 -16.40 -20.47
CA ASN A 206 -20.42 -17.54 -21.03
C ASN A 206 -19.42 -18.08 -20.01
N SER A 207 -18.82 -19.22 -20.35
CA SER A 207 -17.88 -19.90 -19.49
C SER A 207 -16.52 -20.03 -20.16
N TRP A 208 -15.48 -20.07 -19.34
CA TRP A 208 -14.10 -20.18 -19.81
C TRP A 208 -13.46 -21.47 -19.31
N ILE A 209 -12.40 -21.87 -20.00
CA ILE A 209 -11.51 -22.93 -19.51
C ILE A 209 -10.30 -22.22 -18.87
N PHE A 210 -10.31 -22.13 -17.55
CA PHE A 210 -9.23 -21.49 -16.81
C PHE A 210 -8.52 -22.50 -15.93
N CYS A 211 -7.23 -22.72 -16.18
CA CYS A 211 -6.39 -23.60 -15.38
C CYS A 211 -7.03 -24.96 -15.20
N ASN A 212 -7.37 -25.60 -16.32
CA ASN A 212 -7.96 -26.94 -16.38
C ASN A 212 -9.33 -26.99 -15.73
N MET A 213 -9.99 -25.85 -15.55
CA MET A 213 -11.30 -25.79 -14.93
C MET A 213 -12.24 -24.96 -15.79
N ARG A 214 -13.51 -25.36 -15.82
CA ARG A 214 -14.55 -24.60 -16.51
C ARG A 214 -15.26 -23.72 -15.48
N LEU A 215 -14.98 -22.42 -15.53
CA LEU A 215 -15.54 -21.46 -14.60
C LEU A 215 -16.44 -20.47 -15.33
N ASN A 216 -16.97 -19.51 -14.58
CA ASN A 216 -17.76 -18.44 -15.16
C ASN A 216 -16.87 -17.24 -15.45
N ALA A 217 -17.03 -16.66 -16.63
CA ALA A 217 -16.14 -15.60 -17.11
C ALA A 217 -16.14 -14.40 -16.16
N ILE A 218 -17.32 -13.88 -15.82
CA ILE A 218 -17.39 -12.70 -14.99
C ILE A 218 -16.95 -13.00 -13.57
N SER A 219 -17.36 -14.15 -13.03
CA SER A 219 -17.01 -14.52 -11.67
C SER A 219 -15.51 -14.68 -11.50
N LEU A 220 -14.87 -15.33 -12.47
CA LEU A 220 -13.42 -15.52 -12.41
C LEU A 220 -12.69 -14.18 -12.43
N ILE A 221 -13.12 -13.28 -13.31
CA ILE A 221 -12.49 -11.96 -13.39
C ILE A 221 -12.68 -11.21 -12.08
N CYS A 222 -13.88 -11.26 -11.51
CA CYS A 222 -14.14 -10.55 -10.26
C CYS A 222 -13.28 -11.11 -9.12
N ILE A 223 -13.14 -12.43 -9.04
CA ILE A 223 -12.31 -13.02 -8.00
C ILE A 223 -10.84 -12.64 -8.20
N LEU A 224 -10.37 -12.67 -9.44
CA LEU A 224 -8.98 -12.29 -9.71
C LEU A 224 -8.73 -10.84 -9.36
N LEU A 225 -9.68 -9.96 -9.66
CA LEU A 225 -9.55 -8.55 -9.29
C LEU A 225 -9.57 -8.39 -7.77
N PHE A 226 -10.42 -9.15 -7.09
CA PHE A 226 -10.48 -9.07 -5.63
C PHE A 226 -9.18 -9.55 -4.99
N ILE A 227 -8.47 -10.45 -5.67
CA ILE A 227 -7.16 -10.88 -5.16
C ILE A 227 -6.23 -9.68 -5.03
N GLY A 228 -6.25 -8.78 -6.01
CA GLY A 228 -5.44 -7.58 -5.93
C GLY A 228 -5.80 -6.71 -4.74
N ALA A 229 -7.10 -6.56 -4.49
CA ALA A 229 -7.55 -5.80 -3.32
C ALA A 229 -7.09 -6.46 -2.03
N VAL A 230 -7.13 -7.79 -1.97
CA VAL A 230 -6.63 -8.51 -0.81
C VAL A 230 -5.15 -8.21 -0.61
N GLY A 231 -4.37 -8.18 -1.69
CA GLY A 231 -2.97 -7.87 -1.60
C GLY A 231 -2.68 -6.48 -1.08
N LYS A 232 -3.42 -5.49 -1.56
CA LYS A 232 -3.14 -4.10 -1.21
C LYS A 232 -3.82 -3.65 0.07
N SER A 233 -5.00 -4.18 0.39
CA SER A 233 -5.77 -3.71 1.53
C SER A 233 -5.51 -4.53 2.80
N ALA A 234 -4.57 -5.47 2.75
CA ALA A 234 -4.19 -6.28 3.92
C ALA A 234 -5.39 -7.03 4.49
N GLN A 235 -5.91 -7.93 3.66
CA GLN A 235 -7.06 -8.75 4.02
C GLN A 235 -6.59 -10.08 4.61
N ILE A 236 -7.52 -11.03 4.73
CA ILE A 236 -7.24 -12.25 5.50
C ILE A 236 -6.05 -13.01 4.93
N GLY A 237 -5.97 -13.14 3.60
CA GLY A 237 -4.89 -13.92 3.02
C GLY A 237 -3.55 -13.23 3.12
N LEU A 238 -3.50 -11.94 2.80
CA LEU A 238 -2.26 -11.20 2.62
C LEU A 238 -2.32 -9.89 3.42
N HIS A 239 -1.95 -9.96 4.69
CA HIS A 239 -2.01 -8.79 5.58
C HIS A 239 -0.77 -8.57 6.41
N THR A 240 0.14 -9.55 6.48
CA THR A 240 1.25 -9.48 7.43
C THR A 240 2.18 -8.31 7.14
N TRP A 241 2.18 -7.81 5.90
CA TRP A 241 3.11 -6.75 5.53
C TRP A 241 2.80 -5.44 6.26
N LEU A 242 1.52 -5.14 6.45
CA LEU A 242 1.09 -3.85 6.99
C LEU A 242 1.59 -3.61 8.42
N PRO A 243 1.41 -4.54 9.36
CA PRO A 243 1.96 -4.28 10.71
C PRO A 243 3.47 -4.12 10.73
N ASP A 244 4.19 -4.85 9.88
CA ASP A 244 5.64 -4.73 9.85
C ASP A 244 6.08 -3.45 9.15
N ALA A 245 5.22 -2.87 8.32
CA ALA A 245 5.54 -1.66 7.58
C ALA A 245 5.54 -0.40 8.42
N MET A 246 5.48 -0.53 9.75
CA MET A 246 5.50 0.62 10.64
C MET A 246 6.92 1.08 10.97
N GLU A 247 7.94 0.42 10.42
CA GLU A 247 9.32 0.81 10.64
C GLU A 247 9.68 2.11 9.95
N GLY A 248 8.83 2.62 9.07
CA GLY A 248 9.09 3.87 8.41
C GLY A 248 8.75 5.06 9.28
N PRO A 249 8.97 6.27 8.76
CA PRO A 249 8.62 7.47 9.53
C PRO A 249 7.14 7.53 9.83
N THR A 250 6.80 8.23 10.91
CA THR A 250 5.39 8.37 11.29
C THR A 250 4.53 9.02 10.22
N PRO A 251 4.93 10.12 9.57
CA PRO A 251 4.11 10.64 8.46
C PRO A 251 3.90 9.63 7.35
N VAL A 252 4.86 8.73 7.14
CA VAL A 252 4.67 7.65 6.17
C VAL A 252 3.53 6.74 6.60
N SER A 253 3.53 6.31 7.86
CA SER A 253 2.46 5.44 8.33
C SER A 253 1.11 6.15 8.31
N ALA A 254 1.11 7.47 8.58
CA ALA A 254 -0.13 8.22 8.61
C ALA A 254 -0.74 8.40 7.24
N LEU A 255 0.10 8.42 6.19
CA LEU A 255 -0.37 8.72 4.84
C LEU A 255 -0.53 7.45 4.00
N ILE A 256 0.52 6.65 3.83
CA ILE A 256 0.47 5.64 2.78
C ILE A 256 -0.14 4.37 3.36
N HIS A 257 -0.36 4.35 4.66
CA HIS A 257 -0.89 3.15 5.29
C HIS A 257 -2.20 3.43 6.01
N ALA A 258 -2.26 4.51 6.79
CA ALA A 258 -3.49 4.87 7.46
C ALA A 258 -4.57 5.28 6.48
N ALA A 259 -4.36 6.39 5.77
CA ALA A 259 -5.39 6.97 4.93
C ALA A 259 -5.46 6.32 3.55
N THR A 260 -4.37 6.39 2.79
CA THR A 260 -4.40 5.98 1.39
C THR A 260 -3.61 4.68 1.20
N MET A 261 -3.72 4.11 -0.01
CA MET A 261 -2.92 2.98 -0.48
C MET A 261 -3.30 1.67 0.22
N VAL A 262 -4.12 1.76 1.27
CA VAL A 262 -4.80 0.59 1.77
C VAL A 262 -6.26 0.63 1.37
N THR A 263 -6.77 1.84 1.15
CA THR A 263 -8.09 2.06 0.58
C THR A 263 -8.09 1.94 -0.94
N ALA A 264 -6.93 1.63 -1.52
CA ALA A 264 -6.87 1.39 -2.96
C ALA A 264 -7.70 0.17 -3.37
N GLY A 265 -7.65 -0.91 -2.58
CA GLY A 265 -8.47 -2.06 -2.89
C GLY A 265 -9.95 -1.77 -2.77
N VAL A 266 -10.34 -1.03 -1.72
CA VAL A 266 -11.74 -0.66 -1.55
C VAL A 266 -12.20 0.23 -2.70
N PHE A 267 -11.36 1.18 -3.10
CA PHE A 267 -11.70 2.04 -4.23
C PHE A 267 -11.82 1.25 -5.53
N MET A 268 -10.93 0.27 -5.73
CA MET A 268 -10.99 -0.55 -6.93
C MET A 268 -12.27 -1.38 -6.96
N ILE A 269 -12.66 -1.93 -5.81
CA ILE A 269 -13.92 -2.68 -5.76
C ILE A 269 -15.11 -1.75 -6.02
N ALA A 270 -15.09 -0.56 -5.41
CA ALA A 270 -16.21 0.37 -5.58
C ALA A 270 -16.34 0.85 -7.00
N ARG A 271 -15.21 1.13 -7.67
CA ARG A 271 -15.27 1.61 -9.05
C ARG A 271 -15.70 0.51 -10.01
N CYS A 272 -15.21 -0.70 -9.81
CA CYS A 272 -15.58 -1.84 -10.64
C CYS A 272 -16.89 -2.47 -10.20
N SER A 273 -17.70 -1.76 -9.43
CA SER A 273 -19.00 -2.23 -8.99
C SER A 273 -19.95 -2.54 -10.15
N PRO A 274 -19.96 -1.77 -11.27
CA PRO A 274 -20.81 -2.16 -12.39
C PRO A 274 -20.37 -3.47 -13.05
N LEU A 275 -19.30 -4.07 -12.52
CA LEU A 275 -18.84 -5.37 -13.00
C LEU A 275 -19.00 -6.41 -11.89
N PHE A 276 -18.65 -6.04 -10.66
CA PHE A 276 -18.81 -6.94 -9.53
C PHE A 276 -20.27 -7.25 -9.23
N GLU A 277 -21.19 -6.40 -9.68
CA GLU A 277 -22.61 -6.62 -9.40
C GLU A 277 -23.18 -7.81 -10.17
N TYR A 278 -22.52 -8.23 -11.24
CA TYR A 278 -23.03 -9.30 -12.09
C TYR A 278 -22.38 -10.64 -11.80
N SER A 279 -21.59 -10.74 -10.73
CA SER A 279 -20.98 -11.99 -10.27
C SER A 279 -21.34 -12.17 -8.81
N PRO A 280 -22.51 -12.71 -8.51
CA PRO A 280 -22.90 -12.89 -7.10
C PRO A 280 -21.96 -13.79 -6.32
N THR A 281 -21.26 -14.70 -7.00
CA THR A 281 -20.33 -15.59 -6.31
C THR A 281 -19.17 -14.82 -5.71
N ALA A 282 -18.68 -13.79 -6.41
CA ALA A 282 -17.55 -13.03 -5.90
C ALA A 282 -17.92 -12.22 -4.67
N LEU A 283 -19.17 -11.74 -4.61
CA LEU A 283 -19.60 -10.94 -3.46
C LEU A 283 -19.55 -11.75 -2.18
N ILE A 284 -19.87 -13.05 -2.26
CA ILE A 284 -19.78 -13.91 -1.07
C ILE A 284 -18.34 -13.99 -0.59
N VAL A 285 -17.40 -14.14 -1.52
CA VAL A 285 -15.99 -14.22 -1.16
C VAL A 285 -15.54 -12.91 -0.51
N ILE A 286 -15.97 -11.78 -1.07
CA ILE A 286 -15.61 -10.48 -0.51
C ILE A 286 -16.15 -10.34 0.90
N THR A 287 -17.42 -10.71 1.11
CA THR A 287 -18.01 -10.61 2.44
C THR A 287 -17.27 -11.48 3.45
N PHE A 288 -16.95 -12.73 3.06
CA PHE A 288 -16.25 -13.62 3.97
C PHE A 288 -14.86 -13.09 4.31
N ALA A 289 -14.14 -12.59 3.31
CA ALA A 289 -12.80 -12.08 3.54
C ALA A 289 -12.83 -10.87 4.48
N GLY A 290 -13.76 -9.95 4.24
CA GLY A 290 -13.88 -8.79 5.11
C GLY A 290 -14.23 -9.16 6.53
N ALA A 291 -15.17 -10.11 6.69
CA ALA A 291 -15.54 -10.55 8.03
C ALA A 291 -14.36 -11.18 8.75
N MET A 292 -13.61 -12.03 8.06
CA MET A 292 -12.46 -12.67 8.69
C MET A 292 -11.40 -11.65 9.09
N THR A 293 -11.14 -10.68 8.21
CA THR A 293 -10.10 -9.69 8.48
C THR A 293 -10.49 -8.81 9.67
N SER A 294 -11.73 -8.34 9.72
CA SER A 294 -12.17 -7.45 10.78
C SER A 294 -12.08 -8.11 12.16
N PHE A 295 -12.19 -9.42 12.23
CA PHE A 295 -12.05 -10.13 13.50
C PHE A 295 -10.59 -10.48 13.81
N LEU A 296 -9.83 -10.90 12.81
CA LEU A 296 -8.43 -11.27 13.06
C LEU A 296 -7.62 -10.06 13.53
N ALA A 297 -7.78 -8.91 12.86
CA ALA A 297 -7.03 -7.74 13.26
C ALA A 297 -7.44 -7.28 14.66
N ALA A 298 -8.74 -7.31 14.96
CA ALA A 298 -9.22 -6.89 16.27
C ALA A 298 -8.68 -7.79 17.37
N THR A 299 -8.68 -9.10 17.13
CA THR A 299 -8.13 -10.03 18.12
C THR A 299 -6.62 -9.91 18.27
N THR A 300 -5.90 -9.56 17.20
CA THR A 300 -4.45 -9.40 17.26
C THR A 300 -4.04 -8.10 17.96
N GLY A 301 -4.80 -7.02 17.79
CA GLY A 301 -4.40 -5.72 18.27
C GLY A 301 -4.71 -5.42 19.73
N ILE A 302 -5.22 -6.38 20.49
CA ILE A 302 -5.60 -6.13 21.88
C ILE A 302 -4.47 -6.40 22.86
N LEU A 303 -3.35 -6.98 22.40
CA LEU A 303 -2.25 -7.30 23.30
C LEU A 303 -0.93 -6.71 22.85
N GLN A 304 -0.92 -5.86 21.83
CA GLN A 304 0.29 -5.19 21.43
C GLN A 304 0.65 -4.07 22.41
N ASN A 305 1.95 -3.86 22.60
CA ASN A 305 2.45 -2.82 23.48
C ASN A 305 3.14 -1.70 22.72
N ASP A 306 3.30 -1.83 21.41
CA ASP A 306 3.90 -0.80 20.58
C ASP A 306 2.80 0.18 20.17
N LEU A 307 3.07 1.47 20.37
CA LEU A 307 2.04 2.48 20.11
C LEU A 307 1.63 2.50 18.65
N LYS A 308 2.58 2.42 17.74
CA LYS A 308 2.26 2.48 16.31
C LYS A 308 1.59 1.19 15.84
N ARG A 309 1.98 0.05 16.41
CA ARG A 309 1.47 -1.22 15.91
C ARG A 309 0.01 -1.44 16.29
N VAL A 310 -0.45 -0.83 17.38
CA VAL A 310 -1.86 -0.93 17.74
C VAL A 310 -2.72 -0.19 16.71
N ILE A 311 -2.22 0.93 16.20
CA ILE A 311 -2.98 1.78 15.30
C ILE A 311 -2.89 1.26 13.88
N ALA A 312 -2.24 0.11 13.70
CA ALA A 312 -2.22 -0.58 12.42
C ALA A 312 -3.25 -1.68 12.31
N TYR A 313 -3.45 -2.47 13.36
CA TYR A 313 -4.55 -3.42 13.38
C TYR A 313 -5.90 -2.73 13.38
N SER A 314 -5.97 -1.51 13.91
CA SER A 314 -7.18 -0.71 13.77
C SER A 314 -7.48 -0.42 12.30
N THR A 315 -6.46 -0.02 11.54
CA THR A 315 -6.64 0.21 10.12
C THR A 315 -7.05 -1.07 9.41
N CYS A 316 -6.44 -2.19 9.78
CA CYS A 316 -6.79 -3.47 9.17
C CYS A 316 -8.25 -3.82 9.43
N SER A 317 -8.72 -3.62 10.67
CA SER A 317 -10.12 -3.90 11.00
C SER A 317 -11.07 -2.98 10.23
N GLN A 318 -10.74 -1.69 10.14
CA GLN A 318 -11.59 -0.77 9.40
C GLN A 318 -11.64 -1.15 7.92
N LEU A 319 -10.51 -1.60 7.36
CA LEU A 319 -10.50 -2.07 5.99
C LEU A 319 -11.37 -3.31 5.82
N GLY A 320 -11.34 -4.23 6.79
CA GLY A 320 -12.24 -5.37 6.72
C GLY A 320 -13.70 -4.95 6.74
N TYR A 321 -14.04 -3.97 7.58
CA TYR A 321 -15.39 -3.42 7.61
C TYR A 321 -15.78 -2.86 6.24
N MET A 322 -14.93 -2.02 5.67
CA MET A 322 -15.21 -1.45 4.36
C MET A 322 -15.35 -2.52 3.28
N ILE A 323 -14.53 -3.56 3.33
CA ILE A 323 -14.56 -4.62 2.32
C ILE A 323 -15.84 -5.42 2.40
N PHE A 324 -16.25 -5.87 3.58
CA PHE A 324 -17.49 -6.65 3.59
C PHE A 324 -18.70 -5.74 3.47
N ALA A 325 -18.53 -4.43 3.64
CA ALA A 325 -19.60 -3.50 3.27
C ALA A 325 -19.82 -3.51 1.76
N CYS A 326 -18.74 -3.59 0.98
CA CYS A 326 -18.88 -3.81 -0.45
C CYS A 326 -19.45 -5.20 -0.73
N GLY A 327 -19.13 -6.17 0.13
CA GLY A 327 -19.66 -7.51 -0.06
C GLY A 327 -21.17 -7.58 0.01
N ILE A 328 -21.79 -6.69 0.77
CA ILE A 328 -23.25 -6.65 0.90
C ILE A 328 -23.82 -5.84 -0.26
N SER A 329 -22.96 -5.49 -1.22
CA SER A 329 -23.35 -4.74 -2.41
C SER A 329 -23.90 -3.36 -2.05
N ASN A 330 -23.23 -2.69 -1.11
CA ASN A 330 -23.55 -1.31 -0.74
C ASN A 330 -22.23 -0.54 -0.78
N TYR A 331 -21.88 -0.03 -1.96
CA TYR A 331 -20.60 0.64 -2.15
C TYR A 331 -20.63 2.08 -1.66
N SER A 332 -21.80 2.70 -1.59
CA SER A 332 -21.89 4.06 -1.07
C SER A 332 -21.45 4.10 0.39
N VAL A 333 -21.91 3.13 1.19
CA VAL A 333 -21.53 3.07 2.59
C VAL A 333 -20.05 2.76 2.74
N SER A 334 -19.50 1.94 1.85
CA SER A 334 -18.08 1.61 1.91
C SER A 334 -17.21 2.84 1.68
N VAL A 335 -17.53 3.62 0.64
CA VAL A 335 -16.78 4.84 0.39
C VAL A 335 -17.01 5.87 1.48
N PHE A 336 -18.22 5.94 2.04
CA PHE A 336 -18.46 6.83 3.16
C PHE A 336 -17.59 6.48 4.36
N HIS A 337 -17.50 5.20 4.69
CA HIS A 337 -16.65 4.80 5.81
C HIS A 337 -15.18 4.98 5.50
N LEU A 338 -14.80 4.79 4.23
CA LEU A 338 -13.43 5.04 3.81
C LEU A 338 -13.04 6.49 4.06
N MET A 339 -13.86 7.42 3.58
CA MET A 339 -13.62 8.83 3.78
C MET A 339 -13.69 9.24 5.25
N ASN A 340 -14.58 8.61 6.03
CA ASN A 340 -14.62 8.86 7.46
C ASN A 340 -13.35 8.40 8.16
N HIS A 341 -12.89 7.19 7.86
CA HIS A 341 -11.72 6.62 8.51
C HIS A 341 -10.45 7.34 8.13
N ALA A 342 -10.37 7.85 6.90
CA ALA A 342 -9.21 8.64 6.49
C ALA A 342 -9.10 9.97 7.25
N PHE A 343 -10.02 10.24 8.17
CA PHE A 343 -9.97 11.43 9.00
C PHE A 343 -9.62 11.14 10.45
N PHE A 344 -10.14 10.07 11.04
CA PHE A 344 -9.82 9.73 12.42
C PHE A 344 -8.76 8.65 12.54
N LYS A 345 -8.15 8.22 11.44
CA LYS A 345 -6.95 7.39 11.53
C LYS A 345 -5.68 8.17 11.24
N ALA A 346 -5.73 9.09 10.28
CA ALA A 346 -4.61 10.01 10.10
C ALA A 346 -4.41 10.86 11.33
N LEU A 347 -5.51 11.31 11.96
CA LEU A 347 -5.40 12.05 13.21
C LEU A 347 -4.74 11.22 14.30
N LEU A 348 -5.14 9.94 14.41
CA LEU A 348 -4.56 9.08 15.43
C LEU A 348 -3.07 8.89 15.20
N PHE A 349 -2.67 8.62 13.95
CA PHE A 349 -1.26 8.44 13.66
C PHE A 349 -0.45 9.71 13.90
N LEU A 350 -0.99 10.86 13.50
CA LEU A 350 -0.27 12.11 13.71
C LEU A 350 -0.11 12.42 15.19
N SER A 351 -1.16 12.22 15.98
CA SER A 351 -1.05 12.46 17.41
C SER A 351 -0.09 11.47 18.08
N ALA A 352 -0.12 10.21 17.65
CA ALA A 352 0.81 9.22 18.18
C ALA A 352 2.24 9.60 17.85
N GLY A 353 2.48 10.09 16.64
CA GLY A 353 3.79 10.55 16.25
C GLY A 353 4.23 11.76 17.04
N SER A 354 3.29 12.65 17.35
CA SER A 354 3.61 13.79 18.20
C SER A 354 4.01 13.35 19.59
N VAL A 355 3.35 12.33 20.14
CA VAL A 355 3.72 11.79 21.44
C VAL A 355 5.10 11.14 21.38
N ILE A 356 5.32 10.32 20.36
CA ILE A 356 6.58 9.58 20.24
C ILE A 356 7.75 10.54 20.06
N HIS A 357 7.58 11.54 19.20
CA HIS A 357 8.65 12.50 18.92
C HIS A 357 9.05 13.26 20.17
N ALA A 358 8.09 13.62 21.01
CA ALA A 358 8.38 14.37 22.23
C ALA A 358 9.00 13.48 23.30
N MET A 359 8.69 12.18 23.29
CA MET A 359 9.21 11.25 24.29
C MET A 359 10.52 10.59 23.86
N SER A 360 11.31 11.28 23.04
CA SER A 360 12.60 10.78 22.57
C SER A 360 12.46 9.45 21.84
N ASP A 361 11.47 9.38 20.94
CA ASP A 361 11.20 8.22 20.10
C ASP A 361 10.89 6.96 20.91
N GLU A 362 10.23 7.10 22.05
CA GLU A 362 9.77 5.95 22.81
C GLU A 362 8.43 5.47 22.27
N GLN A 363 8.36 4.18 21.92
CA GLN A 363 7.20 3.62 21.25
C GLN A 363 6.44 2.62 22.10
N ASP A 364 6.94 2.24 23.27
CA ASP A 364 6.32 1.20 24.07
C ASP A 364 5.37 1.83 25.07
N MET A 365 4.10 1.39 25.06
CA MET A 365 3.13 1.91 26.00
C MET A 365 3.43 1.51 27.43
N ARG A 366 4.19 0.43 27.63
CA ARG A 366 4.59 0.04 28.97
C ARG A 366 5.52 1.07 29.60
N LYS A 367 6.11 1.97 28.81
CA LYS A 367 7.08 2.93 29.31
C LYS A 367 6.64 4.38 29.09
N MET A 368 5.34 4.63 28.95
CA MET A 368 4.79 5.96 29.07
C MET A 368 3.53 5.93 29.91
N GLY A 369 3.28 7.02 30.62
CA GLY A 369 2.11 7.13 31.46
C GLY A 369 2.02 8.50 32.12
N GLY A 370 0.80 8.96 32.38
CA GLY A 370 0.64 10.28 32.97
C GLY A 370 1.06 11.42 32.08
N LEU A 371 0.76 11.33 30.78
CA LEU A 371 1.10 12.37 29.82
C LEU A 371 -0.05 13.33 29.55
N ALA A 372 -1.21 13.13 30.20
CA ALA A 372 -2.37 13.95 29.90
C ALA A 372 -2.14 15.41 30.30
N SER A 373 -1.64 15.62 31.52
CA SER A 373 -1.36 16.99 31.96
C SER A 373 -0.22 17.60 31.17
N SER A 374 0.81 16.82 30.86
CA SER A 374 1.96 17.34 30.13
C SER A 374 1.60 17.65 28.68
N PHE A 375 0.80 16.79 28.06
CA PHE A 375 0.46 16.93 26.65
C PHE A 375 -1.04 17.20 26.51
N PRO A 376 -1.50 18.42 26.78
CA PRO A 376 -2.96 18.67 26.72
C PRO A 376 -3.51 18.56 25.31
N LEU A 377 -2.89 19.24 24.35
CA LEU A 377 -3.38 19.23 22.99
C LEU A 377 -3.44 17.82 22.43
N THR A 378 -2.32 17.09 22.50
CA THR A 378 -2.28 15.77 21.89
C THR A 378 -3.21 14.80 22.61
N TYR A 379 -3.37 14.96 23.93
CA TYR A 379 -4.34 14.14 24.63
C TYR A 379 -5.75 14.37 24.11
N ALA A 380 -6.12 15.64 23.94
CA ALA A 380 -7.45 15.94 23.40
C ALA A 380 -7.60 15.37 21.99
N MET A 381 -6.54 15.47 21.20
CA MET A 381 -6.59 15.04 19.81
C MET A 381 -6.69 13.53 19.69
N MET A 382 -6.07 12.80 20.60
CA MET A 382 -6.23 11.35 20.66
C MET A 382 -7.57 10.94 21.23
N LEU A 383 -8.11 11.70 22.19
CA LEU A 383 -9.47 11.46 22.66
C LEU A 383 -10.47 11.55 21.52
N ILE A 384 -10.38 12.61 20.72
CA ILE A 384 -11.31 12.79 19.61
C ILE A 384 -11.18 11.63 18.62
N GLY A 385 -9.95 11.28 18.26
CA GLY A 385 -9.74 10.21 17.30
C GLY A 385 -10.22 8.86 17.80
N SER A 386 -9.93 8.55 19.07
CA SER A 386 -10.36 7.27 19.63
C SER A 386 -11.87 7.18 19.74
N LEU A 387 -12.52 8.27 20.15
CA LEU A 387 -13.98 8.25 20.25
C LEU A 387 -14.62 8.13 18.88
N SER A 388 -14.03 8.76 17.86
CA SER A 388 -14.52 8.55 16.51
C SER A 388 -14.31 7.12 16.06
N LEU A 389 -13.15 6.53 16.40
CA LEU A 389 -12.84 5.17 15.97
C LEU A 389 -13.82 4.16 16.57
N ILE A 390 -14.05 4.24 17.88
CA ILE A 390 -14.93 3.27 18.53
C ILE A 390 -16.37 3.43 18.07
N GLY A 391 -16.72 4.59 17.51
CA GLY A 391 -18.08 4.82 17.06
C GLY A 391 -18.94 5.47 18.13
N PHE A 392 -18.41 6.50 18.79
CA PHE A 392 -19.18 7.19 19.81
C PHE A 392 -20.39 7.87 19.17
N PRO A 393 -21.55 7.89 19.83
CA PRO A 393 -22.77 8.40 19.20
C PRO A 393 -22.64 9.83 18.70
N PHE A 394 -23.23 10.08 17.54
CA PHE A 394 -23.28 11.42 16.93
C PHE A 394 -21.86 11.96 16.70
N LEU A 395 -21.06 11.15 16.01
CA LEU A 395 -19.69 11.51 15.68
C LEU A 395 -19.37 10.89 14.33
N THR A 396 -18.14 11.09 13.84
CA THR A 396 -17.82 10.63 12.49
C THR A 396 -17.79 9.12 12.32
N GLY A 397 -17.37 8.36 13.32
CA GLY A 397 -17.36 6.91 13.18
C GLY A 397 -18.70 6.27 13.53
N PHE A 398 -19.67 7.11 13.90
CA PHE A 398 -21.00 6.61 14.23
C PHE A 398 -21.93 6.60 13.03
N TYR A 399 -21.72 7.47 12.05
CA TYR A 399 -22.59 7.59 10.89
C TYR A 399 -22.27 6.58 9.81
N SER A 400 -21.15 5.87 9.92
CA SER A 400 -20.76 4.91 8.88
C SER A 400 -20.70 3.49 9.43
N LYS A 401 -20.01 3.30 10.56
CA LYS A 401 -19.87 1.96 11.11
C LYS A 401 -21.21 1.39 11.58
N ASP A 402 -22.05 2.23 12.17
CA ASP A 402 -23.38 1.76 12.59
C ASP A 402 -24.21 1.33 11.38
N VAL A 403 -24.11 2.10 10.29
CA VAL A 403 -24.82 1.73 9.06
C VAL A 403 -24.29 0.40 8.53
N ILE A 404 -22.98 0.22 8.57
CA ILE A 404 -22.34 -1.01 8.10
C ILE A 404 -22.87 -2.18 8.90
N LEU A 405 -22.94 -2.02 10.23
CA LEU A 405 -23.41 -3.08 11.11
C LEU A 405 -24.89 -3.39 10.96
N GLU A 406 -25.74 -2.38 10.75
CA GLU A 406 -27.16 -2.65 10.55
C GLU A 406 -27.43 -3.24 9.18
N LEU A 407 -26.62 -2.90 8.17
CA LEU A 407 -26.80 -3.48 6.85
C LEU A 407 -26.52 -4.98 6.82
N ALA A 408 -25.53 -5.44 7.59
CA ALA A 408 -25.22 -6.87 7.61
C ALA A 408 -26.35 -7.68 8.23
N TYR A 409 -27.07 -7.08 9.18
CA TYR A 409 -28.20 -7.78 9.80
C TYR A 409 -29.32 -8.00 8.79
N THR A 410 -29.62 -7.00 7.97
CA THR A 410 -30.73 -7.10 7.03
C THR A 410 -30.38 -7.88 5.77
N LYS A 411 -29.11 -8.26 5.59
CA LYS A 411 -28.71 -9.11 4.46
C LYS A 411 -28.99 -10.55 4.87
N TYR A 412 -30.22 -10.99 4.67
CA TYR A 412 -30.68 -12.28 5.18
C TYR A 412 -30.15 -13.38 4.27
N THR A 413 -28.88 -13.75 4.50
CA THR A 413 -28.23 -14.82 3.79
C THR A 413 -27.14 -15.39 4.69
N ILE A 414 -26.58 -16.53 4.27
CA ILE A 414 -25.57 -17.21 5.08
C ILE A 414 -24.33 -16.33 5.24
N SER A 415 -23.91 -15.69 4.15
CA SER A 415 -22.70 -14.87 4.20
C SER A 415 -22.91 -13.63 5.07
N GLY A 416 -24.10 -13.04 5.02
CA GLY A 416 -24.36 -11.84 5.80
C GLY A 416 -24.34 -12.08 7.30
N ASN A 417 -24.84 -13.24 7.73
CA ASN A 417 -24.88 -13.56 9.15
C ASN A 417 -23.47 -13.66 9.73
N PHE A 418 -22.58 -14.34 9.01
CA PHE A 418 -21.19 -14.48 9.41
C PHE A 418 -20.54 -13.11 9.59
N ALA A 419 -20.74 -12.23 8.59
CA ALA A 419 -20.17 -10.89 8.66
C ALA A 419 -20.75 -10.11 9.82
N PHE A 420 -22.05 -10.23 10.05
CA PHE A 420 -22.68 -9.52 11.17
C PHE A 420 -22.07 -9.95 12.50
N TRP A 421 -21.94 -11.25 12.71
CA TRP A 421 -21.38 -11.75 13.96
C TRP A 421 -19.95 -11.27 14.16
N LEU A 422 -19.10 -11.46 13.15
CA LEU A 422 -17.69 -11.10 13.31
C LEU A 422 -17.53 -9.59 13.48
N GLY A 423 -18.24 -8.80 12.69
CA GLY A 423 -18.16 -7.35 12.82
C GLY A 423 -18.82 -6.80 14.05
N SER A 424 -19.67 -7.56 14.73
CA SER A 424 -20.19 -7.17 16.02
C SER A 424 -19.22 -7.46 17.16
N VAL A 425 -18.54 -8.61 17.11
CA VAL A 425 -17.52 -8.89 18.14
C VAL A 425 -16.32 -7.97 17.96
N SER A 426 -15.99 -7.64 16.71
CA SER A 426 -14.86 -6.75 16.45
C SER A 426 -15.09 -5.36 17.04
N VAL A 427 -16.34 -4.93 17.19
CA VAL A 427 -16.60 -3.66 17.85
C VAL A 427 -16.15 -3.70 19.30
N LEU A 428 -16.48 -4.77 20.01
CA LEU A 428 -16.04 -4.91 21.39
C LEU A 428 -14.51 -4.93 21.49
N PHE A 429 -13.87 -5.71 20.61
CA PHE A 429 -12.41 -5.77 20.66
C PHE A 429 -11.76 -4.43 20.31
N THR A 430 -12.33 -3.72 19.32
CA THR A 430 -11.82 -2.41 18.95
C THR A 430 -11.94 -1.42 20.09
N SER A 431 -13.09 -1.40 20.76
CA SER A 431 -13.23 -0.54 21.92
C SER A 431 -12.22 -0.89 22.99
N TYR A 432 -12.01 -2.19 23.25
CA TYR A 432 -11.06 -2.58 24.29
C TYR A 432 -9.66 -2.07 23.98
N TYR A 433 -9.15 -2.37 22.79
CA TYR A 433 -7.75 -2.00 22.53
C TYR A 433 -7.58 -0.50 22.34
N SER A 434 -8.59 0.19 21.81
CA SER A 434 -8.52 1.64 21.70
C SER A 434 -8.45 2.28 23.08
N PHE A 435 -9.30 1.84 24.00
CA PHE A 435 -9.27 2.43 25.34
C PHE A 435 -8.06 1.99 26.12
N ARG A 436 -7.52 0.80 25.84
CA ARG A 436 -6.25 0.41 26.44
C ARG A 436 -5.12 1.34 26.00
N LEU A 437 -5.07 1.64 24.70
CA LEU A 437 -4.07 2.58 24.21
C LEU A 437 -4.23 3.94 24.84
N LEU A 438 -5.48 4.40 24.96
CA LEU A 438 -5.73 5.70 25.59
C LEU A 438 -5.30 5.70 27.06
N PHE A 439 -5.62 4.63 27.79
CA PHE A 439 -5.37 4.60 29.22
C PHE A 439 -3.88 4.48 29.52
N LEU A 440 -3.20 3.53 28.87
CA LEU A 440 -1.80 3.27 29.18
C LEU A 440 -0.91 4.45 28.81
N THR A 441 -1.19 5.10 27.69
CA THR A 441 -0.34 6.18 27.21
C THR A 441 -0.53 7.47 28.00
N PHE A 442 -1.72 7.71 28.57
CA PHE A 442 -2.03 9.06 29.01
C PHE A 442 -2.53 9.18 30.45
N LEU A 443 -3.14 8.12 31.00
CA LEU A 443 -3.85 8.24 32.26
C LEU A 443 -3.36 7.33 33.37
N VAL A 444 -2.54 6.33 33.09
CA VAL A 444 -2.00 5.47 34.14
C VAL A 444 -0.97 6.26 34.94
N PRO A 445 -0.65 5.84 36.16
CA PRO A 445 0.49 6.45 36.86
C PRO A 445 1.76 6.27 36.04
N THR A 446 2.64 7.27 36.10
CA THR A 446 3.80 7.32 35.21
C THR A 446 4.67 6.09 35.36
N ASN A 447 5.00 5.46 34.24
CA ASN A 447 5.92 4.33 34.20
C ASN A 447 7.14 4.63 33.32
N SER A 448 7.29 5.87 32.87
CA SER A 448 8.37 6.24 31.99
C SER A 448 9.64 6.49 32.81
N PHE A 449 10.69 7.02 32.17
CA PHE A 449 11.93 7.35 32.83
C PHE A 449 11.98 8.84 33.12
N GLY A 450 12.90 9.21 34.02
CA GLY A 450 13.06 10.62 34.36
C GLY A 450 13.56 11.44 33.19
N ARG A 451 14.42 10.86 32.35
CA ARG A 451 15.04 11.61 31.27
C ARG A 451 14.02 11.94 30.19
N ASP A 452 13.12 11.01 29.88
CA ASP A 452 12.11 11.26 28.85
C ASP A 452 11.17 12.38 29.26
N ILE A 453 10.75 12.38 30.54
CA ILE A 453 9.83 13.41 31.02
C ILE A 453 10.51 14.77 31.05
N SER A 454 11.80 14.79 31.43
CA SER A 454 12.51 16.07 31.53
C SER A 454 12.59 16.76 30.18
N ARG A 455 12.84 16.00 29.12
CA ARG A 455 12.87 16.55 27.75
C ARG A 455 11.51 16.30 27.12
N CYS A 456 10.57 17.22 27.37
CA CYS A 456 9.23 17.13 26.81
C CYS A 456 8.88 18.44 26.14
N HIS A 457 8.39 18.36 24.90
CA HIS A 457 7.95 19.53 24.15
C HIS A 457 6.73 19.13 23.32
N ASP A 458 5.62 19.81 23.54
CA ASP A 458 4.38 19.50 22.83
C ASP A 458 4.51 19.88 21.36
N ALA A 459 3.46 19.61 20.58
CA ALA A 459 3.54 19.83 19.14
C ALA A 459 3.63 21.31 18.82
N PRO A 460 4.63 21.72 18.03
CA PRO A 460 4.69 23.11 17.58
C PRO A 460 3.65 23.39 16.51
N ILE A 461 3.75 24.60 15.94
CA ILE A 461 2.72 25.05 14.99
C ILE A 461 2.60 24.16 13.78
N PRO A 462 3.68 23.82 13.04
CA PRO A 462 3.50 23.00 11.83
C PRO A 462 2.95 21.61 12.09
N MET A 463 3.10 21.08 13.30
CA MET A 463 2.53 19.78 13.62
C MET A 463 1.19 19.87 14.34
N ALA A 464 0.67 21.08 14.56
CA ALA A 464 -0.60 21.25 15.26
C ALA A 464 -1.72 21.66 14.33
N ILE A 465 -1.41 22.39 13.26
CA ILE A 465 -2.41 22.81 12.29
C ILE A 465 -3.05 21.59 11.62
N PRO A 466 -2.28 20.63 11.09
CA PRO A 466 -2.91 19.42 10.54
C PRO A 466 -3.73 18.67 11.57
N LEU A 467 -3.26 18.61 12.82
CA LEU A 467 -4.02 17.94 13.86
C LEU A 467 -5.37 18.61 14.07
N ILE A 468 -5.39 19.95 14.16
CA ILE A 468 -6.64 20.66 14.42
C ILE A 468 -7.59 20.50 13.24
N LEU A 469 -7.07 20.58 12.02
CA LEU A 469 -7.92 20.39 10.85
C LEU A 469 -8.52 18.99 10.84
N LEU A 470 -7.71 17.97 11.16
CA LEU A 470 -8.22 16.62 11.20
C LEU A 470 -9.23 16.41 12.33
N ALA A 471 -9.06 17.13 13.45
CA ALA A 471 -10.03 17.04 14.53
C ALA A 471 -11.36 17.63 14.11
N LEU A 472 -11.34 18.80 13.45
CA LEU A 472 -12.59 19.37 12.95
C LEU A 472 -13.23 18.43 11.94
N GLY A 473 -12.42 17.81 11.08
CA GLY A 473 -12.97 16.84 10.15
C GLY A 473 -13.64 15.66 10.85
N SER A 474 -12.92 15.04 11.78
CA SER A 474 -13.43 13.91 12.53
C SER A 474 -14.57 14.29 13.47
N LEU A 475 -14.80 15.57 13.66
CA LEU A 475 -15.96 16.01 14.43
C LEU A 475 -17.18 16.18 13.54
N PHE A 476 -17.01 16.77 12.35
CA PHE A 476 -18.17 17.26 11.61
C PHE A 476 -18.43 16.61 10.26
N VAL A 477 -17.40 16.11 9.59
CA VAL A 477 -17.51 15.70 8.19
C VAL A 477 -18.45 14.50 8.06
N GLY A 478 -18.45 13.61 9.04
CA GLY A 478 -19.38 12.48 8.99
C GLY A 478 -20.83 12.93 8.94
N TYR A 479 -21.18 13.87 9.82
CA TYR A 479 -22.54 14.42 9.81
C TYR A 479 -22.83 15.16 8.51
N LEU A 480 -21.86 15.95 8.04
CA LEU A 480 -22.08 16.74 6.84
C LEU A 480 -22.32 15.87 5.61
N ALA A 481 -21.55 14.78 5.46
CA ALA A 481 -21.64 13.92 4.31
C ALA A 481 -22.54 12.71 4.53
N LYS A 482 -23.22 12.62 5.67
CA LYS A 482 -24.15 11.52 5.89
C LYS A 482 -25.28 11.52 4.87
N ASP A 483 -25.85 12.68 4.56
CA ASP A 483 -27.00 12.74 3.67
C ASP A 483 -26.64 12.48 2.21
N MET A 484 -25.55 13.07 1.73
CA MET A 484 -25.27 13.01 0.29
C MET A 484 -24.82 11.62 -0.15
N MET A 485 -24.18 10.87 0.73
CA MET A 485 -23.58 9.59 0.34
C MET A 485 -24.48 8.40 0.68
N ILE A 486 -24.92 8.29 1.93
CA ILE A 486 -25.71 7.15 2.36
C ILE A 486 -27.17 7.53 2.57
N GLY A 487 -27.64 8.59 1.95
CA GLY A 487 -29.05 8.94 2.00
C GLY A 487 -29.87 8.03 1.11
N LEU A 488 -31.19 8.18 1.21
CA LEU A 488 -32.12 7.38 0.42
C LEU A 488 -32.32 8.07 -0.92
N GLY A 489 -32.07 7.34 -2.01
CA GLY A 489 -32.29 7.86 -3.34
C GLY A 489 -31.36 8.96 -3.78
N THR A 490 -30.21 9.11 -3.11
CA THR A 490 -29.30 10.20 -3.45
C THR A 490 -28.73 10.02 -4.85
N ASN A 491 -28.64 11.13 -5.58
CA ASN A 491 -28.02 11.14 -6.91
C ASN A 491 -26.63 11.75 -6.89
N PHE A 492 -26.02 11.86 -5.72
CA PHE A 492 -24.65 12.37 -5.62
C PHE A 492 -23.69 11.48 -6.39
N TRP A 493 -23.83 10.16 -6.24
CA TRP A 493 -22.92 9.24 -6.92
C TRP A 493 -23.13 9.23 -8.42
N ALA A 494 -24.35 9.54 -8.87
CA ALA A 494 -24.70 9.55 -10.30
C ALA A 494 -24.41 8.16 -10.86
N ASN A 495 -23.58 8.01 -11.89
CA ASN A 495 -23.27 6.73 -12.47
C ASN A 495 -21.97 6.14 -11.94
N SER A 496 -21.36 6.75 -10.93
CA SER A 496 -20.10 6.24 -10.39
C SER A 496 -20.29 4.85 -9.78
N LEU A 497 -21.35 4.68 -8.99
CA LEU A 497 -21.64 3.41 -8.35
C LEU A 497 -22.94 2.83 -8.89
N LEU A 498 -22.96 1.52 -9.09
CA LEU A 498 -24.14 0.82 -9.55
C LEU A 498 -24.52 -0.24 -8.52
N VAL A 499 -25.76 -0.17 -8.05
CA VAL A 499 -26.33 -1.20 -7.19
C VAL A 499 -27.58 -1.68 -7.90
N LEU A 500 -27.64 -2.97 -8.22
CA LEU A 500 -28.78 -3.49 -8.95
C LEU A 500 -30.04 -3.38 -8.10
N PRO A 501 -31.21 -3.23 -8.72
CA PRO A 501 -32.45 -3.11 -7.94
C PRO A 501 -32.69 -4.31 -7.04
N LYS A 502 -32.22 -5.48 -7.46
CA LYS A 502 -32.46 -6.69 -6.69
C LYS A 502 -31.76 -6.65 -5.33
N ASN A 503 -30.47 -6.34 -5.31
CA ASN A 503 -29.69 -6.35 -4.07
C ASN A 503 -29.48 -4.95 -3.51
N GLU A 504 -30.53 -4.26 -3.11
CA GLU A 504 -30.41 -3.01 -2.38
C GLU A 504 -31.32 -3.07 -1.15
N ILE A 505 -30.73 -2.81 0.02
CA ILE A 505 -31.40 -3.05 1.29
C ILE A 505 -31.29 -1.83 2.20
N LEU A 506 -31.06 -0.65 1.62
CA LEU A 506 -30.80 0.53 2.43
C LEU A 506 -32.02 0.92 3.27
N ALA A 507 -33.22 0.89 2.67
CA ALA A 507 -34.41 1.29 3.40
C ALA A 507 -34.71 0.33 4.55
N GLU A 508 -34.56 -0.97 4.30
CA GLU A 508 -34.80 -1.96 5.34
C GLU A 508 -33.79 -1.82 6.47
N SER A 509 -32.55 -1.45 6.14
CA SER A 509 -31.54 -1.25 7.17
C SER A 509 -31.99 -0.21 8.18
N GLU A 510 -32.67 0.84 7.72
CA GLU A 510 -33.12 1.87 8.65
C GLU A 510 -34.42 1.49 9.32
N PHE A 511 -35.43 1.08 8.56
CA PHE A 511 -36.70 0.69 9.16
C PHE A 511 -37.07 -0.71 8.68
N ALA A 512 -36.42 -1.73 9.22
CA ALA A 512 -36.95 -3.09 9.25
C ALA A 512 -36.44 -3.83 10.47
N ALA A 513 -35.67 -3.14 11.31
CA ALA A 513 -34.85 -3.80 12.31
C ALA A 513 -35.24 -3.37 13.70
N PRO A 514 -35.11 -4.26 14.70
CA PRO A 514 -35.37 -3.86 16.08
C PRO A 514 -34.39 -2.77 16.53
N THR A 515 -34.84 -1.95 17.47
CA THR A 515 -34.01 -0.86 17.96
C THR A 515 -32.75 -1.38 18.66
N ILE A 516 -32.80 -2.62 19.16
CA ILE A 516 -31.66 -3.22 19.84
C ILE A 516 -30.50 -3.36 18.87
N ILE A 517 -30.79 -3.79 17.64
CA ILE A 517 -29.75 -3.97 16.64
C ILE A 517 -29.03 -2.66 16.33
N LYS A 518 -29.71 -1.53 16.45
CA LYS A 518 -29.10 -0.22 16.27
C LYS A 518 -28.34 0.24 17.50
N LEU A 519 -28.36 -0.53 18.59
CA LEU A 519 -27.64 -0.18 19.81
C LEU A 519 -26.58 -1.21 20.19
N ILE A 520 -26.44 -2.30 19.45
CA ILE A 520 -25.42 -3.29 19.79
C ILE A 520 -24.01 -2.70 19.77
N PRO A 521 -23.59 -1.96 18.75
CA PRO A 521 -22.24 -1.35 18.82
C PRO A 521 -22.06 -0.42 20.01
N ILE A 522 -23.09 0.38 20.35
CA ILE A 522 -22.98 1.31 21.46
C ILE A 522 -22.89 0.62 22.81
N LEU A 523 -23.41 -0.60 22.92
CA LEU A 523 -23.28 -1.40 24.13
C LEU A 523 -21.96 -2.17 24.19
N PHE A 524 -21.53 -2.73 23.05
CA PHE A 524 -20.25 -3.44 23.03
C PHE A 524 -19.09 -2.48 23.25
N SER A 525 -19.20 -1.25 22.75
CA SER A 525 -18.16 -0.26 23.00
C SER A 525 -18.04 0.06 24.49
N THR A 526 -19.19 0.21 25.17
CA THR A 526 -19.17 0.46 26.60
C THR A 526 -18.59 -0.73 27.36
N LEU A 527 -18.96 -1.94 26.96
CA LEU A 527 -18.40 -3.13 27.61
C LEU A 527 -16.89 -3.18 27.44
N GLY A 528 -16.40 -2.90 26.23
CA GLY A 528 -14.97 -2.90 26.01
C GLY A 528 -14.24 -1.83 26.79
N ALA A 529 -14.85 -0.64 26.87
CA ALA A 529 -14.26 0.44 27.66
C ALA A 529 -14.18 0.06 29.12
N PHE A 530 -15.24 -0.55 29.66
CA PHE A 530 -15.22 -0.99 31.04
C PHE A 530 -14.15 -2.05 31.27
N VAL A 531 -14.01 -3.00 30.35
CA VAL A 531 -13.00 -4.04 30.51
C VAL A 531 -11.61 -3.43 30.48
N ALA A 532 -11.37 -2.52 29.54
CA ALA A 532 -10.08 -1.85 29.40
C ALA A 532 -9.74 -0.98 30.60
N TYR A 533 -10.74 -0.37 31.25
CA TYR A 533 -10.50 0.33 32.49
C TYR A 533 -10.22 -0.60 33.66
N ASN A 534 -10.96 -1.70 33.78
CA ASN A 534 -10.86 -2.59 34.92
C ASN A 534 -9.61 -3.46 34.88
N VAL A 535 -9.04 -3.72 33.71
CA VAL A 535 -7.82 -4.54 33.64
C VAL A 535 -6.56 -3.69 33.67
N ASN A 536 -6.67 -2.38 33.46
CA ASN A 536 -5.49 -1.54 33.42
C ASN A 536 -5.44 -0.55 34.57
N LEU A 537 -6.48 0.28 34.70
CA LEU A 537 -6.41 1.41 35.61
C LEU A 537 -6.65 1.02 37.07
N VAL A 538 -7.58 0.12 37.34
CA VAL A 538 -7.79 -0.39 38.70
C VAL A 538 -7.86 -1.90 38.63
N ALA A 539 -6.73 -2.57 38.86
CA ALA A 539 -6.65 -4.01 38.75
C ALA A 539 -5.64 -4.54 39.75
N ASP A 540 -5.99 -5.63 40.43
CA ASP A 540 -5.02 -6.34 41.26
C ASP A 540 -3.99 -7.09 40.43
N GLN A 541 -4.12 -7.05 39.10
CA GLN A 541 -3.13 -7.58 38.18
C GLN A 541 -2.90 -9.07 38.40
N PHE A 542 -3.89 -9.88 38.06
CA PHE A 542 -3.85 -11.32 38.23
C PHE A 542 -2.93 -12.02 37.23
N GLN A 543 -1.99 -11.28 36.65
CA GLN A 543 -1.03 -11.78 35.66
C GLN A 543 -0.32 -13.06 36.09
N ARG A 544 -0.42 -13.42 37.37
CA ARG A 544 0.21 -14.66 37.85
C ARG A 544 -0.32 -15.87 37.07
N ALA A 545 -1.54 -15.76 36.54
CA ALA A 545 -2.05 -16.80 35.65
C ALA A 545 -1.20 -16.92 34.40
N PHE A 546 -0.74 -15.79 33.87
CA PHE A 546 0.16 -15.81 32.71
C PHE A 546 1.53 -16.39 33.06
N GLN A 547 1.83 -16.58 34.34
CA GLN A 547 3.10 -17.18 34.76
C GLN A 547 2.94 -18.59 35.31
N THR A 548 1.72 -19.04 35.62
CA THR A 548 1.49 -20.39 36.11
C THR A 548 0.70 -21.25 35.13
N SER A 549 -0.16 -20.65 34.33
CA SER A 549 -0.96 -21.41 33.36
C SER A 549 -0.21 -21.49 32.04
N THR A 550 0.11 -22.71 31.61
CA THR A 550 0.80 -22.89 30.34
C THR A 550 -0.05 -22.43 29.18
N PHE A 551 -1.36 -22.72 29.21
CA PHE A 551 -2.23 -22.32 28.12
C PHE A 551 -2.33 -20.80 28.01
N CYS A 552 -2.41 -20.12 29.16
CA CYS A 552 -2.52 -18.67 29.14
C CYS A 552 -1.30 -18.03 28.49
N ASN A 553 -0.11 -18.53 28.80
CA ASN A 553 1.10 -18.01 28.17
C ASN A 553 1.08 -18.25 26.67
N ARG A 554 0.71 -19.47 26.25
CA ARG A 554 0.60 -19.74 24.83
C ARG A 554 -0.50 -18.92 24.17
N LEU A 555 -1.62 -18.74 24.87
CA LEU A 555 -2.69 -17.91 24.34
C LEU A 555 -2.23 -16.46 24.19
N TYR A 556 -1.49 -15.96 25.17
CA TYR A 556 -0.93 -14.61 25.07
C TYR A 556 0.03 -14.51 23.89
N SER A 557 0.83 -15.55 23.66
CA SER A 557 1.74 -15.54 22.52
C SER A 557 0.98 -15.58 21.20
N PHE A 558 -0.17 -16.24 21.17
CA PHE A 558 -0.93 -16.37 19.93
C PHE A 558 -1.40 -15.01 19.42
N PHE A 559 -2.03 -14.22 20.29
CA PHE A 559 -2.52 -12.91 19.86
C PHE A 559 -1.37 -11.94 19.64
N ASN A 560 -0.33 -12.01 20.48
CA ASN A 560 0.80 -11.10 20.34
C ASN A 560 1.53 -11.32 19.02
N LYS A 561 1.81 -12.56 18.68
CA LYS A 561 2.56 -12.89 17.46
C LYS A 561 1.62 -13.13 16.29
N ARG A 562 0.69 -12.19 16.11
CA ARG A 562 -0.22 -12.13 14.96
C ARG A 562 -0.75 -13.48 14.52
N TRP A 563 -1.31 -14.25 15.45
CA TRP A 563 -1.93 -15.54 15.16
C TRP A 563 -0.93 -16.52 14.54
N PHE A 564 0.36 -16.30 14.80
CA PHE A 564 1.43 -17.12 14.23
C PHE A 564 1.35 -17.18 12.71
N PHE A 565 1.04 -16.07 12.07
CA PHE A 565 1.04 -16.04 10.61
C PHE A 565 2.47 -15.95 10.06
N ASP A 566 3.23 -14.96 10.53
CA ASP A 566 4.57 -14.73 9.97
C ASP A 566 5.47 -15.93 10.18
N GLN A 567 5.45 -16.52 11.37
CA GLN A 567 6.34 -17.64 11.66
C GLN A 567 5.99 -18.85 10.79
N VAL A 568 4.71 -19.21 10.75
CA VAL A 568 4.29 -20.38 9.98
C VAL A 568 4.48 -20.12 8.48
N LEU A 569 4.02 -18.96 8.01
CA LEU A 569 4.12 -18.66 6.60
C LEU A 569 5.58 -18.63 6.15
N ASN A 570 6.46 -18.00 6.93
CA ASN A 570 7.87 -18.02 6.61
C ASN A 570 8.38 -19.45 6.47
N ASP A 571 8.29 -20.23 7.57
CA ASP A 571 8.89 -21.56 7.61
C ASP A 571 8.35 -22.48 6.54
N PHE A 572 7.08 -22.34 6.16
CA PHE A 572 6.46 -23.30 5.26
C PHE A 572 6.38 -22.82 3.81
N LEU A 573 6.62 -21.53 3.56
CA LEU A 573 6.62 -21.08 2.17
C LEU A 573 7.98 -20.49 1.77
N VAL A 574 8.46 -19.51 2.52
CA VAL A 574 9.62 -18.73 2.11
C VAL A 574 10.87 -19.59 2.23
N ARG A 575 11.01 -20.26 3.38
CA ARG A 575 12.17 -21.12 3.59
C ARG A 575 12.14 -22.30 2.62
N SER A 576 10.96 -22.84 2.36
CA SER A 576 10.85 -23.94 1.41
C SER A 576 11.24 -23.51 0.00
N PHE A 577 10.80 -22.31 -0.41
CA PHE A 577 11.17 -21.82 -1.74
C PHE A 577 12.65 -21.54 -1.84
N LEU A 578 13.24 -20.98 -0.78
CA LEU A 578 14.68 -20.73 -0.78
C LEU A 578 15.46 -22.03 -0.83
N ARG A 579 15.00 -23.05 -0.10
CA ARG A 579 15.64 -24.36 -0.15
C ARG A 579 15.52 -24.96 -1.54
N PHE A 580 14.35 -24.83 -2.17
CA PHE A 580 14.19 -25.29 -3.54
C PHE A 580 15.22 -24.64 -4.45
N GLY A 581 15.20 -23.30 -4.51
CA GLY A 581 15.95 -22.58 -5.53
C GLY A 581 17.42 -22.89 -5.55
N TYR A 582 17.98 -23.31 -4.41
CA TYR A 582 19.34 -23.82 -4.39
C TYR A 582 19.38 -25.33 -4.57
N GLU A 583 18.83 -26.07 -3.59
CA GLU A 583 19.12 -27.49 -3.46
C GLU A 583 18.68 -28.28 -4.69
N VAL A 584 17.57 -27.90 -5.31
CA VAL A 584 17.20 -28.60 -6.52
C VAL A 584 17.71 -27.82 -7.72
N SER A 585 17.25 -26.57 -7.86
CA SER A 585 17.40 -25.84 -9.11
C SER A 585 18.86 -25.65 -9.51
N PHE A 586 19.74 -25.29 -8.57
CA PHE A 586 21.12 -25.00 -8.90
C PHE A 586 21.99 -26.23 -8.60
N GLU A 587 21.69 -26.96 -7.54
CA GLU A 587 22.54 -28.07 -7.14
C GLU A 587 22.42 -29.25 -8.12
N ALA A 588 21.20 -29.66 -8.44
CA ALA A 588 20.99 -30.82 -9.30
C ALA A 588 19.99 -30.46 -10.40
N LEU A 589 20.50 -29.86 -11.47
CA LEU A 589 19.73 -29.56 -12.68
C LEU A 589 20.66 -29.06 -13.79
N MET B 271 7.20 -19.66 -41.89
CA MET B 271 7.74 -20.55 -42.90
C MET B 271 7.18 -21.96 -42.74
N PHE B 272 6.90 -22.34 -41.49
CA PHE B 272 6.35 -23.65 -41.16
C PHE B 272 5.09 -23.45 -40.33
N PRO B 273 3.97 -23.12 -40.98
CA PRO B 273 2.72 -22.90 -40.23
C PRO B 273 2.18 -24.19 -39.62
N GLU B 274 2.30 -25.31 -40.34
CA GLU B 274 1.75 -26.56 -39.85
C GLU B 274 2.55 -27.14 -38.69
N ALA B 275 3.86 -26.93 -38.64
CA ALA B 275 4.69 -27.47 -37.57
C ALA B 275 4.65 -26.61 -36.32
N THR B 276 4.56 -25.29 -36.50
CA THR B 276 4.53 -24.38 -35.36
C THR B 276 3.32 -24.65 -34.47
N LEU B 277 2.16 -24.92 -35.09
CA LEU B 277 0.97 -25.21 -34.31
C LEU B 277 1.11 -26.50 -33.53
N CYS B 278 1.70 -27.53 -34.13
CA CYS B 278 1.85 -28.80 -33.43
C CYS B 278 2.87 -28.72 -32.32
N PHE B 279 3.93 -27.92 -32.49
CA PHE B 279 4.96 -27.78 -31.47
C PHE B 279 4.70 -26.64 -30.50
N THR B 280 3.55 -25.99 -30.59
CA THR B 280 3.25 -24.89 -29.67
C THR B 280 3.21 -25.32 -28.20
N PRO B 281 2.54 -26.41 -27.81
CA PRO B 281 2.59 -26.78 -26.38
C PRO B 281 3.99 -27.08 -25.88
N PHE B 282 4.86 -27.63 -26.74
CA PHE B 282 6.22 -27.93 -26.34
C PHE B 282 6.97 -26.66 -25.94
N ILE B 283 6.90 -25.63 -26.80
CA ILE B 283 7.55 -24.36 -26.50
C ILE B 283 6.94 -23.67 -25.28
N TYR B 284 5.63 -23.77 -25.09
CA TYR B 284 5.02 -23.25 -23.88
C TYR B 284 5.52 -23.96 -22.62
N THR B 285 5.64 -25.28 -22.65
CA THR B 285 6.14 -26.02 -21.50
C THR B 285 7.59 -25.64 -21.19
N LEU B 286 8.45 -25.66 -22.21
CA LEU B 286 9.85 -25.31 -22.00
C LEU B 286 9.98 -23.89 -21.48
N SER B 287 9.23 -22.95 -22.07
CA SER B 287 9.34 -21.56 -21.66
C SER B 287 8.83 -21.36 -20.23
N ALA B 288 7.73 -22.01 -19.86
CA ALA B 288 7.22 -21.85 -18.50
C ALA B 288 8.17 -22.43 -17.47
N ILE B 289 8.68 -23.65 -17.72
CA ILE B 289 9.60 -24.22 -16.75
C ILE B 289 10.90 -23.44 -16.69
N ALA B 290 11.34 -22.85 -17.81
CA ALA B 290 12.53 -22.02 -17.77
C ALA B 290 12.28 -20.75 -16.95
N ILE B 291 11.13 -20.10 -17.17
CA ILE B 291 10.80 -18.89 -16.43
C ILE B 291 10.76 -19.18 -14.94
N ILE B 292 10.23 -20.33 -14.55
CA ILE B 292 10.14 -20.67 -13.13
C ILE B 292 11.52 -21.01 -12.57
N TYR B 293 12.21 -21.97 -13.21
CA TYR B 293 13.45 -22.49 -12.67
C TYR B 293 14.55 -21.43 -12.63
N THR B 294 14.72 -20.67 -13.73
CA THR B 294 15.76 -19.68 -13.77
C THR B 294 15.52 -18.57 -12.75
N SER B 295 14.27 -18.11 -12.64
CA SER B 295 13.95 -17.07 -11.68
C SER B 295 14.12 -17.54 -10.24
N LEU B 296 13.88 -18.83 -9.98
CA LEU B 296 14.13 -19.33 -8.63
C LEU B 296 15.62 -19.53 -8.38
N THR B 297 16.38 -19.86 -9.43
CA THR B 297 17.82 -20.03 -9.29
C THR B 297 18.51 -18.70 -9.02
N THR B 298 17.98 -17.62 -9.61
CA THR B 298 18.62 -16.31 -9.50
C THR B 298 18.77 -15.88 -8.04
N LEU B 299 17.84 -16.30 -7.17
CA LEU B 299 17.92 -15.90 -5.77
C LEU B 299 19.16 -16.44 -5.08
N ARG B 300 19.71 -17.55 -5.55
CA ARG B 300 20.80 -18.23 -4.87
C ARG B 300 22.15 -18.00 -5.52
N GLN B 301 22.30 -16.95 -6.31
CA GLN B 301 23.60 -16.58 -6.88
C GLN B 301 24.26 -15.52 -6.00
N ILE B 302 25.59 -15.47 -6.07
CA ILE B 302 26.37 -14.55 -5.25
C ILE B 302 27.13 -13.58 -6.14
N ASP B 303 27.32 -13.94 -7.40
CA ASP B 303 28.03 -13.08 -8.34
C ASP B 303 27.07 -12.03 -8.91
N LEU B 304 27.56 -10.79 -8.99
CA LEU B 304 26.76 -9.72 -9.57
C LEU B 304 26.41 -9.94 -11.02
N LYS B 305 27.35 -10.40 -11.84
CA LYS B 305 27.10 -10.61 -13.25
C LYS B 305 26.43 -11.95 -13.53
N LYS B 306 26.42 -12.87 -12.57
CA LYS B 306 25.67 -14.12 -12.72
C LYS B 306 24.22 -13.99 -12.25
N ILE B 307 23.86 -12.88 -11.62
CA ILE B 307 22.48 -12.64 -11.23
C ILE B 307 21.76 -11.98 -12.39
N ILE B 308 22.42 -11.00 -13.00
CA ILE B 308 21.84 -10.34 -14.17
C ILE B 308 21.78 -11.26 -15.38
N ALA B 309 22.81 -12.07 -15.61
CA ALA B 309 22.79 -13.04 -16.69
C ALA B 309 21.71 -14.09 -16.52
N TYR B 310 21.20 -14.28 -15.30
CA TYR B 310 20.04 -15.12 -15.07
C TYR B 310 18.73 -14.34 -15.10
N SER B 311 18.81 -13.01 -15.16
CA SER B 311 17.63 -12.18 -15.39
C SER B 311 17.33 -12.04 -16.88
N SER B 312 18.25 -12.46 -17.74
CA SER B 312 18.03 -12.44 -19.19
C SER B 312 17.38 -13.70 -19.71
N VAL B 313 17.67 -14.84 -19.10
CA VAL B 313 17.06 -16.10 -19.55
C VAL B 313 15.56 -16.07 -19.33
N ALA B 314 15.12 -15.56 -18.18
CA ALA B 314 13.69 -15.48 -17.91
C ALA B 314 12.99 -14.56 -18.91
N HIS B 315 13.61 -13.41 -19.21
CA HIS B 315 13.00 -12.49 -20.17
C HIS B 315 12.97 -13.08 -21.57
N MET B 316 14.05 -13.73 -21.99
CA MET B 316 14.09 -14.31 -23.33
C MET B 316 13.21 -15.54 -23.47
N ASN B 317 12.87 -16.21 -22.37
CA ASN B 317 11.88 -17.28 -22.41
C ASN B 317 10.46 -16.75 -22.29
N LEU B 318 10.25 -15.60 -21.66
CA LEU B 318 8.97 -14.92 -21.75
C LEU B 318 8.70 -14.39 -23.15
N VAL B 319 9.75 -13.99 -23.87
CA VAL B 319 9.61 -13.59 -25.27
C VAL B 319 9.13 -14.72 -26.17
N THR B 320 9.67 -15.93 -26.01
CA THR B 320 9.29 -17.04 -26.88
C THR B 320 7.87 -17.53 -26.66
N ILE B 321 7.24 -17.16 -25.54
CA ILE B 321 5.79 -17.33 -25.40
C ILE B 321 5.02 -16.38 -26.30
N GLY B 322 5.46 -15.13 -26.40
CA GLY B 322 4.78 -14.15 -27.23
C GLY B 322 4.85 -14.47 -28.71
N MET B 323 6.01 -14.91 -29.20
CA MET B 323 6.14 -15.20 -30.63
C MET B 323 5.25 -16.36 -31.04
N PHE B 324 5.15 -17.39 -30.21
CA PHE B 324 4.40 -18.58 -30.56
C PHE B 324 2.92 -18.47 -30.26
N SER B 325 2.46 -17.34 -29.70
CA SER B 325 1.04 -17.13 -29.52
C SER B 325 0.34 -16.85 -30.84
N LEU B 326 1.07 -16.30 -31.81
CA LEU B 326 0.55 -16.08 -33.16
C LEU B 326 -0.66 -15.15 -33.18
N ASN B 327 -0.53 -14.04 -32.45
CA ASN B 327 -1.51 -12.96 -32.50
C ASN B 327 -0.77 -11.64 -32.42
N ILE B 328 -1.48 -10.55 -32.74
CA ILE B 328 -0.86 -9.24 -32.81
C ILE B 328 -0.30 -8.79 -31.47
N GLN B 329 -0.99 -9.09 -30.37
CA GLN B 329 -0.48 -8.72 -29.05
C GLN B 329 0.71 -9.55 -28.61
N GLY B 330 0.82 -10.79 -29.09
CA GLY B 330 1.93 -11.63 -28.69
C GLY B 330 3.19 -11.38 -29.50
N ILE B 331 3.08 -11.52 -30.82
CA ILE B 331 4.22 -11.33 -31.71
C ILE B 331 4.63 -9.87 -31.68
N GLY B 332 3.66 -8.97 -31.60
CA GLY B 332 3.95 -7.55 -31.57
C GLY B 332 4.55 -7.09 -30.25
N GLY B 333 4.18 -7.76 -29.15
CA GLY B 333 4.77 -7.42 -27.87
C GLY B 333 6.11 -8.07 -27.61
N SER B 334 6.39 -9.20 -28.26
CA SER B 334 7.70 -9.83 -28.12
C SER B 334 8.79 -8.96 -28.71
N ILE B 335 8.48 -8.25 -29.80
CA ILE B 335 9.47 -7.40 -30.44
C ILE B 335 9.81 -6.20 -29.55
N LEU B 336 8.81 -5.66 -28.86
CA LEU B 336 9.08 -4.63 -27.87
C LEU B 336 9.81 -5.14 -26.63
N LEU B 337 9.48 -6.32 -26.13
CA LEU B 337 10.26 -6.88 -25.04
C LEU B 337 11.70 -7.16 -25.43
N MET B 338 11.95 -7.57 -26.68
CA MET B 338 13.32 -7.78 -27.13
C MET B 338 14.13 -6.48 -27.08
N LEU B 339 13.58 -5.39 -27.61
CA LEU B 339 14.29 -4.12 -27.57
C LEU B 339 14.45 -3.62 -26.12
N SER B 340 13.39 -3.75 -25.33
CA SER B 340 13.47 -3.29 -23.95
C SER B 340 14.52 -4.06 -23.17
N HIS B 341 14.61 -5.38 -23.39
CA HIS B 341 15.67 -6.17 -22.77
C HIS B 341 17.03 -5.74 -23.28
N GLY B 342 17.17 -5.56 -24.60
CA GLY B 342 18.43 -5.14 -25.16
C GLY B 342 18.94 -3.83 -24.58
N LEU B 343 18.04 -2.97 -24.13
CA LEU B 343 18.47 -1.77 -23.42
C LEU B 343 18.67 -1.98 -21.92
N VAL B 344 17.72 -2.61 -21.23
CA VAL B 344 17.79 -2.71 -19.78
C VAL B 344 18.94 -3.61 -19.34
N SER B 345 19.07 -4.78 -19.96
CA SER B 345 20.16 -5.69 -19.58
C SER B 345 21.51 -5.09 -19.93
N SER B 346 21.61 -4.43 -21.07
CA SER B 346 22.88 -3.83 -21.47
C SER B 346 23.22 -2.62 -20.62
N ALA B 347 22.22 -2.04 -19.95
CA ALA B 347 22.48 -1.00 -18.97
C ALA B 347 22.85 -1.54 -17.60
N LEU B 348 22.22 -2.62 -17.15
CA LEU B 348 22.63 -3.29 -15.93
C LEU B 348 24.04 -3.86 -16.02
N PHE B 349 24.41 -4.42 -17.17
CA PHE B 349 25.80 -4.84 -17.37
C PHE B 349 26.76 -3.67 -17.36
N LEU B 350 26.36 -2.51 -17.89
CA LEU B 350 27.17 -1.31 -17.73
C LEU B 350 27.33 -0.91 -16.27
N CYS B 351 26.27 -1.00 -15.48
CA CYS B 351 26.37 -0.69 -14.06
C CYS B 351 27.33 -1.65 -13.36
N VAL B 352 27.25 -2.94 -13.68
CA VAL B 352 28.15 -3.92 -13.10
C VAL B 352 29.59 -3.64 -13.52
N GLY B 353 29.79 -3.26 -14.78
CA GLY B 353 31.12 -2.87 -15.22
C GLY B 353 31.64 -1.63 -14.49
N VAL B 354 30.76 -0.68 -14.21
CA VAL B 354 31.13 0.48 -13.41
C VAL B 354 31.63 0.04 -12.04
N LEU B 355 30.88 -0.87 -11.40
CA LEU B 355 31.29 -1.36 -10.09
C LEU B 355 32.60 -2.11 -10.16
N TYR B 356 32.81 -2.88 -11.23
CA TYR B 356 33.97 -3.76 -11.32
C TYR B 356 35.24 -2.97 -11.63
N ASP B 357 35.14 -1.96 -12.50
CA ASP B 357 36.32 -1.23 -12.93
C ASP B 357 37.03 -0.56 -11.76
N ARG B 358 36.27 0.04 -10.85
CA ARG B 358 36.87 0.64 -9.66
C ARG B 358 37.27 -0.45 -8.68
N HIS B 359 36.31 -1.28 -8.28
CA HIS B 359 36.55 -2.32 -7.29
C HIS B 359 36.63 -3.67 -8.00
N LYS B 360 37.81 -4.27 -8.07
CA LYS B 360 37.99 -5.49 -8.83
C LYS B 360 37.37 -6.69 -8.12
N THR B 361 36.05 -6.69 -7.99
CA THR B 361 35.35 -7.83 -7.40
C THR B 361 33.91 -7.82 -7.90
N ARG B 362 33.29 -9.00 -7.90
CA ARG B 362 31.91 -9.15 -8.33
C ARG B 362 31.03 -9.81 -7.29
N LEU B 363 31.58 -10.22 -6.15
CA LEU B 363 30.76 -10.83 -5.11
C LEU B 363 29.88 -9.78 -4.45
N VAL B 364 28.60 -10.10 -4.27
CA VAL B 364 27.66 -9.19 -3.65
C VAL B 364 28.03 -8.93 -2.19
N ARG B 365 28.71 -9.87 -1.54
CA ARG B 365 29.03 -9.72 -0.13
C ARG B 365 29.91 -8.51 0.12
N TYR B 366 30.86 -8.23 -0.78
CA TYR B 366 31.77 -7.11 -0.60
C TYR B 366 31.10 -5.76 -0.76
N TYR B 367 29.91 -5.71 -1.36
CA TYR B 367 29.26 -4.46 -1.71
C TYR B 367 28.12 -4.15 -0.74
N GLY B 368 28.04 -2.89 -0.34
CA GLY B 368 27.00 -2.43 0.54
C GLY B 368 27.19 -1.00 0.97
N GLY B 369 26.11 -0.26 1.13
CA GLY B 369 26.20 1.13 1.54
C GLY B 369 26.65 2.09 0.47
N LEU B 370 26.63 1.68 -0.80
CA LEU B 370 27.04 2.56 -1.89
C LEU B 370 26.11 3.75 -2.05
N VAL B 371 24.92 3.72 -1.44
CA VAL B 371 23.99 4.84 -1.50
C VAL B 371 24.57 6.10 -0.87
N SER B 372 25.56 5.98 0.00
CA SER B 372 26.16 7.10 0.69
C SER B 372 27.41 7.63 0.01
N THR B 373 28.11 6.80 -0.77
CA THR B 373 29.34 7.21 -1.42
C THR B 373 29.20 7.38 -2.93
N MET B 374 28.24 6.68 -3.54
CA MET B 374 28.01 6.73 -4.99
C MET B 374 26.54 6.99 -5.22
N PRO B 375 26.08 8.23 -5.00
CA PRO B 375 24.63 8.48 -5.07
C PRO B 375 24.07 8.47 -6.49
N ASN B 376 24.75 9.08 -7.45
CA ASN B 376 24.24 9.09 -8.83
C ASN B 376 24.16 7.67 -9.38
N PHE B 377 25.21 6.87 -9.13
CA PHE B 377 25.17 5.47 -9.52
C PHE B 377 24.01 4.76 -8.85
N SER B 378 23.72 5.10 -7.60
CA SER B 378 22.60 4.48 -6.90
C SER B 378 21.27 4.81 -7.59
N THR B 379 21.09 6.07 -7.99
CA THR B 379 19.86 6.47 -8.67
C THR B 379 19.72 5.75 -10.00
N ILE B 380 20.79 5.71 -10.79
CA ILE B 380 20.73 5.06 -12.10
C ILE B 380 20.48 3.56 -11.95
N PHE B 381 21.17 2.93 -10.99
CA PHE B 381 20.96 1.51 -10.75
C PHE B 381 19.55 1.23 -10.29
N PHE B 382 18.97 2.10 -9.46
CA PHE B 382 17.58 1.92 -9.05
C PHE B 382 16.64 2.04 -10.24
N PHE B 383 16.88 3.01 -11.11
CA PHE B 383 16.00 3.18 -12.27
C PHE B 383 16.04 1.94 -13.16
N PHE B 384 17.24 1.40 -13.39
CA PHE B 384 17.32 0.23 -14.25
C PHE B 384 16.85 -1.04 -13.56
N THR B 385 16.94 -1.09 -12.23
CA THR B 385 16.30 -2.18 -11.49
C THR B 385 14.79 -2.13 -11.62
N LEU B 386 14.21 -0.92 -11.56
CA LEU B 386 12.78 -0.75 -11.77
C LEU B 386 12.40 -1.18 -13.18
N ALA B 387 13.21 -0.80 -14.17
CA ALA B 387 12.95 -1.23 -15.54
C ALA B 387 13.04 -2.75 -15.67
N ASN B 388 13.96 -3.37 -14.93
CA ASN B 388 14.16 -4.81 -15.05
C ASN B 388 12.98 -5.60 -14.51
N MET B 389 12.25 -5.05 -13.54
CA MET B 389 11.14 -5.76 -12.93
C MET B 389 9.81 -5.48 -13.60
N SER B 390 9.81 -4.89 -14.79
CA SER B 390 8.59 -4.63 -15.57
C SER B 390 7.63 -3.72 -14.80
N LEU B 391 8.11 -2.53 -14.49
CA LEU B 391 7.28 -1.55 -13.79
C LEU B 391 6.68 -0.59 -14.81
N PRO B 392 5.40 -0.25 -14.68
CA PRO B 392 4.74 0.54 -15.72
C PRO B 392 5.36 1.91 -15.87
N GLY B 393 5.33 2.43 -17.10
CA GLY B 393 6.10 3.60 -17.46
C GLY B 393 7.49 3.28 -17.95
N THR B 394 7.87 2.00 -17.97
CA THR B 394 9.13 1.54 -18.52
C THR B 394 8.86 0.64 -19.72
N SER B 395 9.87 0.50 -20.56
CA SER B 395 9.68 -0.25 -21.80
C SER B 395 9.45 -1.73 -21.55
N SER B 396 9.88 -2.27 -20.41
CA SER B 396 9.71 -3.69 -20.15
C SER B 396 8.25 -4.03 -19.88
N PHE B 397 7.53 -3.15 -19.19
CA PHE B 397 6.15 -3.45 -18.82
C PHE B 397 5.27 -3.57 -20.06
N ILE B 398 5.49 -2.71 -21.05
CA ILE B 398 4.66 -2.73 -22.25
C ILE B 398 4.78 -4.08 -22.94
N GLY B 399 6.00 -4.54 -23.17
CA GLY B 399 6.20 -5.82 -23.82
C GLY B 399 5.71 -6.98 -22.97
N GLU B 400 5.96 -6.92 -21.67
CA GLU B 400 5.51 -8.00 -20.78
C GLU B 400 4.00 -8.14 -20.80
N PHE B 401 3.29 -7.03 -20.67
CA PHE B 401 1.83 -7.08 -20.63
C PHE B 401 1.26 -7.46 -21.99
N LEU B 402 1.87 -6.97 -23.08
CA LEU B 402 1.40 -7.36 -24.40
C LEU B 402 1.58 -8.85 -24.63
N ILE B 403 2.72 -9.41 -24.24
CA ILE B 403 2.92 -10.84 -24.34
C ILE B 403 1.93 -11.62 -23.49
N LEU B 404 1.65 -11.16 -22.27
CA LEU B 404 0.65 -11.81 -21.43
C LEU B 404 -0.74 -11.79 -22.02
N VAL B 405 -1.18 -10.67 -22.61
CA VAL B 405 -2.52 -10.58 -23.18
C VAL B 405 -2.55 -11.33 -24.51
N GLY B 406 -1.38 -11.56 -25.09
CA GLY B 406 -1.31 -12.34 -26.31
C GLY B 406 -1.32 -13.83 -26.07
N ALA B 407 -0.97 -14.24 -24.85
CA ALA B 407 -0.94 -15.65 -24.47
C ALA B 407 -2.18 -16.09 -23.71
N PHE B 408 -2.80 -15.19 -22.95
CA PHE B 408 -4.06 -15.52 -22.29
C PHE B 408 -5.14 -15.83 -23.32
N GLN B 409 -5.12 -15.16 -24.47
CA GLN B 409 -6.10 -15.40 -25.51
C GLN B 409 -5.96 -16.78 -26.14
N ARG B 410 -4.78 -17.39 -26.02
CA ARG B 410 -4.52 -18.72 -26.59
C ARG B 410 -4.60 -19.82 -25.55
N ASN B 411 -3.95 -19.63 -24.40
CA ASN B 411 -3.96 -20.61 -23.32
C ASN B 411 -3.90 -19.86 -22.00
N SER B 412 -4.92 -20.05 -21.16
CA SER B 412 -4.97 -19.34 -19.89
C SER B 412 -3.92 -19.86 -18.91
N LEU B 413 -3.58 -21.15 -19.02
CA LEU B 413 -2.66 -21.75 -18.06
C LEU B 413 -1.25 -21.20 -18.21
N VAL B 414 -0.78 -21.06 -19.45
CA VAL B 414 0.59 -20.60 -19.67
C VAL B 414 0.74 -19.15 -19.23
N ALA B 415 -0.33 -18.36 -19.33
CA ALA B 415 -0.26 -16.96 -18.88
C ALA B 415 -0.02 -16.87 -17.39
N THR B 416 -0.65 -17.73 -16.59
CA THR B 416 -0.42 -17.71 -15.14
C THR B 416 1.03 -18.07 -14.82
N LEU B 417 1.55 -19.13 -15.44
CA LEU B 417 2.92 -19.54 -15.18
C LEU B 417 3.90 -18.44 -15.59
N ALA B 418 3.62 -17.76 -16.70
CA ALA B 418 4.45 -16.63 -17.10
C ALA B 418 4.31 -15.47 -16.12
N ALA B 419 3.14 -15.33 -15.50
CA ALA B 419 2.89 -14.19 -14.63
C ALA B 419 3.58 -14.36 -13.28
N LEU B 420 3.77 -15.61 -12.82
CA LEU B 420 4.63 -15.80 -11.65
C LEU B 420 6.06 -15.35 -11.92
N GLY B 421 6.43 -15.29 -13.20
CA GLY B 421 7.76 -14.83 -13.55
C GLY B 421 8.04 -13.41 -13.10
N MET B 422 7.05 -12.52 -13.26
CA MET B 422 7.24 -11.14 -12.84
C MET B 422 7.32 -11.04 -11.33
N ILE B 423 6.60 -11.92 -10.62
CA ILE B 423 6.70 -11.94 -9.15
C ILE B 423 8.13 -12.27 -8.73
N LEU B 424 8.67 -13.35 -9.29
CA LEU B 424 10.03 -13.73 -8.92
C LEU B 424 11.05 -12.68 -9.36
N GLY B 425 10.84 -12.08 -10.53
CA GLY B 425 11.75 -11.05 -10.99
C GLY B 425 11.74 -9.83 -10.10
N ALA B 426 10.55 -9.36 -9.71
CA ALA B 426 10.46 -8.23 -8.79
C ALA B 426 10.97 -8.57 -7.41
N ALA B 427 10.98 -9.84 -7.03
CA ALA B 427 11.64 -10.25 -5.78
C ALA B 427 13.14 -10.04 -5.90
N TYR B 428 13.79 -10.74 -6.84
CA TYR B 428 15.24 -10.76 -6.83
C TYR B 428 15.81 -9.42 -7.27
N SER B 429 15.10 -8.67 -8.12
CA SER B 429 15.63 -7.41 -8.61
C SER B 429 15.79 -6.39 -7.50
N LEU B 430 14.79 -6.26 -6.62
CA LEU B 430 14.95 -5.38 -5.46
C LEU B 430 15.82 -5.99 -4.38
N TRP B 431 15.85 -7.32 -4.25
CA TRP B 431 16.71 -7.89 -3.21
C TRP B 431 18.18 -7.66 -3.52
N LEU B 432 18.57 -7.80 -4.80
CA LEU B 432 19.93 -7.49 -5.22
C LEU B 432 20.29 -6.04 -4.91
N TYR B 433 19.39 -5.11 -5.25
CA TYR B 433 19.66 -3.70 -4.97
C TYR B 433 19.76 -3.44 -3.47
N ASN B 434 18.93 -4.12 -2.68
CA ASN B 434 19.01 -3.96 -1.23
C ASN B 434 20.36 -4.43 -0.69
N ARG B 435 20.90 -5.52 -1.24
CA ARG B 435 22.29 -5.83 -0.87
C ARG B 435 23.27 -4.76 -1.34
N VAL B 436 23.21 -4.37 -2.62
CA VAL B 436 24.32 -3.64 -3.22
C VAL B 436 24.32 -2.15 -2.88
N VAL B 437 23.18 -1.48 -2.92
CA VAL B 437 23.16 -0.03 -2.76
C VAL B 437 22.84 0.35 -1.32
N SER B 438 21.69 -0.09 -0.83
CA SER B 438 21.29 0.23 0.54
C SER B 438 22.09 -0.59 1.54
N GLY B 439 22.17 -0.09 2.76
CA GLY B 439 22.84 -0.75 3.85
C GLY B 439 23.96 0.08 4.42
N ASN B 440 24.73 -0.55 5.30
CA ASN B 440 25.88 0.08 5.93
C ASN B 440 27.14 -0.19 5.12
N LEU B 441 28.08 0.76 5.19
CA LEU B 441 29.35 0.63 4.50
C LEU B 441 30.25 -0.38 5.24
N LYS B 442 31.21 -0.94 4.51
CA LYS B 442 32.11 -1.92 5.06
C LYS B 442 33.55 -1.46 4.86
N PRO B 443 34.05 -0.56 5.71
CA PRO B 443 35.39 -0.01 5.49
C PRO B 443 36.52 -1.03 5.64
N ASP B 444 36.25 -2.20 6.23
CA ASP B 444 37.27 -3.23 6.30
C ASP B 444 37.60 -3.79 4.93
N PHE B 445 36.59 -3.97 4.08
CA PHE B 445 36.79 -4.54 2.75
C PHE B 445 37.29 -3.48 1.77
N LEU B 446 36.51 -2.42 1.57
CA LEU B 446 36.78 -1.40 0.59
C LEU B 446 36.42 -0.03 1.15
N HIS B 447 37.27 0.97 0.90
CA HIS B 447 37.12 2.27 1.55
C HIS B 447 37.19 3.44 0.58
N LYS B 448 37.84 3.30 -0.57
CA LYS B 448 37.90 4.38 -1.53
C LYS B 448 36.80 4.24 -2.57
N PHE B 449 36.17 5.36 -2.92
CA PHE B 449 35.02 5.38 -3.81
C PHE B 449 35.19 6.47 -4.85
N SER B 450 34.42 6.36 -5.92
CA SER B 450 34.33 7.41 -6.92
C SER B 450 33.03 7.24 -7.69
N ASP B 451 32.18 8.26 -7.67
CA ASP B 451 30.90 8.19 -8.33
C ASP B 451 31.11 8.26 -9.86
N LEU B 452 30.01 8.28 -10.60
CA LEU B 452 30.08 8.18 -12.05
C LEU B 452 30.87 9.35 -12.65
N ASN B 453 31.66 9.06 -13.68
CA ASN B 453 32.47 10.05 -14.36
C ASN B 453 31.66 10.83 -15.39
N GLY B 454 32.32 11.63 -16.20
CA GLY B 454 31.67 12.30 -17.30
C GLY B 454 31.22 11.35 -18.39
N ARG B 455 32.08 10.38 -18.74
CA ARG B 455 31.71 9.40 -19.75
C ARG B 455 30.52 8.57 -19.31
N GLU B 456 30.50 8.18 -18.03
CA GLU B 456 29.53 7.22 -17.56
C GLU B 456 28.12 7.79 -17.53
N VAL B 457 27.96 9.03 -17.07
CA VAL B 457 26.66 9.67 -17.10
C VAL B 457 26.16 9.84 -18.53
N PHE B 458 27.03 10.29 -19.44
CA PHE B 458 26.62 10.46 -20.82
C PHE B 458 26.28 9.14 -21.48
N ILE B 459 26.96 8.05 -21.12
CA ILE B 459 26.62 6.74 -21.64
C ILE B 459 25.26 6.28 -21.12
N PHE B 460 24.98 6.52 -19.84
CA PHE B 460 23.70 6.12 -19.28
C PHE B 460 22.54 6.98 -19.75
N ILE B 461 22.80 8.19 -20.24
CA ILE B 461 21.70 9.08 -20.64
C ILE B 461 20.85 8.51 -21.76
N PRO B 462 21.39 8.05 -22.89
CA PRO B 462 20.53 7.53 -23.97
C PRO B 462 19.71 6.31 -23.57
N PHE B 463 20.17 5.53 -22.59
CA PHE B 463 19.33 4.48 -22.03
C PHE B 463 18.19 5.04 -21.19
N LEU B 464 18.47 6.03 -20.34
CA LEU B 464 17.42 6.67 -19.56
C LEU B 464 16.35 7.31 -20.43
N VAL B 465 16.74 7.90 -21.57
CA VAL B 465 15.79 8.53 -22.47
C VAL B 465 15.14 7.54 -23.42
N GLY B 466 15.84 6.46 -23.78
CA GLY B 466 15.28 5.49 -24.69
C GLY B 466 14.44 4.44 -24.00
N LEU B 467 14.49 4.43 -22.67
CA LEU B 467 13.70 3.48 -21.89
C LEU B 467 12.37 4.06 -21.44
N VAL B 468 12.29 5.38 -21.26
CA VAL B 468 11.05 6.06 -20.91
C VAL B 468 10.25 6.42 -22.16
N TRP B 469 10.95 6.84 -23.22
CA TRP B 469 10.28 7.14 -24.48
C TRP B 469 9.54 5.94 -25.03
N MET B 470 10.07 4.74 -24.83
CA MET B 470 9.41 3.51 -25.23
C MET B 470 8.42 3.02 -24.19
N GLY B 471 8.44 3.60 -22.99
CA GLY B 471 7.58 3.12 -21.92
C GLY B 471 6.33 3.94 -21.70
N VAL B 472 6.34 5.20 -22.12
CA VAL B 472 5.20 6.08 -21.99
C VAL B 472 4.47 6.27 -23.32
N TYR B 473 5.21 6.25 -24.43
CA TYR B 473 4.62 6.38 -25.77
C TYR B 473 5.20 5.32 -26.69
N PRO B 474 4.87 4.05 -26.47
CA PRO B 474 5.38 2.99 -27.35
C PRO B 474 4.67 2.94 -28.69
N LYS B 475 3.79 3.91 -28.94
CA LYS B 475 3.06 3.97 -30.20
C LYS B 475 3.93 4.36 -31.38
N VAL B 476 5.10 4.96 -31.13
CA VAL B 476 6.04 5.25 -32.21
C VAL B 476 6.65 4.00 -32.81
N PHE B 477 6.95 3.00 -32.00
CA PHE B 477 7.51 1.74 -32.46
C PHE B 477 6.44 0.77 -32.95
N LEU B 478 5.28 0.74 -32.29
CA LEU B 478 4.25 -0.22 -32.66
C LEU B 478 3.69 0.04 -34.05
N ASP B 479 3.43 1.30 -34.39
CA ASP B 479 2.76 1.59 -35.65
C ASP B 479 3.62 1.29 -36.87
N CYS B 480 4.94 1.12 -36.68
CA CYS B 480 5.81 0.74 -37.78
C CYS B 480 5.85 -0.76 -38.02
N MET B 481 5.25 -1.56 -37.15
CA MET B 481 5.35 -3.01 -37.24
C MET B 481 4.04 -3.72 -37.53
N HIS B 482 2.89 -3.09 -37.27
CA HIS B 482 1.63 -3.80 -37.39
C HIS B 482 1.38 -4.25 -38.83
N THR B 483 1.80 -3.46 -39.81
CA THR B 483 1.68 -3.88 -41.19
C THR B 483 2.55 -5.08 -41.52
N SER B 484 3.62 -5.30 -40.75
CA SER B 484 4.54 -6.41 -40.98
C SER B 484 4.39 -7.55 -39.99
N VAL B 485 3.96 -7.28 -38.75
CA VAL B 485 3.70 -8.35 -37.80
C VAL B 485 2.33 -8.98 -37.97
N SER B 486 1.50 -8.46 -38.86
CA SER B 486 0.22 -9.06 -39.18
C SER B 486 0.26 -9.94 -40.41
N ASN B 487 1.14 -9.62 -41.37
CA ASN B 487 1.40 -10.56 -42.45
C ASN B 487 2.16 -11.79 -41.97
N LEU B 488 2.76 -11.73 -40.78
CA LEU B 488 3.43 -12.87 -40.16
C LEU B 488 2.47 -13.73 -39.36
N VAL B 489 1.52 -13.11 -38.67
CA VAL B 489 0.58 -13.83 -37.82
C VAL B 489 -0.23 -14.80 -38.66
N GLN B 490 -0.61 -14.38 -39.86
CA GLN B 490 -1.30 -15.26 -40.81
C GLN B 490 -0.43 -15.40 -42.07
N HIS B 491 0.06 -16.62 -42.28
CA HIS B 491 0.74 -16.99 -43.51
C HIS B 491 0.10 -18.18 -44.19
N GLY B 492 -0.08 -19.28 -43.46
CA GLY B 492 -0.78 -20.42 -44.02
C GLY B 492 -2.28 -20.27 -44.05
N LYS B 493 -2.82 -19.45 -43.15
CA LYS B 493 -4.26 -19.23 -43.13
C LYS B 493 -4.69 -18.34 -44.29
N PHE B 494 -5.87 -18.61 -44.83
CA PHE B 494 -6.46 -17.82 -45.90
C PHE B 494 -7.88 -17.39 -45.59
N HIS B 495 -8.22 -17.27 -44.32
CA HIS B 495 -9.57 -16.89 -43.91
C HIS B 495 -9.55 -16.28 -42.52
N ASP C 38 21.52 18.44 25.36
CA ASP C 38 22.20 17.94 24.17
C ASP C 38 23.70 17.79 24.42
N ASP C 39 24.10 17.95 25.67
CA ASP C 39 25.49 17.80 26.09
C ASP C 39 25.59 16.61 27.03
N HIS C 40 26.54 15.72 26.74
CA HIS C 40 26.82 14.63 27.66
C HIS C 40 27.25 15.17 29.02
N LEU C 41 26.50 14.81 30.05
CA LEU C 41 26.73 15.34 31.38
C LEU C 41 28.13 14.99 31.87
N SER C 42 28.74 15.92 32.60
CA SER C 42 30.12 15.76 33.04
C SER C 42 30.22 14.61 34.04
N ARG C 43 31.47 14.21 34.32
CA ARG C 43 31.70 13.06 35.19
C ARG C 43 31.13 13.28 36.59
N GLU C 44 31.36 14.47 37.16
CA GLU C 44 30.89 14.74 38.52
C GLU C 44 29.37 14.73 38.59
N ALA C 45 28.70 15.17 37.54
CA ALA C 45 27.25 15.07 37.48
C ALA C 45 26.80 13.62 37.52
N VAL C 46 27.53 12.74 36.82
CA VAL C 46 27.26 11.30 36.86
C VAL C 46 27.48 10.79 38.27
N VAL C 47 28.56 11.25 38.91
CA VAL C 47 28.86 10.82 40.28
C VAL C 47 27.71 11.14 41.21
N ASP C 48 27.12 12.34 41.07
CA ASP C 48 26.02 12.74 41.94
C ASP C 48 24.88 11.73 41.88
N ARG C 49 24.43 11.40 40.67
CA ARG C 49 23.24 10.56 40.53
C ARG C 49 23.53 9.10 40.90
N VAL C 50 24.71 8.59 40.53
CA VAL C 50 25.04 7.21 40.87
C VAL C 50 25.17 7.06 42.39
N LEU C 51 25.83 8.01 43.04
CA LEU C 51 25.90 7.98 44.49
C LEU C 51 24.53 8.15 45.12
N ASP C 52 23.65 8.96 44.53
CA ASP C 52 22.28 9.05 45.04
C ASP C 52 21.58 7.70 44.97
N VAL C 53 21.75 6.99 43.85
CA VAL C 53 21.10 5.69 43.68
C VAL C 53 21.62 4.69 44.70
N VAL C 54 22.93 4.61 44.86
CA VAL C 54 23.49 3.63 45.79
C VAL C 54 23.17 4.01 47.23
N LYS C 55 23.08 5.32 47.51
CA LYS C 55 22.71 5.82 48.83
C LYS C 55 21.28 5.42 49.16
N SER C 56 20.37 5.54 48.20
CA SER C 56 18.96 5.24 48.41
C SER C 56 18.72 3.73 48.24
N PHE C 57 19.25 2.98 49.20
CA PHE C 57 19.07 1.54 49.27
C PHE C 57 18.81 1.17 50.72
N PRO C 58 17.86 0.26 50.98
CA PRO C 58 17.51 -0.04 52.38
C PRO C 58 18.60 -0.75 53.15
N LYS C 59 19.28 -1.72 52.53
CA LYS C 59 20.25 -2.54 53.24
C LYS C 59 21.54 -1.77 53.51
N VAL C 60 21.94 -0.89 52.59
CA VAL C 60 23.22 -0.22 52.73
C VAL C 60 23.15 0.77 53.88
N ASP C 61 24.31 1.14 54.41
CA ASP C 61 24.41 2.23 55.35
C ASP C 61 24.90 3.47 54.61
N PRO C 62 24.10 4.53 54.49
CA PRO C 62 24.53 5.70 53.71
C PRO C 62 25.51 6.57 54.48
N SER C 63 26.05 6.03 55.57
CA SER C 63 26.94 6.82 56.42
C SER C 63 28.21 7.22 55.66
N LYS C 64 28.90 6.25 55.05
CA LYS C 64 30.07 6.56 54.23
C LYS C 64 29.93 5.82 52.91
N VAL C 65 29.65 6.56 51.83
CA VAL C 65 29.60 5.97 50.50
C VAL C 65 30.50 6.78 49.58
N THR C 66 31.78 6.39 49.49
CA THR C 66 32.71 7.03 48.59
C THR C 66 32.49 6.51 47.17
N PRO C 67 32.79 7.32 46.15
CA PRO C 67 32.77 6.77 44.78
C PRO C 67 33.69 5.58 44.59
N GLU C 68 34.77 5.48 45.37
CA GLU C 68 35.69 4.35 45.30
C GLU C 68 35.36 3.37 46.43
N VAL C 69 34.27 2.62 46.24
CA VAL C 69 33.87 1.58 47.20
C VAL C 69 33.54 0.31 46.43
N HIS C 70 33.59 -0.81 47.14
CA HIS C 70 33.26 -2.12 46.58
C HIS C 70 31.98 -2.62 47.22
N PHE C 71 31.04 -3.09 46.39
CA PHE C 71 29.73 -3.49 46.90
C PHE C 71 29.85 -4.65 47.87
N GLN C 72 30.67 -5.66 47.53
CA GLN C 72 30.80 -6.85 48.33
C GLN C 72 32.03 -6.82 49.24
N ASN C 73 32.70 -5.68 49.33
CA ASN C 73 33.89 -5.58 50.17
C ASN C 73 33.92 -4.34 51.04
N ASP C 74 33.12 -3.30 50.76
CA ASP C 74 33.13 -2.10 51.56
C ASP C 74 31.78 -1.87 52.23
N LEU C 75 30.69 -2.15 51.51
CA LEU C 75 29.35 -2.00 52.06
C LEU C 75 28.81 -3.29 52.67
N GLY C 76 29.39 -4.44 52.34
CA GLY C 76 28.94 -5.71 52.88
C GLY C 76 27.50 -6.04 52.53
N LEU C 77 27.24 -6.28 51.25
CA LEU C 77 25.91 -6.56 50.76
C LEU C 77 25.80 -8.01 50.29
N ASP C 78 24.57 -8.43 50.02
CA ASP C 78 24.35 -9.70 49.37
C ASP C 78 24.79 -9.60 47.91
N SER C 79 25.11 -10.76 47.32
CA SER C 79 25.52 -10.77 45.92
C SER C 79 24.40 -10.34 45.01
N LEU C 80 23.17 -10.76 45.32
CA LEU C 80 22.04 -10.54 44.42
C LEU C 80 21.64 -9.07 44.38
N ASP C 81 21.71 -8.37 45.52
CA ASP C 81 21.26 -6.98 45.55
C ASP C 81 22.15 -6.08 44.72
N THR C 82 23.36 -6.55 44.37
CA THR C 82 24.19 -5.81 43.42
C THR C 82 23.51 -5.72 42.06
N VAL C 83 22.85 -6.80 41.64
CA VAL C 83 22.12 -6.79 40.37
C VAL C 83 21.02 -5.74 40.40
N GLU C 84 20.32 -5.63 41.53
CA GLU C 84 19.24 -4.65 41.65
C GLU C 84 19.77 -3.23 41.53
N ILE C 85 20.91 -2.94 42.16
CA ILE C 85 21.47 -1.59 42.09
C ILE C 85 21.91 -1.28 40.66
N VAL C 86 22.52 -2.26 39.99
CA VAL C 86 22.95 -2.07 38.61
C VAL C 86 21.74 -1.79 37.73
N MET C 87 20.64 -2.52 37.94
CA MET C 87 19.43 -2.26 37.18
C MET C 87 18.93 -0.85 37.44
N ALA C 88 18.76 -0.49 38.72
CA ALA C 88 18.27 0.85 39.06
C ALA C 88 19.12 1.93 38.42
N ILE C 89 20.42 1.67 38.28
CA ILE C 89 21.26 2.56 37.50
C ILE C 89 20.86 2.54 36.03
N GLU C 90 20.52 1.35 35.50
CA GLU C 90 20.18 1.25 34.08
C GLU C 90 18.94 2.08 33.73
N GLU C 91 17.84 1.88 34.46
CA GLU C 91 16.66 2.69 34.16
C GLU C 91 16.86 4.17 34.48
N GLU C 92 17.71 4.49 35.47
CA GLU C 92 17.86 5.91 35.82
C GLU C 92 18.45 6.71 34.68
N PHE C 93 19.48 6.17 34.02
CA PHE C 93 20.14 6.85 32.92
C PHE C 93 19.56 6.47 31.56
N LYS C 94 18.55 5.60 31.53
CA LYS C 94 17.93 5.12 30.30
C LYS C 94 18.98 4.54 29.36
N LEU C 95 19.61 3.47 29.83
CA LEU C 95 20.60 2.75 29.04
C LEU C 95 20.49 1.27 29.35
N GLU C 96 20.69 0.45 28.33
CA GLU C 96 20.59 -1.00 28.44
C GLU C 96 22.00 -1.57 28.44
N ILE C 97 22.42 -2.10 29.59
CA ILE C 97 23.73 -2.75 29.69
C ILE C 97 23.59 -4.18 29.15
N PRO C 98 24.42 -4.58 28.19
CA PRO C 98 24.45 -5.99 27.79
C PRO C 98 24.75 -6.86 29.01
N ASP C 99 24.04 -7.99 29.08
CA ASP C 99 23.98 -8.75 30.32
C ASP C 99 25.35 -9.27 30.72
N LYS C 100 26.22 -9.53 29.73
CA LYS C 100 27.52 -10.13 30.01
C LYS C 100 28.35 -9.27 30.95
N GLU C 101 28.46 -7.96 30.67
CA GLU C 101 29.28 -7.11 31.52
C GLU C 101 28.46 -6.39 32.58
N ALA C 102 27.17 -6.69 32.70
CA ALA C 102 26.37 -6.11 33.77
C ALA C 102 26.88 -6.57 35.14
N ASP C 103 27.21 -7.85 35.27
CA ASP C 103 27.72 -8.35 36.54
C ASP C 103 29.15 -7.89 36.78
N LYS C 104 29.85 -7.47 35.73
CA LYS C 104 31.20 -6.94 35.91
C LYS C 104 31.18 -5.69 36.79
N ILE C 105 30.07 -4.96 36.78
CA ILE C 105 29.95 -3.79 37.64
C ILE C 105 29.72 -4.25 39.07
N ASP C 106 30.77 -4.20 39.89
CA ASP C 106 30.64 -4.55 41.29
C ASP C 106 31.16 -3.45 42.21
N SER C 107 31.55 -2.30 41.67
CA SER C 107 32.02 -1.20 42.48
C SER C 107 31.43 0.08 41.91
N CYS C 108 31.27 1.10 42.77
CA CYS C 108 30.74 2.38 42.31
C CYS C 108 31.66 3.03 41.31
N SER C 109 32.96 2.72 41.38
CA SER C 109 33.95 3.26 40.45
C SER C 109 33.66 2.81 39.03
N LEU C 110 33.51 1.49 38.82
CA LEU C 110 33.28 0.98 37.48
C LEU C 110 31.92 1.42 36.93
N ALA C 111 30.90 1.50 37.79
CA ALA C 111 29.57 1.89 37.33
C ALA C 111 29.60 3.29 36.72
N ILE C 112 30.24 4.24 37.40
CA ILE C 112 30.35 5.60 36.87
C ILE C 112 31.11 5.63 35.55
N GLU C 113 32.23 4.89 35.46
CA GLU C 113 33.01 4.89 34.23
C GLU C 113 32.19 4.35 33.07
N TYR C 114 31.43 3.27 33.31
CA TYR C 114 30.64 2.69 32.22
C TYR C 114 29.50 3.62 31.81
N VAL C 115 28.79 4.21 32.77
CA VAL C 115 27.65 5.04 32.42
C VAL C 115 28.15 6.41 31.98
N TYR C 116 29.46 6.63 32.01
CA TYR C 116 30.06 7.84 31.47
C TYR C 116 30.63 7.68 30.07
N ASN C 117 31.31 6.57 29.76
CA ASN C 117 31.92 6.44 28.44
C ASN C 117 30.88 6.19 27.37
N HIS C 118 29.66 5.82 27.77
CA HIS C 118 28.60 5.56 26.82
C HIS C 118 28.09 6.88 26.22
N PRO C 119 28.10 7.03 24.91
CA PRO C 119 27.77 8.34 24.32
C PRO C 119 26.28 8.61 24.22
N MET C 120 25.48 7.55 24.05
CA MET C 120 24.06 7.75 23.81
C MET C 120 23.31 8.13 25.08
N SER C 121 23.93 7.89 26.24
CA SER C 121 23.32 8.24 27.51
C SER C 121 23.18 9.75 27.67
N GLY D 13 29.39 12.92 8.08
CA GLY D 13 30.58 13.21 8.85
C GLY D 13 31.56 14.08 8.08
N ASP D 14 32.79 13.61 7.96
CA ASP D 14 33.82 14.35 7.24
C ASP D 14 33.84 14.02 5.76
N PHE D 15 33.68 12.74 5.40
CA PHE D 15 33.75 12.37 3.99
C PHE D 15 32.45 12.69 3.26
N ARG D 16 31.33 12.79 3.98
CA ARG D 16 30.05 13.07 3.35
C ARG D 16 29.91 14.51 2.90
N ALA D 17 30.93 15.35 3.16
CA ALA D 17 30.99 16.69 2.62
C ALA D 17 31.70 16.75 1.27
N LYS D 18 32.20 15.61 0.78
CA LYS D 18 32.87 15.53 -0.51
C LYS D 18 32.09 14.70 -1.51
N VAL D 19 30.83 14.39 -1.24
CA VAL D 19 30.00 13.56 -2.10
C VAL D 19 28.92 14.45 -2.71
N TRP D 20 28.87 14.53 -4.03
CA TRP D 20 27.89 15.35 -4.72
C TRP D 20 26.63 14.53 -4.98
N SER D 21 25.49 15.03 -4.51
CA SER D 21 24.21 14.38 -4.73
C SER D 21 23.20 15.41 -5.20
N MET D 22 22.27 14.98 -6.05
CA MET D 22 21.25 15.88 -6.57
C MET D 22 20.35 16.38 -5.45
N THR D 23 19.98 15.49 -4.52
CA THR D 23 19.10 15.88 -3.43
C THR D 23 19.78 16.90 -2.52
N GLY D 24 21.09 16.79 -2.34
CA GLY D 24 21.83 17.82 -1.62
C GLY D 24 22.71 17.30 -0.50
N GLY D 25 22.47 16.07 -0.06
CA GLY D 25 23.24 15.49 1.01
C GLY D 25 22.59 15.68 2.36
N PRO D 26 23.29 15.29 3.42
CA PRO D 26 22.74 15.44 4.77
C PRO D 26 22.93 16.84 5.31
N ASN D 27 21.85 17.39 5.87
CA ASN D 27 21.83 18.72 6.47
C ASN D 27 22.34 19.78 5.49
N CYS D 28 21.69 19.81 4.33
CA CYS D 28 22.03 20.75 3.27
C CYS D 28 21.24 22.04 3.46
N ARG D 29 21.95 23.16 3.47
CA ARG D 29 21.34 24.48 3.69
C ARG D 29 22.18 25.52 2.97
N PRO D 30 21.93 25.72 1.67
CA PRO D 30 22.73 26.68 0.90
C PRO D 30 22.54 28.10 1.40
N LYS D 31 23.52 28.95 1.11
CA LYS D 31 23.49 30.32 1.60
C LYS D 31 22.35 31.12 0.99
N HIS D 32 21.96 30.78 -0.25
CA HIS D 32 20.93 31.53 -0.95
C HIS D 32 19.74 30.67 -1.32
N TRP D 33 19.24 29.88 -0.37
CA TRP D 33 18.11 29.00 -0.69
C TRP D 33 16.83 29.79 -0.89
N ARG D 34 16.74 31.01 -0.34
CA ARG D 34 15.56 31.84 -0.54
C ARG D 34 15.40 32.19 -2.02
N ARG D 35 16.46 32.73 -2.62
CA ARG D 35 16.41 33.09 -4.03
C ARG D 35 16.19 31.85 -4.89
N ASN D 36 16.85 30.75 -4.54
CA ASN D 36 16.66 29.51 -5.28
C ASN D 36 15.22 29.02 -5.16
N THR D 37 14.63 29.14 -3.97
CA THR D 37 13.24 28.75 -3.78
C THR D 37 12.30 29.60 -4.64
N ALA D 38 12.55 30.92 -4.68
CA ALA D 38 11.72 31.79 -5.50
C ALA D 38 11.84 31.43 -6.98
N ILE D 39 13.06 31.17 -7.44
CA ILE D 39 13.26 30.78 -8.84
C ILE D 39 12.56 29.47 -9.14
N ALA D 40 12.63 28.51 -8.21
CA ALA D 40 11.99 27.22 -8.43
C ALA D 40 10.46 27.37 -8.52
N MET D 41 9.89 28.18 -7.62
CA MET D 41 8.45 28.42 -7.68
C MET D 41 8.06 29.07 -8.99
N PHE D 42 8.84 30.06 -9.44
CA PHE D 42 8.52 30.76 -10.68
C PHE D 42 8.62 29.83 -11.88
N GLY D 43 9.63 28.95 -11.89
CA GLY D 43 9.73 27.97 -12.95
C GLY D 43 8.60 26.96 -12.94
N VAL D 44 8.17 26.54 -11.75
CA VAL D 44 7.03 25.64 -11.65
C VAL D 44 5.78 26.32 -12.21
N PHE D 45 5.60 27.60 -11.92
CA PHE D 45 4.48 28.34 -12.49
C PHE D 45 4.56 28.39 -14.02
N LEU D 46 5.76 28.68 -14.55
CA LEU D 46 5.92 28.74 -16.00
C LEU D 46 5.73 27.40 -16.68
N VAL D 47 6.01 26.28 -16.01
CA VAL D 47 5.77 24.98 -16.61
C VAL D 47 4.35 24.48 -16.38
N CYS D 48 3.67 25.01 -15.36
CA CYS D 48 2.26 24.68 -15.14
C CYS D 48 1.31 25.48 -16.03
N ILE D 49 1.76 26.63 -16.53
CA ILE D 49 0.90 27.40 -17.45
C ILE D 49 0.54 26.59 -18.69
N PRO D 50 1.50 26.03 -19.44
CA PRO D 50 1.11 25.26 -20.64
C PRO D 50 0.30 24.02 -20.31
N ILE D 51 0.55 23.38 -19.16
CA ILE D 51 -0.25 22.23 -18.78
C ILE D 51 -1.70 22.62 -18.58
N ALA D 52 -1.94 23.77 -17.92
CA ALA D 52 -3.31 24.25 -17.75
C ALA D 52 -3.94 24.60 -19.09
N LYS D 53 -3.17 25.24 -19.98
CA LYS D 53 -3.71 25.60 -21.29
C LYS D 53 -4.08 24.36 -22.09
N LEU D 54 -3.28 23.31 -22.00
CA LEU D 54 -3.62 22.05 -22.66
C LEU D 54 -4.84 21.40 -22.03
N SER D 55 -4.92 21.41 -20.70
CA SER D 55 -6.04 20.78 -20.01
C SER D 55 -7.35 21.46 -20.34
N ALA D 56 -7.35 22.79 -20.47
CA ALA D 56 -8.55 23.51 -20.83
C ALA D 56 -9.04 23.18 -22.24
N LYS D 57 -8.20 22.55 -23.07
CA LYS D 57 -8.57 22.23 -24.44
C LYS D 57 -9.04 20.80 -24.64
N LEU D 58 -8.43 19.82 -23.97
CA LEU D 58 -8.77 18.43 -24.14
C LEU D 58 -9.86 17.93 -23.20
N GLU D 59 -10.36 18.79 -22.32
CA GLU D 59 -11.38 18.40 -21.37
C GLU D 59 -12.75 18.39 -22.03
N GLN D 60 -13.56 17.39 -21.71
CA GLN D 60 -14.89 17.22 -22.31
C GLN D 60 -15.92 17.10 -21.19
N ARG D 61 -16.96 17.93 -21.25
CA ARG D 61 -18.05 17.88 -20.30
C ARG D 61 -19.35 17.57 -21.04
N PRO D 62 -19.84 16.34 -20.99
CA PRO D 62 -21.09 16.03 -21.70
C PRO D 62 -22.32 16.66 -21.07
N HIS D 63 -22.25 17.05 -19.80
CA HIS D 63 -23.40 17.52 -19.05
C HIS D 63 -23.22 18.98 -18.66
N MET D 64 -24.25 19.79 -18.93
CA MET D 64 -24.24 21.15 -18.44
C MET D 64 -24.35 21.17 -16.92
N PRO D 65 -23.61 22.03 -16.24
CA PRO D 65 -23.64 22.05 -14.78
C PRO D 65 -24.96 22.56 -14.24
N VAL D 66 -25.27 22.15 -13.02
CA VAL D 66 -26.48 22.62 -12.35
C VAL D 66 -26.42 24.13 -12.14
N ARG D 67 -25.27 24.62 -11.69
CA ARG D 67 -25.05 26.04 -11.43
C ARG D 67 -23.83 26.50 -12.21
N PRO D 68 -23.69 27.80 -12.49
CA PRO D 68 -22.49 28.28 -13.21
C PRO D 68 -21.22 27.94 -12.46
N ILE D 69 -20.40 27.08 -13.06
CA ILE D 69 -19.16 26.60 -12.44
C ILE D 69 -17.98 27.37 -13.03
N PRO D 70 -16.86 27.49 -12.32
CA PRO D 70 -15.74 28.29 -12.83
C PRO D 70 -15.12 27.73 -14.10
N SER D 71 -15.32 26.46 -14.41
CA SER D 71 -14.71 25.86 -15.59
C SER D 71 -15.34 26.34 -16.89
N GLN D 72 -16.44 27.07 -16.83
CA GLN D 72 -17.05 27.64 -18.03
C GLN D 72 -16.38 28.94 -18.45
N ILE D 73 -15.38 29.40 -17.71
CA ILE D 73 -14.64 30.59 -18.09
C ILE D 73 -13.60 30.30 -19.16
N TRP D 74 -12.91 29.16 -19.08
CA TRP D 74 -11.89 28.80 -20.05
C TRP D 74 -12.28 27.61 -20.92
N CYS D 75 -12.87 26.57 -20.33
CA CYS D 75 -13.26 25.41 -21.11
C CYS D 75 -14.47 25.73 -21.98
N LYS D 76 -14.47 25.16 -23.19
CA LYS D 76 -15.53 25.42 -24.16
C LYS D 76 -16.26 24.17 -24.63
N ASN D 77 -15.85 22.99 -24.17
CA ASN D 77 -16.49 21.73 -24.58
C ASN D 77 -17.58 21.32 -23.60
N PHE D 78 -18.61 22.16 -23.47
CA PHE D 78 -19.73 21.89 -22.59
C PHE D 78 -20.94 21.51 -23.43
N GLY D 79 -21.48 20.32 -23.18
CA GLY D 79 -22.63 19.84 -23.92
C GLY D 79 -22.35 19.65 -25.40
N THR D 80 -21.27 18.95 -25.73
CA THR D 80 -20.88 18.74 -27.11
C THR D 80 -21.04 17.30 -27.57
N LYS D 81 -20.84 16.31 -26.69
CA LYS D 81 -20.92 14.90 -27.06
C LYS D 81 -22.34 14.37 -26.99
N ASP D 82 -23.33 15.24 -26.83
CA ASP D 82 -24.72 14.79 -26.69
C ASP D 82 -25.18 14.00 -27.90
N ASP D 83 -24.63 14.29 -29.07
CA ASP D 83 -24.94 13.53 -30.28
C ASP D 83 -23.86 12.47 -30.47
N TYR D 84 -23.89 11.48 -29.58
CA TYR D 84 -22.87 10.45 -29.53
C TYR D 84 -22.97 9.48 -30.71
N GLU D 85 -24.10 9.49 -31.41
CA GLU D 85 -24.33 8.53 -32.48
C GLU D 85 -23.35 8.74 -33.63
N LYS D 86 -22.77 9.94 -33.73
CA LYS D 86 -21.80 10.26 -34.76
C LYS D 86 -20.37 10.30 -34.23
N GLU D 87 -20.09 9.61 -33.12
CA GLU D 87 -18.75 9.59 -32.59
C GLU D 87 -17.81 8.79 -33.49
N HIS D 88 -16.51 9.00 -33.30
CA HIS D 88 -15.51 8.37 -34.14
C HIS D 88 -14.57 7.50 -33.31
N ARG E 31 14.75 29.70 12.16
CA ARG E 31 15.17 28.55 11.36
C ARG E 31 14.86 28.79 9.88
N TRP E 32 13.89 29.65 9.61
CA TRP E 32 13.49 29.96 8.24
C TRP E 32 13.88 31.39 7.87
N ALA E 33 14.88 31.91 8.59
CA ALA E 33 15.36 33.26 8.35
C ALA E 33 16.87 33.28 8.17
N THR E 34 17.58 32.43 8.91
CA THR E 34 19.03 32.43 8.92
C THR E 34 19.60 31.99 7.57
N PRO E 35 20.60 32.70 7.05
CA PRO E 35 21.26 32.25 5.81
C PRO E 35 22.01 30.95 6.04
N GLY E 36 22.15 30.20 4.95
CA GLY E 36 22.77 28.88 5.02
C GLY E 36 24.27 28.95 5.24
N HIS E 37 24.82 27.81 5.63
CA HIS E 37 26.25 27.70 5.88
C HIS E 37 26.99 27.18 4.65
N GLU E 38 26.40 26.20 3.97
CA GLU E 38 27.01 25.64 2.78
C GLU E 38 26.99 26.65 1.64
N GLU E 39 28.16 27.21 1.32
CA GLU E 39 28.22 28.22 0.26
C GLU E 39 27.93 27.59 -1.10
N ARG E 40 28.56 26.47 -1.40
CA ARG E 40 28.41 25.75 -2.65
C ARG E 40 28.12 24.28 -2.35
N PRO E 41 27.35 23.59 -3.21
CA PRO E 41 26.98 22.20 -2.92
C PRO E 41 28.17 21.30 -2.64
N LYS E 42 28.03 20.45 -1.63
CA LYS E 42 29.12 19.57 -1.21
C LYS E 42 29.47 18.58 -2.31
N GLY E 43 30.76 18.40 -2.54
CA GLY E 43 31.22 17.48 -3.57
C GLY E 43 31.14 18.08 -4.96
N TYR E 44 32.14 17.81 -5.79
CA TYR E 44 32.14 18.33 -7.15
C TYR E 44 31.24 17.49 -8.05
N PHE E 45 30.62 18.16 -9.01
CA PHE E 45 29.74 17.48 -9.95
C PHE E 45 30.54 16.60 -10.89
N MET E 46 30.04 15.38 -11.11
CA MET E 46 30.74 14.35 -11.90
C MET E 46 32.10 14.01 -11.32
N ASN E 47 32.34 14.33 -10.05
CA ASN E 47 33.60 14.09 -9.36
C ASN E 47 34.78 14.58 -10.19
N ARG E 48 34.76 15.87 -10.51
CA ARG E 48 35.84 16.49 -11.25
C ARG E 48 36.26 17.76 -10.55
N THR E 49 37.57 17.90 -10.34
CA THR E 49 38.09 19.14 -9.77
C THR E 49 37.79 20.30 -10.72
N PRO E 50 37.18 21.38 -10.23
CA PRO E 50 36.82 22.46 -11.14
C PRO E 50 38.05 23.15 -11.68
N PRO E 51 37.97 23.70 -12.89
CA PRO E 51 39.20 24.08 -13.61
C PRO E 51 39.96 25.21 -12.94
N ALA E 52 41.10 25.52 -13.53
CA ALA E 52 41.92 26.60 -13.02
C ALA E 52 41.18 27.93 -13.13
N PRO E 53 41.42 28.88 -12.23
CA PRO E 53 40.73 30.16 -12.31
C PRO E 53 41.00 30.87 -13.63
N GLY E 54 39.97 31.50 -14.17
CA GLY E 54 40.09 32.15 -15.48
C GLY E 54 40.36 31.16 -16.60
N GLN E 55 39.86 29.94 -16.48
CA GLN E 55 40.03 28.92 -17.49
C GLN E 55 38.71 28.19 -17.67
N SER E 56 38.74 27.09 -18.43
CA SER E 56 37.54 26.32 -18.72
C SER E 56 37.86 24.84 -18.59
N ARG E 57 36.79 24.04 -18.44
CA ARG E 57 36.92 22.60 -18.38
C ARG E 57 37.27 22.08 -19.76
N LYS E 58 38.56 21.81 -20.01
CA LYS E 58 39.00 21.30 -21.29
C LYS E 58 38.29 20.00 -21.63
N TRP E 59 37.63 19.96 -22.78
CA TRP E 59 36.84 18.80 -23.15
C TRP E 59 37.73 17.62 -23.51
N GLU E 60 37.20 16.42 -23.28
CA GLU E 60 37.92 15.20 -23.64
C GLU E 60 37.85 15.00 -25.16
N ASP E 61 38.43 13.91 -25.64
CA ASP E 61 38.48 13.64 -27.07
C ASP E 61 37.21 13.01 -27.60
N TRP E 62 36.24 12.72 -26.73
CA TRP E 62 34.99 12.10 -27.15
C TRP E 62 33.79 13.03 -27.04
N GLU E 63 33.88 14.08 -26.22
CA GLU E 63 32.70 14.87 -25.90
C GLU E 63 32.11 15.58 -27.12
N LEU E 64 32.93 16.25 -27.94
CA LEU E 64 32.38 16.94 -29.09
C LEU E 64 31.77 15.97 -30.10
N PRO E 65 32.47 14.90 -30.52
CA PRO E 65 31.86 13.94 -31.44
C PRO E 65 30.63 13.25 -30.88
N CYS E 66 30.51 13.15 -29.56
CA CYS E 66 29.31 12.59 -28.96
C CYS E 66 28.21 13.62 -28.76
N TYR E 67 28.54 14.87 -28.47
CA TYR E 67 27.50 15.89 -28.34
C TYR E 67 26.90 16.28 -29.69
N ILE E 68 27.70 16.36 -30.76
CA ILE E 68 27.11 16.65 -32.06
C ILE E 68 26.21 15.51 -32.50
N THR E 69 26.56 14.26 -32.15
CA THR E 69 25.73 13.10 -32.45
C THR E 69 24.47 13.04 -31.59
N SER E 70 24.54 13.46 -30.33
CA SER E 70 23.37 13.52 -29.48
C SER E 70 22.49 14.73 -29.76
N PHE E 71 23.00 15.70 -30.52
CA PHE E 71 22.19 16.80 -31.04
C PHE E 71 21.53 16.47 -32.37
N LEU E 72 22.28 15.95 -33.33
CA LEU E 72 21.69 15.56 -34.61
C LEU E 72 20.67 14.45 -34.44
N THR E 73 20.87 13.57 -33.45
CA THR E 73 19.89 12.52 -33.19
C THR E 73 18.55 13.13 -32.77
N ILE E 74 18.58 14.07 -31.83
CA ILE E 74 17.35 14.71 -31.39
C ILE E 74 16.72 15.50 -32.53
N VAL E 75 17.53 16.22 -33.30
CA VAL E 75 16.98 17.00 -34.41
C VAL E 75 16.32 16.08 -35.44
N ILE E 76 16.98 14.99 -35.81
CA ILE E 76 16.44 14.08 -36.82
C ILE E 76 15.16 13.43 -36.31
N LEU E 77 15.15 13.00 -35.04
CA LEU E 77 13.97 12.31 -34.53
C LEU E 77 12.80 13.26 -34.36
N GLY E 78 13.02 14.42 -33.75
CA GLY E 78 11.95 15.37 -33.55
C GLY E 78 11.41 15.99 -34.81
N VAL E 79 12.28 16.33 -35.75
CA VAL E 79 11.88 17.03 -36.97
C VAL E 79 11.58 16.00 -38.05
N GLY E 80 11.94 14.75 -37.81
CA GLY E 80 11.69 13.72 -38.80
C GLY E 80 10.48 12.85 -38.53
N LEU E 81 10.32 12.42 -37.28
CA LEU E 81 9.18 11.59 -36.94
C LEU E 81 7.89 12.40 -36.89
N ASN E 82 7.98 13.69 -36.58
CA ASN E 82 6.83 14.58 -36.55
C ASN E 82 6.53 15.20 -37.91
N ALA E 83 7.35 14.91 -38.92
CA ALA E 83 7.11 15.43 -40.26
C ALA E 83 6.95 14.34 -41.30
N LYS E 84 7.26 13.09 -40.99
CA LYS E 84 7.00 12.01 -41.93
C LYS E 84 5.49 11.83 -42.08
N PRO E 85 5.00 11.46 -43.26
CA PRO E 85 3.55 11.30 -43.43
C PRO E 85 3.01 10.22 -42.52
N ASP E 86 1.76 10.38 -42.11
CA ASP E 86 1.13 9.41 -41.21
C ASP E 86 0.69 8.16 -41.96
N LEU E 87 1.64 7.55 -42.66
CA LEU E 87 1.36 6.29 -43.34
C LEU E 87 1.32 5.16 -42.32
N SER E 88 0.21 4.43 -42.31
CA SER E 88 0.04 3.33 -41.37
C SER E 88 -1.16 2.48 -41.77
N ILE E 89 -1.33 1.35 -41.10
CA ILE E 89 -2.49 0.50 -41.32
C ILE E 89 -3.62 0.84 -40.35
N GLU E 90 -3.35 1.59 -39.28
CA GLU E 90 -4.38 2.05 -38.36
C GLU E 90 -4.94 3.41 -38.75
N THR E 91 -4.40 4.04 -39.78
CA THR E 91 -4.90 5.32 -40.26
C THR E 91 -5.61 5.11 -41.59
N TRP E 92 -5.01 4.30 -42.46
CA TRP E 92 -5.68 3.91 -43.69
C TRP E 92 -6.98 3.15 -43.44
N ALA E 93 -7.03 2.31 -42.41
CA ALA E 93 -8.23 1.55 -42.13
C ALA E 93 -9.26 2.37 -41.36
N HIS E 94 -8.83 3.40 -40.62
CA HIS E 94 -9.77 4.23 -39.89
C HIS E 94 -10.48 5.20 -40.82
N GLN E 95 -9.99 5.34 -42.05
CA GLN E 95 -10.70 6.08 -43.08
C GLN E 95 -11.33 5.19 -44.13
N LYS E 96 -11.13 3.88 -44.05
CA LYS E 96 -11.83 2.94 -44.92
C LYS E 96 -12.97 2.22 -44.22
N ALA E 97 -12.93 2.08 -42.90
CA ALA E 97 -14.04 1.57 -42.12
C ALA E 97 -15.05 2.66 -41.80
N LEU E 98 -14.57 3.86 -41.50
CA LEU E 98 -15.42 5.03 -41.32
C LEU E 98 -16.19 5.40 -42.57
N GLU E 99 -15.75 4.91 -43.73
CA GLU E 99 -16.44 5.14 -44.99
C GLU E 99 -17.46 4.06 -45.32
N ARG E 100 -17.19 2.79 -45.00
CA ARG E 100 -18.14 1.71 -45.21
C ARG E 100 -19.12 1.54 -44.06
N LEU E 101 -18.76 1.95 -42.85
CA LEU E 101 -19.72 1.93 -41.76
C LEU E 101 -20.84 2.95 -42.00
N GLU E 102 -20.55 3.99 -42.78
CA GLU E 102 -21.57 4.95 -43.16
C GLU E 102 -22.42 4.45 -44.32
N MET E 103 -21.78 3.79 -45.29
CA MET E 103 -22.50 3.38 -46.49
C MET E 103 -23.49 2.25 -46.23
N GLU E 104 -23.36 1.57 -45.09
CA GLU E 104 -24.33 0.53 -44.77
C GLU E 104 -25.71 1.13 -44.49
N LYS E 105 -25.77 2.41 -44.17
CA LYS E 105 -27.03 3.10 -43.91
C LYS E 105 -27.58 3.72 -45.18
N GLY F 2 10.06 28.51 -44.99
CA GLY F 2 9.90 29.48 -43.92
C GLY F 2 9.97 28.85 -42.55
N PHE F 3 9.12 27.84 -42.33
CA PHE F 3 9.08 27.11 -41.07
C PHE F 3 9.58 25.70 -41.34
N ILE F 4 10.32 25.13 -40.39
CA ILE F 4 11.10 23.92 -40.59
C ILE F 4 10.21 22.74 -40.99
N MET F 5 8.97 22.72 -40.49
CA MET F 5 8.11 21.55 -40.70
C MET F 5 7.81 21.35 -42.18
N GLU F 6 7.58 22.44 -42.92
CA GLU F 6 7.27 22.33 -44.34
C GLU F 6 8.43 21.68 -45.10
N PHE F 7 9.65 22.20 -44.88
CA PHE F 7 10.81 21.65 -45.57
C PHE F 7 11.06 20.21 -45.16
N ALA F 8 10.89 19.90 -43.88
CA ALA F 8 11.08 18.53 -43.41
C ALA F 8 10.09 17.58 -44.06
N GLU F 9 8.83 18.02 -44.19
CA GLU F 9 7.82 17.17 -44.82
C GLU F 9 8.12 16.94 -46.29
N ASN F 10 8.43 18.02 -47.02
CA ASN F 10 8.73 17.89 -48.45
C ASN F 10 10.08 17.23 -48.72
N LEU F 11 10.92 17.09 -47.70
CA LEU F 11 12.15 16.32 -47.82
C LEU F 11 11.94 14.84 -47.52
N VAL F 12 11.15 14.53 -46.49
CA VAL F 12 10.84 13.13 -46.17
C VAL F 12 10.06 12.51 -47.31
N LEU F 13 9.11 13.26 -47.89
CA LEU F 13 8.35 12.74 -49.02
C LEU F 13 9.27 12.47 -50.20
N ARG F 14 10.25 13.34 -50.43
CA ARG F 14 11.21 13.12 -51.51
C ARG F 14 12.05 11.89 -51.25
N LEU F 15 12.49 11.70 -49.99
CA LEU F 15 13.31 10.54 -49.66
C LEU F 15 12.54 9.24 -49.84
N MET F 16 11.28 9.22 -49.41
CA MET F 16 10.48 8.00 -49.47
C MET F 16 10.26 7.54 -50.90
N GLY G 9 8.73 24.98 34.31
CA GLY G 9 9.26 23.75 34.88
C GLY G 9 9.35 23.77 36.39
N ILE G 10 8.99 22.63 37.01
CA ILE G 10 9.05 22.49 38.45
C ILE G 10 9.78 21.19 38.76
N THR G 11 10.70 21.23 39.72
CA THR G 11 11.50 20.08 40.10
C THR G 11 11.02 19.54 41.43
N TYR G 12 10.68 18.24 41.45
CA TYR G 12 10.26 17.57 42.67
C TYR G 12 11.44 16.87 43.35
N LYS G 13 12.07 15.93 42.65
CA LYS G 13 13.32 15.30 43.06
C LYS G 13 14.17 15.12 41.80
N GLY G 14 14.98 16.13 41.51
CA GLY G 14 15.81 16.10 40.31
C GLY G 14 15.06 16.27 39.01
N VAL G 15 14.08 15.40 38.75
CA VAL G 15 13.31 15.48 37.51
C VAL G 15 12.48 16.75 37.50
N THR G 16 12.37 17.37 36.33
CA THR G 16 11.56 18.56 36.14
C THR G 16 10.56 18.31 35.01
N VAL G 17 9.39 18.94 35.10
CA VAL G 17 8.35 18.83 34.09
C VAL G 17 8.07 20.23 33.57
N HIS G 18 8.36 20.47 32.29
CA HIS G 18 8.13 21.78 31.71
C HIS G 18 6.63 22.03 31.55
N THR G 19 6.16 23.14 32.10
CA THR G 19 4.75 23.48 31.97
C THR G 19 4.42 23.80 30.51
N PRO G 20 3.31 23.30 29.97
CA PRO G 20 2.97 23.60 28.58
C PRO G 20 2.57 25.05 28.42
N LYS G 21 2.77 25.57 27.20
CA LYS G 21 2.40 26.94 26.92
C LYS G 21 0.89 27.09 26.94
N THR G 22 0.43 28.34 27.15
CA THR G 22 -0.99 28.60 27.28
C THR G 22 -1.74 28.23 26.01
N TRP G 23 -1.09 28.37 24.85
CA TRP G 23 -1.75 28.11 23.58
C TRP G 23 -2.24 26.66 23.49
N HIS G 24 -1.42 25.71 23.96
CA HIS G 24 -1.79 24.31 23.85
C HIS G 24 -2.95 23.94 24.77
N THR G 25 -2.90 24.37 26.03
CA THR G 25 -3.95 24.04 26.97
C THR G 25 -5.29 24.62 26.53
N VAL G 26 -5.28 25.89 26.12
CA VAL G 26 -6.51 26.56 25.70
C VAL G 26 -7.11 25.85 24.49
N THR G 27 -6.26 25.54 23.50
CA THR G 27 -6.76 24.89 22.29
C THR G 27 -7.32 23.51 22.58
N GLY G 28 -6.61 22.72 23.40
CA GLY G 28 -7.10 21.40 23.74
C GLY G 28 -8.42 21.45 24.48
N LYS G 29 -8.53 22.32 25.49
CA LYS G 29 -9.79 22.44 26.22
C LYS G 29 -10.91 22.92 25.31
N GLY G 30 -10.62 23.88 24.42
CA GLY G 30 -11.64 24.37 23.51
C GLY G 30 -12.14 23.29 22.58
N LEU G 31 -11.23 22.51 21.99
CA LEU G 31 -11.65 21.44 21.10
C LEU G 31 -12.45 20.38 21.83
N CYS G 32 -12.02 20.00 23.03
CA CYS G 32 -12.79 19.01 23.79
C CYS G 32 -14.17 19.54 24.16
N ALA G 33 -14.26 20.80 24.56
CA ALA G 33 -15.57 21.38 24.90
C ALA G 33 -16.47 21.44 23.68
N VAL G 34 -15.91 21.77 22.52
CA VAL G 34 -16.69 21.76 21.29
C VAL G 34 -17.19 20.36 20.99
N MET G 35 -16.35 19.35 21.20
CA MET G 35 -16.79 17.96 21.00
C MET G 35 -17.96 17.61 21.90
N TRP G 36 -17.85 17.91 23.20
CA TRP G 36 -18.93 17.57 24.12
C TRP G 36 -20.21 18.32 23.79
N PHE G 37 -20.10 19.61 23.50
CA PHE G 37 -21.29 20.40 23.17
C PHE G 37 -21.94 19.91 21.90
N TRP G 38 -21.14 19.55 20.89
CA TRP G 38 -21.69 19.03 19.65
C TRP G 38 -22.40 17.70 19.88
N ILE G 39 -21.81 16.83 20.70
CA ILE G 39 -22.45 15.55 20.98
C ILE G 39 -23.79 15.77 21.67
N LEU G 40 -23.82 16.65 22.67
CA LEU G 40 -25.08 16.90 23.39
C LEU G 40 -26.11 17.54 22.48
N TYR G 41 -25.69 18.50 21.64
CA TYR G 41 -26.61 19.18 20.74
C TYR G 41 -27.21 18.21 19.74
N ARG G 42 -26.38 17.31 19.19
CA ARG G 42 -26.91 16.28 18.30
C ARG G 42 -27.84 15.32 19.05
N ALA G 43 -27.52 15.01 20.31
CA ALA G 43 -28.38 14.13 21.08
C ALA G 43 -29.75 14.74 21.28
N LYS G 44 -29.81 16.05 21.51
CA LYS G 44 -31.11 16.70 21.69
C LYS G 44 -31.90 16.73 20.38
N GLN G 45 -31.22 16.65 19.24
CA GLN G 45 -31.90 16.79 17.95
C GLN G 45 -32.46 15.46 17.45
N ASP G 46 -31.59 14.47 17.23
CA ASP G 46 -32.03 13.17 16.71
C ASP G 46 -31.77 12.02 17.65
N GLY G 47 -31.56 12.28 18.94
CA GLY G 47 -31.41 11.23 19.92
C GLY G 47 -32.62 10.33 20.04
N PRO G 48 -33.82 10.91 20.14
CA PRO G 48 -35.03 10.09 20.13
C PRO G 48 -35.18 9.24 18.88
N VAL G 49 -34.74 9.74 17.72
CA VAL G 49 -34.83 8.97 16.49
C VAL G 49 -33.96 7.71 16.58
N VAL G 50 -32.73 7.87 17.06
CA VAL G 50 -31.83 6.73 17.23
C VAL G 50 -32.40 5.79 18.29
N MET G 51 -32.95 6.35 19.36
CA MET G 51 -33.58 5.56 20.41
C MET G 51 -34.76 4.75 19.91
N GLY G 52 -35.34 5.11 18.77
CA GLY G 52 -36.53 4.46 18.27
C GLY G 52 -37.80 4.94 18.92
N TRP G 53 -37.74 6.05 19.66
CA TRP G 53 -38.93 6.61 20.28
C TRP G 53 -39.84 7.33 19.32
N ARG G 54 -39.29 7.95 18.27
CA ARG G 54 -40.11 8.71 17.34
C ARG G 54 -39.39 8.79 16.01
N HIS G 55 -40.12 8.55 14.95
CA HIS G 55 -39.65 8.61 13.59
C HIS G 55 -39.35 10.05 13.21
N PRO G 56 -38.50 10.28 12.19
CA PRO G 56 -38.25 11.66 11.75
C PRO G 56 -39.55 12.42 11.50
N TRP G 57 -40.35 11.95 10.54
CA TRP G 57 -41.77 12.25 10.57
C TRP G 57 -42.55 11.07 9.99
N ASP G 58 -41.90 9.91 9.90
CA ASP G 58 -42.51 8.76 9.24
C ASP G 58 -43.79 8.32 9.95
N GLY G 59 -43.76 8.28 11.28
CA GLY G 59 -44.93 7.87 12.04
C GLY G 59 -44.61 7.46 13.47
N PRO H 4 6.53 -2.19 47.98
CA PRO H 4 6.67 -1.61 49.32
C PRO H 4 6.86 -2.68 50.40
N LEU H 5 7.09 -3.92 49.98
CA LEU H 5 7.32 -5.02 50.90
C LEU H 5 8.57 -5.77 50.45
N GLY H 6 9.41 -6.13 51.41
CA GLY H 6 10.66 -6.81 51.09
C GLY H 6 11.77 -5.84 50.75
N THR H 7 13.00 -6.34 50.80
CA THR H 7 14.15 -5.49 50.52
C THR H 7 14.15 -5.01 49.08
N THR H 8 13.82 -5.89 48.14
CA THR H 8 13.78 -5.50 46.73
C THR H 8 12.68 -4.48 46.48
N GLY H 9 11.47 -4.76 46.96
CA GLY H 9 10.36 -3.86 46.77
C GLY H 9 10.57 -2.51 47.40
N GLU H 10 11.13 -2.49 48.61
CA GLU H 10 11.39 -1.25 49.33
C GLU H 10 12.36 -0.39 48.54
N PHE H 11 13.40 -1.02 47.99
CA PHE H 11 14.40 -0.28 47.23
C PHE H 11 13.80 0.37 45.99
N PHE H 12 13.08 -0.42 45.18
CA PHE H 12 12.52 0.13 43.94
C PHE H 12 11.44 1.17 44.24
N ARG H 13 10.64 0.93 45.28
CA ARG H 13 9.64 1.91 45.68
C ARG H 13 10.28 3.22 46.12
N ARG H 14 11.38 3.12 46.87
CA ARG H 14 12.07 4.33 47.31
C ARG H 14 12.71 5.07 46.14
N ARG H 15 13.06 4.35 45.07
CA ARG H 15 13.66 5.00 43.91
C ARG H 15 12.61 5.79 43.12
N ASP H 16 11.35 5.34 43.15
CA ASP H 16 10.28 5.96 42.38
C ASP H 16 9.57 7.07 43.15
N GLU H 17 10.22 7.67 44.13
CA GLU H 17 9.56 8.75 44.86
C GLU H 17 9.45 10.03 44.04
N TRP H 18 9.96 10.05 42.81
CA TRP H 18 9.73 11.17 41.91
C TRP H 18 8.49 10.99 41.05
N ARG H 19 7.94 9.78 40.99
CA ARG H 19 6.75 9.54 40.18
C ARG H 19 5.53 10.23 40.78
N LYS H 20 5.59 10.62 42.05
CA LYS H 20 4.48 11.32 42.69
C LYS H 20 4.58 12.82 42.43
N HIS H 21 5.25 13.19 41.35
CA HIS H 21 5.32 14.57 40.94
C HIS H 21 3.91 15.12 40.72
N PRO H 22 3.60 16.32 41.23
CA PRO H 22 2.22 16.82 41.18
C PRO H 22 1.62 16.84 39.79
N MET H 23 2.42 17.21 38.78
CA MET H 23 1.92 17.24 37.42
C MET H 23 1.64 15.84 36.90
N LEU H 24 2.37 14.85 37.41
CA LEU H 24 2.25 13.48 36.93
C LEU H 24 1.44 12.58 37.85
N SER H 25 1.22 12.99 39.11
CA SER H 25 0.61 12.12 40.10
C SER H 25 -0.79 11.69 39.71
N ASN H 26 -1.73 12.63 39.67
CA ASN H 26 -3.11 12.28 39.33
C ASN H 26 -3.47 12.80 37.95
N GLN H 27 -3.90 11.89 37.08
CA GLN H 27 -4.32 12.24 35.74
C GLN H 27 -5.76 11.89 35.46
N MET H 28 -6.46 11.25 36.41
CA MET H 28 -7.87 10.97 36.24
C MET H 28 -8.72 12.23 36.28
N ARG H 29 -8.29 13.24 37.03
CA ARG H 29 -8.99 14.51 37.12
C ARG H 29 -8.98 15.26 35.79
N HIS H 30 -8.05 14.93 34.90
CA HIS H 30 -7.98 15.54 33.58
C HIS H 30 -8.37 14.55 32.49
N ALA H 31 -9.08 13.48 32.83
CA ALA H 31 -9.46 12.48 31.85
C ALA H 31 -10.39 13.07 30.79
N LEU H 32 -11.34 13.89 31.22
CA LEU H 32 -12.24 14.56 30.30
C LEU H 32 -11.94 16.05 30.33
N PRO H 33 -11.18 16.59 29.38
CA PRO H 33 -10.71 17.98 29.49
C PRO H 33 -11.81 19.03 29.57
N GLY H 34 -12.66 19.10 28.55
CA GLY H 34 -13.59 20.20 28.45
C GLY H 34 -15.04 19.85 28.71
N ILE H 35 -15.28 18.91 29.62
CA ILE H 35 -16.65 18.51 29.94
C ILE H 35 -17.38 19.61 30.70
N GLY H 36 -16.70 20.34 31.58
CA GLY H 36 -17.38 21.39 32.33
C GLY H 36 -17.82 22.55 31.46
N ILE H 37 -16.94 23.02 30.58
CA ILE H 37 -17.27 24.16 29.73
C ILE H 37 -18.31 23.75 28.69
N GLY H 38 -18.18 22.56 28.12
CA GLY H 38 -19.17 22.09 27.16
C GLY H 38 -20.54 21.94 27.78
N VAL H 39 -20.61 21.35 28.98
CA VAL H 39 -21.90 21.19 29.65
C VAL H 39 -22.49 22.55 30.01
N GLY H 40 -21.64 23.48 30.47
CA GLY H 40 -22.13 24.81 30.79
C GLY H 40 -22.70 25.52 29.57
N ALA H 41 -21.98 25.46 28.46
CA ALA H 41 -22.46 26.10 27.23
C ALA H 41 -23.76 25.45 26.75
N PHE H 42 -23.83 24.11 26.82
CA PHE H 42 -25.06 23.44 26.40
C PHE H 42 -26.23 23.79 27.31
N CYS H 43 -25.98 23.95 28.61
CA CYS H 43 -27.05 24.36 29.51
C CYS H 43 -27.52 25.77 29.20
N VAL H 44 -26.59 26.67 28.88
CA VAL H 44 -26.95 28.02 28.48
C VAL H 44 -27.81 27.98 27.22
N TYR H 45 -27.41 27.17 26.26
CA TYR H 45 -28.19 27.02 25.02
C TYR H 45 -29.58 26.45 25.31
N LEU H 46 -29.65 25.45 26.19
CA LEU H 46 -30.92 24.78 26.47
C LEU H 46 -31.89 25.69 27.20
N VAL H 47 -31.40 26.53 28.11
CA VAL H 47 -32.24 27.45 28.86
C VAL H 47 -32.58 28.69 28.04
N GLY H 48 -31.64 29.14 27.21
CA GLY H 48 -31.86 30.38 26.47
C GLY H 48 -32.89 30.25 25.38
N GLU H 49 -33.06 29.04 24.82
CA GLU H 49 -33.93 28.87 23.67
C GLU H 49 -35.38 29.21 23.96
N GLN H 50 -35.88 28.76 25.11
CA GLN H 50 -37.27 29.01 25.48
C GLN H 50 -37.48 30.47 25.90
N LYS I 45 37.40 -19.77 10.34
CA LYS I 45 35.95 -19.75 10.36
C LYS I 45 35.37 -19.68 8.94
N PRO I 46 35.53 -20.75 8.16
CA PRO I 46 35.02 -20.75 6.79
C PRO I 46 33.51 -20.58 6.78
N LEU I 47 33.03 -19.80 5.81
CA LEU I 47 31.61 -19.51 5.72
C LEU I 47 30.82 -20.74 5.29
N SER I 48 29.59 -20.84 5.78
CA SER I 48 28.71 -21.94 5.41
C SER I 48 28.28 -21.79 3.95
N VAL I 49 27.96 -22.93 3.34
CA VAL I 49 27.54 -22.90 1.93
C VAL I 49 26.26 -22.12 1.75
N ASN I 50 25.30 -22.29 2.66
CA ASN I 50 24.04 -21.53 2.60
C ASN I 50 24.11 -20.26 3.42
N ASP I 51 25.17 -19.47 3.21
CA ASP I 51 25.31 -18.20 3.91
C ASP I 51 24.85 -17.04 3.03
N GLU I 52 23.57 -17.05 2.64
CA GLU I 52 22.99 -15.91 1.93
C GLU I 52 21.59 -15.57 2.37
N LEU I 53 21.01 -16.32 3.31
CA LEU I 53 19.64 -16.08 3.76
C LEU I 53 19.53 -15.94 5.28
N MET I 54 20.63 -16.13 6.01
CA MET I 54 20.59 -16.04 7.47
C MET I 54 20.29 -14.61 7.95
N ALA I 70 9.63 -15.35 17.74
CA ALA I 70 8.84 -16.53 18.06
C ALA I 70 9.75 -17.70 18.40
N ASP I 71 10.65 -17.49 19.37
CA ASP I 71 11.56 -18.55 19.77
C ASP I 71 10.91 -19.54 20.72
N THR I 72 9.74 -19.20 21.26
CA THR I 72 9.04 -20.05 22.22
C THR I 72 8.14 -21.08 21.55
N VAL I 73 8.12 -21.14 20.22
CA VAL I 73 7.25 -22.04 19.49
C VAL I 73 8.06 -22.78 18.43
N GLY I 74 7.51 -23.90 18.00
CA GLY I 74 8.07 -24.67 16.90
C GLY I 74 7.17 -24.56 15.68
N LYS I 75 7.73 -24.88 14.51
CA LYS I 75 6.98 -24.70 13.27
C LYS I 75 5.70 -25.52 13.25
N TYR I 76 5.78 -26.79 13.68
CA TYR I 76 4.59 -27.65 13.64
C TYR I 76 3.61 -27.29 14.73
N GLU I 77 4.09 -26.95 15.92
CA GLU I 77 3.19 -26.56 17.00
C GLU I 77 2.48 -25.25 16.68
N ALA I 78 3.23 -24.28 16.14
CA ALA I 78 2.61 -23.02 15.75
C ALA I 78 1.65 -23.22 14.57
N LEU I 79 1.98 -24.15 13.67
CA LEU I 79 1.04 -24.48 12.59
C LEU I 79 -0.25 -25.06 13.14
N ALA I 80 -0.14 -25.92 14.16
CA ALA I 80 -1.33 -26.48 14.79
C ALA I 80 -2.17 -25.38 15.43
N TRP I 81 -1.52 -24.44 16.10
CA TRP I 81 -2.24 -23.33 16.72
C TRP I 81 -2.93 -22.47 15.67
N LEU I 82 -2.23 -22.18 14.57
CA LEU I 82 -2.83 -21.38 13.50
C LEU I 82 -4.00 -22.12 12.86
N SER I 83 -3.86 -23.44 12.69
CA SER I 83 -4.95 -24.23 12.13
C SER I 83 -6.17 -24.20 13.03
N GLY I 84 -5.97 -24.28 14.36
CA GLY I 84 -7.10 -24.13 15.27
C GLY I 84 -7.73 -22.76 15.19
N GLY I 85 -6.91 -21.71 15.14
CA GLY I 85 -7.43 -20.36 15.04
C GLY I 85 -8.25 -20.14 13.78
N LEU I 86 -7.78 -20.70 12.66
CA LEU I 86 -8.49 -20.57 11.40
C LEU I 86 -9.65 -21.55 11.26
N GLY I 87 -9.68 -22.62 12.06
CA GLY I 87 -10.80 -23.53 12.07
C GLY I 87 -11.91 -22.97 12.94
N PHE I 88 -11.55 -22.01 13.79
CA PHE I 88 -12.57 -21.24 14.49
C PHE I 88 -13.48 -20.52 13.48
N PHE I 89 -12.88 -19.93 12.44
CA PHE I 89 -13.67 -19.28 11.40
C PHE I 89 -14.56 -20.28 10.67
N VAL I 90 -14.03 -21.47 10.40
CA VAL I 90 -14.83 -22.49 9.71
C VAL I 90 -16.00 -22.92 10.60
N GLY I 91 -15.75 -23.06 11.90
CA GLY I 91 -16.84 -23.39 12.81
C GLY I 91 -17.92 -22.32 12.84
N LEU I 92 -17.50 -21.06 12.84
CA LEU I 92 -18.49 -19.98 12.77
C LEU I 92 -19.23 -19.99 11.45
N GLY I 93 -18.56 -20.35 10.35
CA GLY I 93 -19.25 -20.45 9.08
C GLY I 93 -20.29 -21.55 9.06
N LEU I 94 -19.95 -22.71 9.63
CA LEU I 94 -20.92 -23.80 9.72
C LEU I 94 -22.07 -23.42 10.66
N LEU I 95 -21.79 -22.68 11.72
CA LEU I 95 -22.87 -22.20 12.59
C LEU I 95 -23.79 -21.24 11.84
N ALA I 96 -23.21 -20.37 11.01
CA ALA I 96 -24.03 -19.47 10.20
C ALA I 96 -24.88 -20.25 9.21
N VAL I 97 -24.31 -21.32 8.64
CA VAL I 97 -25.10 -22.20 7.76
C VAL I 97 -26.25 -22.82 8.54
N LEU I 98 -25.98 -23.31 9.75
CA LEU I 98 -27.01 -23.96 10.55
C LEU I 98 -28.10 -22.99 10.97
N ASN I 99 -27.75 -21.71 11.15
CA ASN I 99 -28.76 -20.73 11.56
C ASN I 99 -29.84 -20.58 10.50
N ASP I 100 -29.46 -20.63 9.22
CA ASP I 100 -30.39 -20.54 8.10
C ASP I 100 -31.19 -19.24 8.18
N LYS I 101 -30.47 -18.13 8.06
CA LYS I 101 -31.09 -16.82 8.18
C LYS I 101 -31.99 -16.53 6.97
N ALA I 102 -31.72 -17.18 5.84
CA ALA I 102 -32.51 -16.93 4.64
C ALA I 102 -33.96 -17.33 4.82
N SER I 103 -34.22 -18.39 5.60
CA SER I 103 -35.57 -18.87 5.79
C SER I 103 -36.37 -18.00 6.77
N LYS I 104 -35.70 -17.12 7.52
CA LYS I 104 -36.36 -16.29 8.52
C LYS I 104 -36.41 -14.82 8.12
N VAL I 105 -36.37 -14.53 6.82
CA VAL I 105 -36.44 -13.15 6.33
C VAL I 105 -37.81 -12.58 6.68
N PRO I 106 -37.88 -11.37 7.23
CA PRO I 106 -39.17 -10.83 7.67
C PRO I 106 -39.93 -10.02 6.62
N PHE I 107 -39.41 -9.88 5.41
CA PHE I 107 -40.10 -9.16 4.35
C PHE I 107 -40.04 -9.95 3.05
N THR I 108 -41.09 -9.86 2.25
CA THR I 108 -41.10 -10.54 0.97
C THR I 108 -40.09 -9.87 0.04
N PRO I 109 -39.60 -10.60 -0.98
CA PRO I 109 -38.68 -9.97 -1.93
C PRO I 109 -39.32 -8.76 -2.59
N ARG I 110 -38.51 -7.71 -2.75
CA ARG I 110 -39.01 -6.47 -3.30
C ARG I 110 -39.40 -6.66 -4.77
N VAL I 111 -40.55 -6.11 -5.14
CA VAL I 111 -41.09 -6.26 -6.49
C VAL I 111 -41.13 -4.87 -7.11
N TYR I 112 -40.31 -4.65 -8.12
CA TYR I 112 -40.29 -3.37 -8.81
C TYR I 112 -41.37 -3.32 -9.89
N PRO I 113 -41.80 -2.13 -10.28
CA PRO I 113 -42.86 -2.02 -11.29
C PRO I 113 -42.33 -2.19 -12.70
N TYR I 114 -43.23 -2.08 -13.68
CA TYR I 114 -42.87 -2.19 -15.10
C TYR I 114 -42.15 -3.50 -15.37
N ASP I 115 -42.66 -4.58 -14.76
CA ASP I 115 -42.10 -5.91 -14.85
C ASP I 115 -40.67 -5.82 -14.34
N ASN I 116 -40.51 -5.52 -13.05
CA ASN I 116 -39.23 -5.49 -12.37
C ASN I 116 -38.18 -4.66 -13.11
N LEU I 117 -38.60 -3.56 -13.72
CA LEU I 117 -37.72 -2.67 -14.47
C LEU I 117 -36.93 -3.44 -15.52
N ARG I 118 -37.67 -4.20 -16.34
CA ARG I 118 -37.03 -4.99 -17.39
C ARG I 118 -36.41 -4.09 -18.45
N VAL I 119 -37.17 -3.13 -18.96
CA VAL I 119 -36.67 -2.27 -20.02
C VAL I 119 -35.52 -1.41 -19.53
N GLU I 120 -35.63 -0.87 -18.32
CA GLU I 120 -34.60 0.01 -17.78
C GLU I 120 -33.35 -0.73 -17.35
N LEU I 121 -33.37 -2.07 -17.34
CA LEU I 121 -32.20 -2.86 -16.95
C LEU I 121 -31.57 -3.57 -18.14
N GLY I 122 -31.92 -3.17 -19.36
CA GLY I 122 -31.36 -3.77 -20.56
C GLY I 122 -32.21 -4.86 -21.17
N GLY I 123 -33.42 -5.08 -20.67
CA GLY I 123 -34.29 -6.11 -21.22
C GLY I 123 -34.84 -5.75 -22.58
N GLU I 124 -35.46 -6.72 -23.24
CA GLU I 124 -36.02 -6.49 -24.57
C GLU I 124 -37.17 -5.48 -24.48
N PRO I 125 -37.22 -4.51 -25.40
CA PRO I 125 -38.28 -3.50 -25.43
C PRO I 125 -39.59 -4.05 -26.00
N GLY J 2 47.35 3.00 1.95
CA GLY J 2 46.17 2.43 1.33
C GLY J 2 45.64 3.28 0.19
N GLY J 3 46.42 3.39 -0.87
CA GLY J 3 46.03 4.19 -2.02
C GLY J 3 45.46 3.36 -3.15
N GLY J 4 44.65 2.37 -2.82
CA GLY J 4 44.07 1.50 -3.82
C GLY J 4 42.59 1.28 -3.65
N MET J 5 41.82 1.47 -4.73
CA MET J 5 40.38 1.26 -4.66
C MET J 5 40.02 -0.21 -4.60
N GLU J 6 40.94 -1.08 -5.02
CA GLU J 6 40.69 -2.51 -5.08
C GLU J 6 40.34 -3.08 -3.71
N THR J 7 39.44 -4.05 -3.67
CA THR J 7 38.96 -4.63 -2.43
C THR J 7 40.07 -5.37 -1.69
N ASN J 8 39.94 -5.41 -0.36
CA ASN J 8 40.80 -6.26 0.47
C ASN J 8 40.10 -7.60 0.62
N LYS J 9 40.35 -8.49 -0.34
CA LYS J 9 39.67 -9.78 -0.38
C LYS J 9 40.03 -10.62 0.82
N ASN J 10 39.02 -11.28 1.39
CA ASN J 10 39.19 -12.16 2.54
C ASN J 10 39.26 -13.60 2.07
N LYS J 11 40.18 -14.37 2.67
CA LYS J 11 40.37 -15.75 2.31
C LYS J 11 39.14 -16.61 2.55
N PHE J 12 38.31 -16.25 3.51
CA PHE J 12 37.10 -17.02 3.79
C PHE J 12 36.01 -16.76 2.76
N ILE J 13 35.72 -15.49 2.45
CA ILE J 13 34.72 -15.17 1.44
C ILE J 13 35.15 -15.61 0.05
N GLU J 14 36.42 -15.41 -0.32
CA GLU J 14 36.94 -15.82 -1.61
C GLU J 14 36.87 -17.33 -1.82
N ASP J 15 37.33 -18.11 -0.85
CA ASP J 15 37.23 -19.56 -0.97
C ASP J 15 35.77 -20.01 -0.92
N TRP J 16 34.94 -19.33 -0.13
CA TRP J 16 33.52 -19.64 -0.13
C TRP J 16 32.89 -19.41 -1.49
N GLY J 17 33.23 -18.29 -2.12
CA GLY J 17 32.71 -18.02 -3.46
C GLY J 17 33.22 -19.00 -4.49
N SER J 18 34.50 -19.37 -4.40
CA SER J 18 35.05 -20.36 -5.31
C SER J 18 34.36 -21.70 -5.15
N ALA J 19 34.09 -22.11 -3.91
CA ALA J 19 33.39 -23.37 -3.67
C ALA J 19 31.95 -23.30 -4.17
N ARG J 20 31.32 -22.14 -4.03
CA ARG J 20 29.93 -21.98 -4.44
C ARG J 20 29.82 -21.82 -5.95
N GLU J 21 30.93 -21.56 -6.63
CA GLU J 21 30.94 -21.55 -8.09
C GLU J 21 31.56 -22.79 -8.70
N ASN J 22 32.23 -23.64 -7.92
CA ASN J 22 32.79 -24.89 -8.42
C ASN J 22 31.93 -26.09 -8.06
N LEU J 23 30.60 -25.93 -8.06
CA LEU J 23 29.71 -27.04 -7.75
C LEU J 23 29.56 -28.02 -8.91
N GLU J 24 30.23 -27.75 -10.04
CA GLU J 24 30.09 -28.62 -11.21
C GLU J 24 30.58 -30.03 -10.91
N HIS J 25 31.72 -30.15 -10.23
CA HIS J 25 32.29 -31.47 -9.92
C HIS J 25 31.86 -31.96 -8.54
N ASN J 26 30.69 -31.55 -8.06
CA ASN J 26 30.15 -32.04 -6.81
C ASN J 26 28.91 -32.92 -6.96
N PHE J 27 28.47 -33.19 -8.19
CA PHE J 27 27.45 -34.20 -8.41
C PHE J 27 27.98 -35.55 -7.95
N ARG J 28 27.18 -36.28 -7.19
CA ARG J 28 27.63 -37.55 -6.63
C ARG J 28 26.67 -38.69 -6.95
N TRP J 29 25.62 -38.39 -7.70
CA TRP J 29 24.70 -39.41 -8.22
C TRP J 29 24.09 -40.23 -7.09
N THR J 30 23.74 -39.55 -6.00
CA THR J 30 23.09 -40.20 -4.88
C THR J 30 21.59 -40.25 -5.11
N ARG J 31 20.90 -41.09 -4.33
CA ARG J 31 19.46 -41.23 -4.47
C ARG J 31 18.72 -39.93 -4.22
N ARG J 32 19.29 -39.02 -3.43
CA ARG J 32 18.69 -37.69 -3.28
C ARG J 32 18.83 -36.90 -4.56
N ASN J 33 20.00 -36.96 -5.21
CA ASN J 33 20.17 -36.30 -6.50
C ASN J 33 19.28 -36.93 -7.57
N PHE J 34 19.17 -38.26 -7.56
CA PHE J 34 18.25 -38.93 -8.47
C PHE J 34 16.82 -38.47 -8.25
N ALA J 35 16.40 -38.36 -6.99
CA ALA J 35 15.04 -37.87 -6.71
C ALA J 35 14.86 -36.45 -7.21
N LEU J 36 15.83 -35.57 -6.94
CA LEU J 36 15.70 -34.17 -7.33
C LEU J 36 15.79 -33.97 -8.84
N ILE J 37 16.42 -34.89 -9.57
CA ILE J 37 16.52 -34.76 -11.02
C ILE J 37 15.42 -35.53 -11.74
N GLY J 38 14.78 -36.48 -11.06
CA GLY J 38 13.71 -37.24 -11.67
C GLY J 38 12.34 -36.75 -11.27
N ILE J 39 12.25 -35.89 -10.26
CA ILE J 39 10.96 -35.31 -9.94
C ILE J 39 10.88 -33.94 -10.61
N PHE J 40 11.69 -32.99 -10.14
CA PHE J 40 11.61 -31.62 -10.62
C PHE J 40 12.30 -31.43 -11.97
N GLY J 41 12.69 -32.52 -12.62
CA GLY J 41 13.26 -32.44 -13.95
C GLY J 41 12.59 -33.36 -14.94
N ILE J 42 11.81 -34.33 -14.46
CA ILE J 42 11.20 -35.32 -15.34
C ILE J 42 9.69 -35.37 -15.17
N ALA J 43 9.17 -35.04 -13.99
CA ALA J 43 7.74 -35.16 -13.74
C ALA J 43 7.03 -33.83 -13.92
N LEU J 44 7.57 -32.78 -13.31
CA LEU J 44 6.96 -31.45 -13.44
C LEU J 44 6.84 -30.98 -14.89
N PRO J 45 7.85 -31.13 -15.75
CA PRO J 45 7.63 -30.79 -17.16
C PRO J 45 6.52 -31.61 -17.81
N ILE J 46 6.42 -32.90 -17.48
CA ILE J 46 5.34 -33.73 -18.02
C ILE J 46 3.99 -33.24 -17.51
N ILE J 47 3.91 -32.92 -16.22
CA ILE J 47 2.66 -32.44 -15.65
C ILE J 47 2.23 -31.15 -16.35
N VAL J 48 3.17 -30.23 -16.54
CA VAL J 48 2.86 -28.96 -17.19
C VAL J 48 2.42 -29.18 -18.63
N TYR J 49 3.14 -30.04 -19.36
CA TYR J 49 2.78 -30.28 -20.75
C TYR J 49 1.40 -30.90 -20.87
N LYS J 50 1.09 -31.86 -19.99
CA LYS J 50 -0.26 -32.40 -19.95
C LYS J 50 -1.28 -31.30 -19.67
N GLY J 51 -0.92 -30.35 -18.79
CA GLY J 51 -1.83 -29.26 -18.49
C GLY J 51 -2.17 -28.41 -19.70
N ILE J 52 -1.16 -27.98 -20.44
CA ILE J 52 -1.44 -27.19 -21.66
C ILE J 52 -2.19 -28.01 -22.69
N VAL J 53 -1.81 -29.28 -22.88
CA VAL J 53 -2.50 -30.08 -23.90
C VAL J 53 -3.96 -30.26 -23.54
N LYS J 54 -4.25 -30.54 -22.27
CA LYS J 54 -5.64 -30.75 -21.87
C LYS J 54 -6.43 -29.44 -21.89
N ASP J 55 -5.76 -28.32 -21.61
CA ASP J 55 -6.40 -27.02 -21.73
C ASP J 55 -6.82 -26.74 -23.17
N PHE J 56 -5.91 -27.02 -24.11
CA PHE J 56 -6.25 -26.89 -25.53
C PHE J 56 -7.39 -27.82 -25.91
N HIS J 57 -7.38 -29.04 -25.38
CA HIS J 57 -8.45 -29.98 -25.70
C HIS J 57 -9.80 -29.48 -25.22
N MET J 58 -9.85 -28.93 -24.00
CA MET J 58 -11.12 -28.44 -23.45
C MET J 58 -11.59 -27.18 -24.19
N GLN J 59 -10.65 -26.33 -24.61
CA GLN J 59 -11.04 -25.21 -25.45
C GLN J 59 -11.61 -25.70 -26.77
N ASP J 60 -11.03 -26.76 -27.32
CA ASP J 60 -11.53 -27.31 -28.58
C ASP J 60 -12.94 -27.86 -28.42
N GLU J 61 -13.19 -28.59 -27.32
CA GLU J 61 -14.50 -29.25 -27.17
C GLU J 61 -15.60 -28.23 -26.91
N ASP J 62 -15.29 -27.13 -26.22
CA ASP J 62 -16.30 -26.13 -25.92
C ASP J 62 -16.83 -25.49 -27.19
N ALA J 63 -15.93 -25.19 -28.14
CA ALA J 63 -16.35 -24.62 -29.41
C ALA J 63 -17.02 -25.64 -30.32
N GLY J 64 -17.00 -26.93 -29.96
CA GLY J 64 -17.56 -27.98 -30.78
C GLY J 64 -16.62 -28.58 -31.78
N ARG J 65 -15.48 -27.94 -32.04
CA ARG J 65 -14.49 -28.49 -32.94
C ARG J 65 -13.81 -29.69 -32.30
N PRO J 66 -13.51 -30.74 -33.08
CA PRO J 66 -12.81 -31.90 -32.52
C PRO J 66 -11.40 -31.54 -32.09
N HIS J 67 -10.82 -32.44 -31.28
CA HIS J 67 -9.51 -32.20 -30.71
C HIS J 67 -8.45 -32.10 -31.80
N ARG J 68 -7.47 -31.23 -31.57
CA ARG J 68 -6.33 -31.07 -32.46
C ARG J 68 -5.20 -32.01 -32.06
N LYS J 69 -4.58 -32.63 -33.06
CA LYS J 69 -3.47 -33.56 -32.83
C LYS J 69 -2.21 -32.76 -32.54
N PHE J 70 -2.06 -32.38 -31.26
CA PHE J 70 -0.89 -31.62 -30.81
C PHE J 70 0.27 -32.58 -30.60
N LEU J 71 0.83 -33.04 -31.72
CA LEU J 71 1.93 -33.99 -31.69
C LEU J 71 2.83 -33.83 -32.91
N ALA K 7 40.92 -26.19 41.95
CA ALA K 7 40.39 -25.32 40.90
C ALA K 7 38.87 -25.24 40.99
N ALA K 8 38.24 -26.36 41.32
CA ALA K 8 36.79 -26.39 41.45
C ALA K 8 36.31 -25.42 42.51
N TYR K 9 37.07 -25.28 43.59
CA TYR K 9 36.69 -24.39 44.68
C TYR K 9 36.60 -22.93 44.22
N PHE K 10 37.23 -22.60 43.09
CA PHE K 10 37.21 -21.24 42.56
C PHE K 10 36.56 -21.17 41.18
N ALA K 11 36.38 -22.30 40.51
CA ALA K 11 35.86 -22.26 39.14
C ALA K 11 34.54 -22.99 39.00
N ARG K 12 34.48 -24.25 39.47
CA ARG K 12 33.30 -25.07 39.23
C ARG K 12 32.14 -24.61 40.10
N ARG K 13 32.41 -23.90 41.19
CA ARG K 13 31.38 -23.33 42.04
C ARG K 13 31.11 -21.86 41.73
N ALA K 14 32.17 -21.08 41.49
CA ALA K 14 32.00 -19.64 41.31
C ALA K 14 31.30 -19.33 40.00
N ALA K 15 31.49 -20.18 38.98
CA ALA K 15 30.79 -19.96 37.72
C ALA K 15 29.28 -20.04 37.90
N GLN K 16 28.83 -20.96 38.77
CA GLN K 16 27.41 -20.99 39.12
C GLN K 16 27.00 -19.74 39.87
N LYS K 17 27.89 -19.19 40.71
CA LYS K 17 27.64 -17.94 41.39
C LYS K 17 27.55 -16.76 40.44
N GLU K 18 27.77 -16.98 39.15
CA GLU K 18 27.66 -15.97 38.11
C GLU K 18 26.49 -16.25 37.18
N ARG K 19 26.25 -17.53 36.89
CA ARG K 19 25.01 -17.93 36.23
C ARG K 19 23.79 -17.52 37.05
N VAL K 20 23.91 -17.55 38.38
CA VAL K 20 22.77 -17.18 39.22
C VAL K 20 22.50 -15.67 39.10
N ARG K 21 23.56 -14.86 39.01
CA ARG K 21 23.37 -13.43 38.76
C ARG K 21 22.69 -13.22 37.42
N ILE K 22 23.12 -13.97 36.40
CA ILE K 22 22.47 -13.87 35.09
C ILE K 22 20.99 -14.18 35.21
N LEU K 23 20.66 -15.27 35.88
CA LEU K 23 19.27 -15.70 36.00
C LEU K 23 18.44 -14.65 36.74
N TYR K 24 19.00 -14.10 37.81
CA TYR K 24 18.29 -13.08 38.58
C TYR K 24 18.01 -11.85 37.71
N ARG K 25 19.02 -11.42 36.95
CA ARG K 25 18.83 -10.22 36.14
C ARG K 25 17.77 -10.43 35.05
N ARG K 26 17.86 -11.55 34.31
CA ARG K 26 16.86 -11.80 33.28
C ARG K 26 15.48 -12.05 33.87
N ALA K 27 15.42 -12.56 35.10
CA ALA K 27 14.13 -12.75 35.74
C ALA K 27 13.53 -11.42 36.18
N LEU K 28 14.36 -10.51 36.70
CA LEU K 28 13.88 -9.22 37.15
C LEU K 28 13.37 -8.38 35.99
N LYS K 29 14.12 -8.35 34.89
CA LYS K 29 13.66 -7.59 33.72
C LYS K 29 12.35 -8.17 33.18
N ASP K 30 12.25 -9.49 33.12
CA ASP K 30 11.02 -10.12 32.64
C ASP K 30 9.85 -9.84 33.59
N THR K 31 10.11 -9.85 34.89
CA THR K 31 9.07 -9.56 35.86
C THR K 31 8.55 -8.14 35.70
N LEU K 32 9.45 -7.18 35.50
CA LEU K 32 9.03 -5.83 35.20
C LEU K 32 8.26 -5.74 33.89
N ASN K 33 8.64 -6.52 32.89
CA ASN K 33 7.95 -6.52 31.60
C ASN K 33 6.52 -7.04 31.71
N TRP K 34 6.31 -8.13 32.47
CA TRP K 34 4.97 -8.69 32.59
C TRP K 34 4.05 -7.77 33.38
N ALA K 35 4.51 -7.30 34.55
CA ALA K 35 3.72 -6.39 35.38
C ALA K 35 4.05 -4.97 34.94
N VAL K 36 3.21 -4.45 34.05
CA VAL K 36 3.45 -3.16 33.40
C VAL K 36 3.54 -2.04 34.43
N HIS K 37 2.59 -1.99 35.35
CA HIS K 37 2.53 -0.90 36.30
C HIS K 37 3.57 -1.08 37.40
N ARG K 38 4.16 0.04 37.82
CA ARG K 38 5.22 0.01 38.82
C ARG K 38 4.71 -0.44 40.18
N HIS K 39 3.49 -0.01 40.55
CA HIS K 39 2.92 -0.36 41.84
C HIS K 39 2.78 -1.86 42.02
N ILE K 40 2.68 -2.58 40.90
CA ILE K 40 2.51 -4.03 40.97
C ILE K 40 3.86 -4.73 40.85
N PHE K 41 4.84 -4.07 40.24
CA PHE K 41 6.14 -4.69 40.03
C PHE K 41 6.85 -4.97 41.34
N TYR K 42 6.55 -4.19 42.39
CA TYR K 42 7.30 -4.31 43.63
C TYR K 42 7.05 -5.65 44.31
N ARG K 43 5.78 -6.04 44.46
CA ARG K 43 5.47 -7.32 45.10
C ARG K 43 6.02 -8.49 44.30
N ASP K 44 5.89 -8.43 42.97
CA ASP K 44 6.37 -9.50 42.13
C ASP K 44 7.89 -9.65 42.24
N ALA K 45 8.61 -8.52 42.23
CA ALA K 45 10.07 -8.57 42.38
C ALA K 45 10.47 -9.08 43.75
N SER K 46 9.74 -8.68 44.79
CA SER K 46 10.03 -9.19 46.13
C SER K 46 9.87 -10.70 46.19
N ASP K 47 8.78 -11.22 45.62
CA ASP K 47 8.60 -12.67 45.58
C ASP K 47 9.70 -13.33 44.75
N LEU K 48 10.07 -12.71 43.63
CA LEU K 48 11.11 -13.27 42.77
C LEU K 48 12.42 -13.44 43.54
N ARG K 49 12.84 -12.40 44.27
CA ARG K 49 14.05 -12.54 45.07
C ARG K 49 13.84 -13.52 46.22
N GLU K 50 12.61 -13.63 46.73
CA GLU K 50 12.33 -14.60 47.77
C GLU K 50 12.57 -16.02 47.27
N LYS K 51 12.31 -16.26 45.98
CA LYS K 51 12.62 -17.56 45.39
C LYS K 51 14.11 -17.87 45.50
N PHE K 52 14.96 -16.90 45.15
CA PHE K 52 16.40 -17.11 45.27
C PHE K 52 16.84 -17.10 46.73
N ASN K 53 16.27 -16.19 47.53
CA ASN K 53 16.75 -15.98 48.90
C ASN K 53 16.51 -17.20 49.77
N VAL K 54 15.42 -17.93 49.52
CA VAL K 54 15.10 -19.07 50.36
C VAL K 54 16.12 -20.19 50.17
N ASN K 55 16.67 -20.30 48.96
CA ASN K 55 17.51 -21.46 48.65
C ASN K 55 18.95 -21.29 49.10
N GLN K 56 19.33 -20.11 49.58
CA GLN K 56 20.74 -19.81 49.84
C GLN K 56 21.35 -20.73 50.90
N ASP K 57 20.55 -21.62 51.46
CA ASP K 57 21.02 -22.63 52.40
C ASP K 57 21.91 -23.68 51.75
N VAL K 58 21.98 -23.73 50.42
CA VAL K 58 22.71 -24.78 49.74
C VAL K 58 24.21 -24.53 49.84
N GLU K 59 24.95 -25.62 50.08
CA GLU K 59 26.40 -25.54 50.10
C GLU K 59 27.09 -26.62 49.27
N ASP K 60 26.34 -27.56 48.68
CA ASP K 60 26.92 -28.70 47.97
C ASP K 60 26.46 -28.65 46.51
N VAL K 61 27.42 -28.84 45.60
CA VAL K 61 27.13 -28.77 44.17
C VAL K 61 26.28 -29.94 43.72
N ASP K 62 26.23 -31.01 44.51
CA ASP K 62 25.54 -32.22 44.10
C ASP K 62 24.06 -31.98 43.84
N ARG K 63 23.51 -30.93 44.42
CA ARG K 63 22.08 -30.66 44.34
C ARG K 63 21.74 -29.27 43.83
N ILE K 64 22.68 -28.31 43.87
CA ILE K 64 22.39 -26.97 43.39
C ILE K 64 22.31 -26.93 41.86
N ASP K 65 23.14 -27.71 41.17
CA ASP K 65 23.27 -27.57 39.72
C ASP K 65 21.95 -27.84 39.01
N LYS K 66 21.25 -28.91 39.43
CA LYS K 66 19.94 -29.19 38.84
C LYS K 66 18.93 -28.12 39.20
N LEU K 67 19.08 -27.47 40.38
CA LEU K 67 18.21 -26.34 40.69
C LEU K 67 18.42 -25.20 39.70
N ILE K 68 19.67 -24.91 39.37
CA ILE K 68 19.94 -23.87 38.39
C ILE K 68 19.38 -24.26 37.02
N ALA K 69 19.53 -25.54 36.64
CA ALA K 69 18.98 -25.99 35.37
C ALA K 69 17.46 -25.82 35.33
N HIS K 70 16.79 -26.19 36.42
CA HIS K 70 15.34 -26.03 36.50
C HIS K 70 14.95 -24.57 36.49
N GLY K 71 15.76 -23.71 37.13
CA GLY K 71 15.50 -22.29 37.12
C GLY K 71 15.56 -21.69 35.73
N GLU K 72 16.59 -22.08 34.97
CA GLU K 72 16.67 -21.62 33.59
C GLU K 72 15.53 -22.17 32.75
N ALA K 73 15.14 -23.43 32.97
CA ALA K 73 14.01 -24.00 32.26
C ALA K 73 12.72 -23.21 32.56
N GLU K 74 12.50 -22.89 33.84
CA GLU K 74 11.30 -22.16 34.23
C GLU K 74 11.30 -20.75 33.64
N TYR K 75 12.45 -20.07 33.69
CA TYR K 75 12.53 -18.74 33.11
C TYR K 75 12.27 -18.78 31.61
N ASN K 76 12.85 -19.75 30.92
CA ASN K 76 12.66 -19.86 29.48
C ASN K 76 11.22 -20.18 29.10
N LYS K 77 10.40 -20.59 30.05
CA LYS K 77 8.99 -20.89 29.79
C LYS K 77 8.09 -19.70 30.05
N TRP K 78 8.34 -18.94 31.11
CA TRP K 78 7.53 -17.77 31.45
C TRP K 78 8.11 -16.47 30.91
N ARG K 79 9.16 -16.53 30.09
CA ARG K 79 9.75 -15.33 29.53
C ARG K 79 8.73 -14.60 28.67
N HIS K 80 8.80 -13.27 28.69
CA HIS K 80 7.85 -12.47 27.94
C HIS K 80 8.08 -12.66 26.44
N PRO K 81 7.04 -12.97 25.67
CA PRO K 81 7.23 -13.11 24.21
C PRO K 81 7.76 -11.88 23.53
N ASP K 82 7.39 -10.68 24.00
CA ASP K 82 7.86 -9.42 23.44
C ASP K 82 8.39 -8.56 24.59
N PRO K 83 9.68 -8.64 24.89
CA PRO K 83 10.22 -7.84 25.98
C PRO K 83 10.44 -6.38 25.60
N TYR K 84 10.90 -5.58 26.55
CA TYR K 84 11.13 -4.16 26.30
C TYR K 84 12.60 -3.93 25.96
N ILE K 85 12.83 -3.21 24.87
CA ILE K 85 14.17 -2.89 24.39
C ILE K 85 14.27 -1.38 24.25
N VAL K 86 15.35 -0.81 24.76
CA VAL K 86 15.60 0.63 24.65
C VAL K 86 15.67 0.99 23.17
N PRO K 87 15.06 2.10 22.75
CA PRO K 87 14.96 2.37 21.29
C PRO K 87 16.30 2.39 20.56
N TRP K 88 17.34 2.96 21.17
CA TRP K 88 18.66 3.00 20.54
C TRP K 88 19.51 1.78 20.87
N ALA K 89 19.02 0.88 21.69
CA ALA K 89 19.74 -0.35 21.97
C ALA K 89 19.61 -1.30 20.78
N PRO K 90 20.55 -2.24 20.63
CA PRO K 90 20.43 -3.21 19.54
C PRO K 90 19.13 -4.00 19.65
N GLY K 91 18.46 -4.17 18.52
CA GLY K 91 17.14 -4.74 18.50
C GLY K 91 16.02 -3.76 18.77
N GLY K 92 16.34 -2.50 19.03
CA GLY K 92 15.32 -1.50 19.31
C GLY K 92 14.73 -0.90 18.04
N SER K 93 13.95 0.17 18.18
CA SER K 93 13.30 0.80 17.05
C SER K 93 14.07 1.97 16.47
N LYS K 94 14.89 2.64 17.27
CA LYS K 94 15.70 3.77 16.81
C LYS K 94 17.12 3.35 16.46
N PHE K 95 17.42 2.06 16.59
CA PHE K 95 18.76 1.54 16.30
C PHE K 95 19.10 1.73 14.83
N CYS K 96 20.30 2.26 14.56
CA CYS K 96 20.81 2.48 13.21
C CYS K 96 19.90 3.39 12.39
N ARG K 97 19.25 4.35 13.04
CA ARG K 97 18.37 5.28 12.33
C ARG K 97 19.20 6.24 11.48
N ASN K 98 20.04 7.03 12.13
CA ASN K 98 20.98 7.94 11.46
C ASN K 98 22.37 7.73 12.08
N PRO K 99 23.01 6.61 11.78
CA PRO K 99 24.27 6.29 12.44
C PRO K 99 25.41 7.20 12.00
N THR K 100 26.39 7.34 12.87
CA THR K 100 27.58 8.10 12.54
C THR K 100 28.36 7.37 11.44
N PRO K 101 28.70 8.04 10.35
CA PRO K 101 29.35 7.36 9.23
C PRO K 101 30.74 6.85 9.61
N PRO K 102 31.17 5.73 9.03
CA PRO K 102 32.49 5.18 9.37
C PRO K 102 33.63 6.10 9.00
N ALA K 103 34.74 6.02 9.73
CA ALA K 103 35.90 6.86 9.49
C ALA K 103 36.91 6.14 8.61
N GLY K 104 37.77 6.92 7.96
CA GLY K 104 38.79 6.40 7.08
C GLY K 104 38.35 6.24 5.64
N ILE K 105 37.07 6.44 5.35
CA ILE K 105 36.53 6.30 4.00
C ILE K 105 36.80 7.59 3.22
N GLU K 106 37.58 7.48 2.15
CA GLU K 106 37.91 8.63 1.33
C GLU K 106 37.28 8.52 -0.05
N ILE K 107 37.12 9.67 -0.70
CA ILE K 107 36.52 9.76 -2.03
C ILE K 107 37.57 10.33 -2.97
N VAL K 108 37.79 9.66 -4.10
CA VAL K 108 38.79 10.08 -5.05
C VAL K 108 38.12 10.80 -6.22
N TYR K 109 38.78 11.82 -6.75
CA TYR K 109 38.28 12.63 -7.83
C TYR K 109 39.05 12.32 -9.11
N ASN K 110 38.45 12.67 -10.25
CA ASN K 110 39.05 12.49 -11.56
C ASN K 110 39.49 11.04 -11.77
N TYR K 111 38.61 10.11 -11.40
CA TYR K 111 38.92 8.69 -11.49
C TYR K 111 39.19 8.26 -12.92
N GLY K 112 38.17 8.31 -13.76
CA GLY K 112 38.31 7.91 -15.15
C GLY K 112 38.60 9.09 -16.05
N LEU K 113 39.87 9.29 -16.38
CA LEU K 113 40.29 10.40 -17.23
C LEU K 113 41.32 9.87 -18.21
N GLU K 114 41.03 10.02 -19.51
CA GLU K 114 41.92 9.54 -20.55
C GLU K 114 43.28 10.22 -20.47
N ASP K 115 44.33 9.42 -20.56
CA ASP K 115 45.70 9.90 -20.49
C ASP K 115 45.95 10.75 -19.24
N LYS L 8 -51.07 1.24 -3.25
CA LYS L 8 -50.29 2.26 -3.94
C LYS L 8 -50.12 1.94 -5.41
N LYS L 9 -50.65 2.81 -6.27
CA LYS L 9 -50.57 2.64 -7.72
C LYS L 9 -49.68 3.73 -8.30
N MET L 10 -48.81 3.35 -9.25
CA MET L 10 -47.68 4.19 -9.62
C MET L 10 -48.13 5.53 -10.19
N ILE L 11 -47.36 6.57 -9.85
CA ILE L 11 -47.60 7.93 -10.32
C ILE L 11 -46.46 8.44 -11.19
N ALA L 12 -45.24 7.94 -11.00
CA ALA L 12 -44.08 8.37 -11.74
C ALA L 12 -43.92 7.48 -12.97
N THR L 13 -44.16 8.05 -14.14
CA THR L 13 -44.06 7.27 -15.37
C THR L 13 -42.60 7.08 -15.77
N GLN L 14 -42.41 6.25 -16.80
CA GLN L 14 -41.05 5.87 -17.19
C GLN L 14 -40.25 7.04 -17.71
N GLU L 15 -40.87 7.91 -18.53
CA GLU L 15 -40.10 8.95 -19.20
C GLU L 15 -39.61 10.00 -18.21
N GLU L 16 -40.42 10.36 -17.21
CA GLU L 16 -40.02 11.42 -16.29
C GLU L 16 -39.01 10.91 -15.27
N MET L 17 -39.07 9.63 -14.92
CA MET L 17 -38.02 9.05 -14.08
C MET L 17 -36.68 9.06 -14.81
N SER L 18 -36.68 8.79 -16.10
CA SER L 18 -35.45 8.84 -16.88
C SER L 18 -34.92 10.26 -16.95
N ALA L 19 -35.80 11.24 -17.11
CA ALA L 19 -35.37 12.63 -17.21
C ALA L 19 -34.65 13.09 -15.95
N ALA L 20 -35.19 12.72 -14.78
CA ALA L 20 -34.54 13.08 -13.53
C ALA L 20 -33.31 12.23 -13.25
N LYS L 21 -33.08 11.17 -14.01
CA LYS L 21 -31.93 10.28 -13.84
C LYS L 21 -31.89 9.71 -12.42
N ILE L 22 -33.02 9.17 -11.97
CA ILE L 22 -33.08 8.47 -10.71
C ILE L 22 -32.34 7.15 -10.84
N ALA L 23 -31.44 6.86 -9.90
CA ALA L 23 -30.63 5.66 -9.97
C ALA L 23 -31.51 4.41 -9.93
N LEU L 24 -31.15 3.42 -10.75
CA LEU L 24 -31.87 2.16 -10.76
C LEU L 24 -31.84 1.51 -9.38
N GLY L 25 -32.99 1.02 -8.94
CA GLY L 25 -33.18 0.55 -7.59
C GLY L 25 -33.90 1.54 -6.71
N SER L 26 -33.81 2.83 -7.04
CA SER L 26 -34.64 3.86 -6.44
C SER L 26 -35.86 4.17 -7.27
N ARG L 27 -36.08 3.45 -8.37
CA ARG L 27 -37.26 3.62 -9.21
C ARG L 27 -38.37 2.68 -8.73
N ASP L 28 -38.62 2.77 -7.43
CA ASP L 28 -39.68 2.00 -6.80
C ASP L 28 -40.97 2.82 -6.79
N MET L 29 -41.94 2.38 -6.00
CA MET L 29 -43.22 3.07 -5.84
C MET L 29 -43.09 4.46 -5.21
N CYS L 30 -41.91 4.83 -4.74
CA CYS L 30 -41.74 6.09 -4.03
C CYS L 30 -41.04 7.13 -4.89
N ALA L 31 -40.95 6.92 -6.20
CA ALA L 31 -40.11 7.76 -7.05
C ALA L 31 -40.71 9.16 -7.23
N HIS L 32 -42.03 9.28 -7.25
CA HIS L 32 -42.65 10.57 -7.54
C HIS L 32 -42.26 11.61 -6.50
N LEU L 33 -42.11 11.18 -5.25
CA LEU L 33 -41.62 12.08 -4.21
C LEU L 33 -40.12 12.30 -4.30
N LEU L 34 -39.40 11.40 -4.97
CA LEU L 34 -37.95 11.48 -5.02
C LEU L 34 -37.48 12.58 -5.96
N ILE L 35 -38.25 12.87 -7.00
CA ILE L 35 -37.82 13.84 -8.01
C ILE L 35 -37.67 15.23 -7.41
N PRO L 36 -38.68 15.80 -6.74
CA PRO L 36 -38.47 17.13 -6.12
C PRO L 36 -37.41 17.11 -5.03
N LEU L 37 -37.31 16.01 -4.29
CA LEU L 37 -36.31 15.91 -3.24
C LEU L 37 -34.90 15.97 -3.82
N ASN L 38 -34.67 15.28 -4.93
CA ASN L 38 -33.35 15.33 -5.56
C ASN L 38 -33.12 16.66 -6.26
N LYS L 39 -34.19 17.30 -6.73
CA LYS L 39 -34.03 18.67 -7.24
C LYS L 39 -33.57 19.62 -6.14
N CYS L 40 -34.12 19.50 -4.94
CA CYS L 40 -33.77 20.42 -3.87
C CYS L 40 -32.49 20.06 -3.14
N ARG L 41 -32.06 18.79 -3.17
CA ARG L 41 -30.76 18.46 -2.62
C ARG L 41 -29.62 19.13 -3.39
N GLN L 42 -29.70 19.12 -4.72
CA GLN L 42 -28.65 19.76 -5.52
C GLN L 42 -28.63 21.26 -5.29
N ALA L 43 -29.81 21.88 -5.22
CA ALA L 43 -29.88 23.32 -4.99
C ALA L 43 -29.44 23.72 -3.59
N GLU L 44 -29.34 22.77 -2.65
CA GLU L 44 -28.88 23.04 -1.30
C GLU L 44 -27.55 22.38 -0.98
N PHE L 45 -26.80 21.97 -2.01
CA PHE L 45 -25.48 21.39 -1.85
C PHE L 45 -25.50 20.13 -0.99
N TYR L 46 -26.61 19.40 -1.05
CA TYR L 46 -26.78 18.13 -0.32
C TYR L 46 -26.59 18.33 1.19
N LEU L 47 -26.89 19.53 1.68
CA LEU L 47 -26.76 19.79 3.10
C LEU L 47 -27.80 19.00 3.88
N PRO L 48 -27.45 18.50 5.06
CA PRO L 48 -28.35 17.59 5.78
C PRO L 48 -29.36 18.30 6.68
N TRP L 49 -29.54 19.61 6.49
CA TRP L 49 -30.52 20.33 7.30
C TRP L 49 -31.33 21.36 6.50
N LYS L 50 -31.17 21.42 5.18
CA LYS L 50 -32.00 22.29 4.34
C LYS L 50 -33.32 21.64 3.95
N CYS L 51 -33.26 20.51 3.24
CA CYS L 51 -34.45 19.90 2.67
C CYS L 51 -35.00 18.85 3.63
N GLU L 52 -35.79 19.31 4.60
CA GLU L 52 -36.40 18.42 5.59
C GLU L 52 -37.84 18.07 5.24
N ASP L 53 -38.62 19.04 4.76
CA ASP L 53 -40.01 18.75 4.39
C ASP L 53 -40.07 17.76 3.24
N GLU L 54 -39.21 17.93 2.23
CA GLU L 54 -39.20 16.99 1.12
C GLU L 54 -38.65 15.63 1.54
N ARG L 55 -37.60 15.62 2.36
CA ARG L 55 -36.98 14.36 2.76
C ARG L 55 -37.94 13.52 3.60
N HIS L 56 -38.65 14.16 4.53
CA HIS L 56 -39.50 13.42 5.44
C HIS L 56 -40.68 12.77 4.73
N VAL L 57 -41.24 13.44 3.72
CA VAL L 57 -42.34 12.85 2.98
C VAL L 57 -41.88 11.60 2.24
N TYR L 58 -40.71 11.68 1.58
CA TYR L 58 -40.17 10.54 0.86
C TYR L 58 -39.84 9.39 1.82
N GLU L 59 -39.28 9.73 2.98
CA GLU L 59 -38.95 8.69 3.95
C GLU L 59 -40.20 8.05 4.53
N LYS L 60 -41.27 8.82 4.71
CA LYS L 60 -42.55 8.26 5.10
C LYS L 60 -43.07 7.30 4.05
N CYS L 61 -42.93 7.68 2.78
CA CYS L 61 -43.29 6.78 1.68
C CYS L 61 -42.52 5.46 1.76
N GLU L 62 -41.21 5.55 1.94
CA GLU L 62 -40.38 4.34 2.02
C GLU L 62 -40.78 3.47 3.21
N TYR L 63 -41.03 4.10 4.36
CA TYR L 63 -41.44 3.33 5.54
C TYR L 63 -42.79 2.65 5.31
N GLU L 64 -43.72 3.35 4.66
CA GLU L 64 -45.01 2.74 4.36
C GLU L 64 -44.84 1.54 3.44
N LEU L 65 -43.99 1.66 2.42
CA LEU L 65 -43.73 0.52 1.53
C LEU L 65 -43.16 -0.66 2.30
N VAL L 66 -42.14 -0.40 3.12
CA VAL L 66 -41.48 -1.49 3.83
C VAL L 66 -42.43 -2.17 4.80
N MET L 67 -43.25 -1.37 5.50
CA MET L 67 -44.22 -1.96 6.43
C MET L 67 -45.28 -2.76 5.71
N GLU L 68 -45.78 -2.26 4.58
CA GLU L 68 -46.76 -3.00 3.80
C GLU L 68 -46.19 -4.31 3.29
N ARG L 69 -44.87 -4.36 3.09
CA ARG L 69 -44.25 -5.60 2.63
C ARG L 69 -43.99 -6.57 3.79
N MET L 70 -43.57 -6.03 4.94
CA MET L 70 -43.36 -6.87 6.13
C MET L 70 -44.66 -7.50 6.60
N LEU L 71 -45.77 -6.76 6.49
CA LEU L 71 -47.05 -7.33 6.90
C LEU L 71 -47.42 -8.53 6.03
N ALA L 72 -47.19 -8.42 4.72
CA ALA L 72 -47.44 -9.55 3.83
C ALA L 72 -46.54 -10.74 4.16
N MET L 73 -45.27 -10.48 4.46
CA MET L 73 -44.37 -11.57 4.82
C MET L 73 -44.83 -12.26 6.10
N LYS L 74 -45.23 -11.48 7.10
CA LYS L 74 -45.78 -12.08 8.32
C LYS L 74 -47.02 -12.90 8.02
N LYS L 75 -47.90 -12.42 7.16
CA LYS L 75 -49.10 -13.17 6.82
C LYS L 75 -48.77 -14.50 6.14
N ILE L 76 -47.82 -14.49 5.20
CA ILE L 76 -47.49 -15.72 4.49
C ILE L 76 -46.77 -16.69 5.41
N ARG L 77 -45.93 -16.17 6.33
CA ARG L 77 -45.29 -17.06 7.30
C ARG L 77 -46.34 -17.68 8.24
N GLU L 78 -47.34 -16.89 8.63
CA GLU L 78 -48.40 -17.44 9.47
C GLU L 78 -49.18 -18.50 8.70
N GLU L 79 -49.41 -18.29 7.41
CA GLU L 79 -50.10 -19.30 6.61
C GLU L 79 -49.28 -20.58 6.53
N GLU L 80 -47.96 -20.45 6.34
CA GLU L 80 -47.10 -21.63 6.32
C GLU L 80 -47.15 -22.37 7.66
N ALA L 81 -47.09 -21.63 8.76
CA ALA L 81 -47.13 -22.24 10.08
C ALA L 81 -48.47 -22.93 10.34
N LEU L 82 -49.56 -22.31 9.88
CA LEU L 82 -50.89 -22.85 10.14
C LEU L 82 -51.07 -24.20 9.46
N ALA L 83 -50.61 -24.32 8.22
CA ALA L 83 -50.81 -25.55 7.47
C ALA L 83 -50.02 -26.72 8.06
N LYS L 84 -48.75 -26.48 8.37
CA LYS L 84 -47.86 -27.58 8.74
C LYS L 84 -48.26 -28.20 10.07
N GLN L 85 -48.44 -27.38 11.10
CA GLN L 85 -48.78 -27.94 12.41
C GLN L 85 -50.24 -28.39 12.49
N ASN L 86 -51.08 -27.99 11.53
CA ASN L 86 -52.46 -28.45 11.52
C ASN L 86 -52.67 -29.63 10.58
N LYS L 87 -51.61 -30.21 10.04
CA LYS L 87 -51.72 -31.37 9.16
C LYS L 87 -52.44 -32.53 9.84
N GLY M 2 9.90 8.33 -54.23
CA GLY M 2 9.24 9.59 -53.95
C GLY M 2 7.73 9.47 -53.85
N ARG M 3 7.25 9.19 -52.64
CA ARG M 3 5.81 9.04 -52.42
C ARG M 3 5.12 10.39 -52.62
N LYS M 4 3.85 10.34 -53.00
CA LYS M 4 3.03 11.54 -53.14
C LYS M 4 2.27 11.79 -51.85
N LYS M 5 2.14 13.07 -51.48
CA LYS M 5 1.51 13.43 -50.22
C LYS M 5 0.08 12.92 -50.18
N GLY M 6 -0.27 12.25 -49.09
CA GLY M 6 -1.60 11.73 -48.86
C GLY M 6 -1.54 10.37 -48.21
N LEU M 7 -2.71 9.78 -48.01
CA LEU M 7 -2.83 8.45 -47.43
C LEU M 7 -2.43 7.39 -48.45
N PRO M 8 -1.98 6.22 -48.00
CA PRO M 8 -1.62 5.16 -48.95
C PRO M 8 -2.84 4.70 -49.74
N GLU M 9 -2.60 4.29 -50.97
CA GLU M 9 -3.65 3.84 -51.88
C GLU M 9 -3.44 2.36 -52.16
N PHE M 10 -4.27 1.53 -51.55
CA PHE M 10 -4.30 0.11 -51.87
C PHE M 10 -5.60 -0.23 -52.57
N GLU M 11 -5.50 -0.84 -53.74
CA GLU M 11 -6.71 -1.22 -54.47
C GLU M 11 -7.49 -2.27 -53.69
N GLU M 12 -8.81 -2.10 -53.65
CA GLU M 12 -9.69 -2.94 -52.87
C GLU M 12 -10.37 -3.94 -53.79
N SER M 13 -9.72 -5.08 -54.01
CA SER M 13 -10.28 -6.17 -54.81
C SER M 13 -9.47 -7.43 -54.59
N ALA M 14 -10.13 -8.58 -54.47
CA ALA M 14 -9.44 -9.84 -54.32
C ALA M 14 -8.60 -10.09 -55.57
N PRO M 15 -7.30 -10.37 -55.42
CA PRO M 15 -6.45 -10.56 -56.61
C PRO M 15 -6.89 -11.78 -57.41
N ASP M 16 -7.18 -11.54 -58.69
CA ASP M 16 -7.62 -12.62 -59.56
C ASP M 16 -6.50 -13.63 -59.75
N GLY M 17 -6.86 -14.91 -59.74
CA GLY M 17 -5.89 -15.98 -59.87
C GLY M 17 -5.83 -16.87 -58.64
N PHE M 18 -6.03 -16.28 -57.47
CA PHE M 18 -6.01 -17.05 -56.23
C PHE M 18 -7.29 -17.85 -56.08
N ASP M 19 -7.24 -19.15 -56.37
CA ASP M 19 -8.41 -20.01 -56.22
C ASP M 19 -8.17 -20.92 -55.03
N PRO M 20 -9.03 -20.88 -53.99
CA PRO M 20 -8.71 -21.57 -52.73
C PRO M 20 -8.60 -23.09 -52.82
N GLU M 21 -8.93 -23.68 -53.97
CA GLU M 21 -8.78 -25.12 -54.14
C GLU M 21 -7.33 -25.53 -53.96
N ASN M 22 -6.43 -24.83 -54.63
CA ASN M 22 -4.99 -25.06 -54.51
C ASN M 22 -4.22 -23.76 -54.25
N PRO M 23 -4.14 -23.32 -53.00
CA PRO M 23 -3.52 -22.01 -52.71
C PRO M 23 -2.11 -21.85 -53.25
N TYR M 24 -1.30 -22.91 -53.19
CA TYR M 24 0.09 -22.85 -53.66
C TYR M 24 0.16 -23.27 -55.12
N LYS M 25 -0.47 -22.45 -55.97
CA LYS M 25 -0.38 -22.63 -57.40
C LYS M 25 0.29 -21.46 -58.10
N ASP M 26 -0.17 -20.23 -57.84
CA ASP M 26 0.45 -19.03 -58.37
C ASP M 26 1.01 -18.21 -57.22
N PRO M 27 2.32 -18.17 -57.03
CA PRO M 27 2.89 -17.49 -55.85
C PRO M 27 2.58 -16.00 -55.79
N VAL M 28 2.48 -15.35 -56.95
CA VAL M 28 2.27 -13.90 -56.97
C VAL M 28 0.93 -13.56 -56.33
N ALA M 29 -0.12 -14.33 -56.66
CA ALA M 29 -1.43 -14.05 -56.11
C ALA M 29 -1.49 -14.38 -54.61
N MET M 30 -0.66 -15.31 -54.15
CA MET M 30 -0.71 -15.71 -52.75
C MET M 30 -0.34 -14.56 -51.82
N VAL M 31 0.75 -13.86 -52.12
CA VAL M 31 1.17 -12.74 -51.27
C VAL M 31 0.17 -11.60 -51.39
N GLU M 32 -0.34 -11.35 -52.60
CA GLU M 32 -1.36 -10.33 -52.78
C GLU M 32 -2.61 -10.66 -51.98
N MET M 33 -3.02 -11.93 -52.00
CA MET M 33 -4.19 -12.33 -51.23
C MET M 33 -3.94 -12.19 -49.74
N ARG M 34 -2.75 -12.55 -49.28
CA ARG M 34 -2.44 -12.40 -47.86
C ARG M 34 -2.52 -10.94 -47.43
N GLU M 35 -1.92 -10.04 -48.22
CA GLU M 35 -1.97 -8.62 -47.91
C GLU M 35 -3.41 -8.11 -47.91
N HIS M 36 -4.19 -8.54 -48.91
CA HIS M 36 -5.58 -8.11 -48.99
C HIS M 36 -6.37 -8.55 -47.77
N ILE M 37 -6.24 -9.82 -47.38
CA ILE M 37 -6.96 -10.33 -46.23
C ILE M 37 -6.55 -9.59 -44.97
N VAL M 38 -5.27 -9.29 -44.82
CA VAL M 38 -4.82 -8.49 -43.69
C VAL M 38 -5.49 -7.12 -43.72
N ARG M 39 -5.64 -6.55 -44.91
CA ARG M 39 -6.24 -5.22 -45.01
C ARG M 39 -7.70 -5.22 -44.58
N GLU M 40 -8.51 -6.16 -45.08
CA GLU M 40 -9.90 -6.20 -44.61
C GLU M 40 -10.01 -6.61 -43.14
N LYS M 41 -9.08 -7.41 -42.63
CA LYS M 41 -9.13 -7.64 -41.19
C LYS M 41 -8.87 -6.37 -40.39
N TRP M 42 -7.93 -5.53 -40.83
CA TRP M 42 -7.71 -4.25 -40.15
C TRP M 42 -8.89 -3.31 -40.34
N ILE M 43 -9.57 -3.37 -41.48
CA ILE M 43 -10.78 -2.58 -41.68
C ILE M 43 -11.85 -3.01 -40.68
N GLN M 44 -12.05 -4.31 -40.51
CA GLN M 44 -13.05 -4.81 -39.58
C GLN M 44 -12.64 -4.63 -38.12
N ILE M 45 -11.36 -4.39 -37.85
CA ILE M 45 -10.94 -3.97 -36.51
C ILE M 45 -11.21 -2.50 -36.25
N GLU M 46 -10.83 -1.60 -37.16
CA GLU M 46 -11.11 -0.18 -36.97
C GLU M 46 -12.58 0.16 -37.14
N LYS M 47 -13.39 -0.74 -37.71
CA LYS M 47 -14.83 -0.59 -37.68
C LYS M 47 -15.43 -1.01 -36.34
N ALA M 48 -14.86 -2.01 -35.69
CA ALA M 48 -15.29 -2.40 -34.35
C ALA M 48 -14.81 -1.45 -33.28
N LYS M 49 -13.74 -0.70 -33.53
CA LYS M 49 -13.32 0.34 -32.58
C LYS M 49 -14.18 1.60 -32.65
N ILE M 50 -14.72 1.94 -33.82
CA ILE M 50 -15.66 3.06 -33.89
C ILE M 50 -16.92 2.76 -33.09
N LEU M 51 -17.42 1.52 -33.17
CA LEU M 51 -18.55 1.14 -32.35
C LEU M 51 -18.21 1.20 -30.87
N ARG M 52 -16.97 0.84 -30.51
CA ARG M 52 -16.55 0.98 -29.13
C ARG M 52 -16.55 2.44 -28.69
N GLU M 53 -16.12 3.34 -29.56
CA GLU M 53 -16.21 4.77 -29.23
C GLU M 53 -17.64 5.21 -29.05
N LYS M 54 -18.55 4.74 -29.91
CA LYS M 54 -19.96 5.09 -29.77
C LYS M 54 -20.52 4.60 -28.44
N VAL M 55 -20.19 3.36 -28.06
CA VAL M 55 -20.65 2.83 -26.78
C VAL M 55 -20.05 3.63 -25.63
N LYS M 56 -18.77 4.00 -25.74
CA LYS M 56 -18.11 4.75 -24.68
C LYS M 56 -18.78 6.10 -24.45
N TRP M 57 -19.13 6.80 -25.53
CA TRP M 57 -19.77 8.10 -25.39
C TRP M 57 -21.28 8.01 -25.21
N CYS M 58 -21.86 6.81 -25.37
CA CYS M 58 -23.24 6.57 -24.96
C CYS M 58 -23.37 6.27 -23.48
N TYR M 59 -22.40 5.58 -22.89
CA TYR M 59 -22.39 5.33 -21.45
C TYR M 59 -22.17 6.59 -20.65
N ARG M 60 -21.50 7.59 -21.20
CA ARG M 60 -21.17 8.82 -20.49
C ARG M 60 -22.21 9.91 -20.65
N VAL M 61 -22.76 10.08 -21.86
CA VAL M 61 -23.77 11.11 -22.06
C VAL M 61 -25.08 10.71 -21.39
N GLU M 62 -25.50 9.47 -21.55
CA GLU M 62 -26.76 9.01 -20.97
C GLU M 62 -26.69 8.98 -19.45
N GLY M 63 -25.77 8.20 -18.91
CA GLY M 63 -25.62 8.11 -17.48
C GLY M 63 -26.27 6.88 -16.90
N VAL M 64 -27.26 7.08 -16.02
CA VAL M 64 -27.97 5.95 -15.42
C VAL M 64 -28.84 5.23 -16.45
N ASN M 65 -29.36 5.96 -17.44
CA ASN M 65 -30.24 5.39 -18.45
C ASN M 65 -29.47 4.70 -19.58
N HIS M 66 -28.20 4.37 -19.34
CA HIS M 66 -27.40 3.76 -20.40
C HIS M 66 -27.83 2.32 -20.68
N TYR M 67 -28.63 1.71 -19.81
CA TYR M 67 -29.06 0.34 -20.03
C TYR M 67 -30.10 0.21 -21.13
N GLN M 68 -30.88 1.27 -21.39
CA GLN M 68 -31.87 1.24 -22.45
C GLN M 68 -31.51 2.09 -23.66
N LYS M 69 -30.70 3.13 -23.48
CA LYS M 69 -30.32 4.00 -24.60
C LYS M 69 -29.10 3.52 -25.35
N CYS M 70 -28.34 2.58 -24.78
CA CYS M 70 -27.15 2.04 -25.44
C CYS M 70 -27.29 0.56 -25.78
N ARG M 71 -28.49 -0.01 -25.62
CA ARG M 71 -28.66 -1.44 -25.87
C ARG M 71 -28.38 -1.78 -27.33
N HIS M 72 -28.82 -0.92 -28.25
CA HIS M 72 -28.55 -1.15 -29.67
C HIS M 72 -27.06 -1.11 -29.95
N LEU M 73 -26.35 -0.15 -29.36
CA LEU M 73 -24.92 0.00 -29.60
C LEU M 73 -24.13 -1.14 -28.99
N VAL M 74 -24.53 -1.58 -27.79
CA VAL M 74 -23.77 -2.62 -27.10
C VAL M 74 -23.82 -3.92 -27.87
N GLN M 75 -25.01 -4.30 -28.34
CA GLN M 75 -25.13 -5.56 -29.08
C GLN M 75 -24.47 -5.47 -30.45
N GLN M 76 -24.50 -4.29 -31.08
CA GLN M 76 -23.78 -4.11 -32.34
C GLN M 76 -22.29 -4.26 -32.13
N TYR M 77 -21.76 -3.66 -31.04
CA TYR M 77 -20.34 -3.75 -30.76
C TYR M 77 -19.93 -5.18 -30.46
N LEU M 78 -20.70 -5.88 -29.61
CA LEU M 78 -20.37 -7.25 -29.28
C LEU M 78 -20.61 -8.21 -30.44
N ASP M 79 -21.42 -7.82 -31.43
CA ASP M 79 -21.56 -8.61 -32.65
C ASP M 79 -20.41 -8.40 -33.62
N SER M 80 -19.85 -7.19 -33.68
CA SER M 80 -18.68 -6.91 -34.50
C SER M 80 -17.39 -7.27 -33.79
N THR M 81 -17.46 -7.75 -32.56
CA THR M 81 -16.30 -8.18 -31.80
C THR M 81 -16.17 -9.70 -31.78
N ARG M 82 -17.15 -10.41 -32.32
CA ARG M 82 -17.08 -11.87 -32.40
C ARG M 82 -15.92 -12.30 -33.30
N GLY M 83 -15.78 -11.63 -34.44
CA GLY M 83 -14.77 -11.98 -35.41
C GLY M 83 -13.75 -10.89 -35.67
N VAL M 84 -13.24 -10.29 -34.60
CA VAL M 84 -12.30 -9.16 -34.73
C VAL M 84 -11.17 -9.51 -35.68
N GLY M 85 -10.43 -10.56 -35.38
CA GLY M 85 -9.27 -10.89 -36.16
C GLY M 85 -8.40 -11.96 -35.53
N TRP M 86 -7.11 -11.66 -35.36
CA TRP M 86 -6.15 -12.64 -34.86
C TRP M 86 -6.20 -12.61 -33.34
N GLY M 87 -7.29 -13.17 -32.80
CA GLY M 87 -7.52 -13.09 -31.37
C GLY M 87 -7.90 -14.41 -30.75
N LYS M 88 -9.05 -14.45 -30.10
CA LYS M 88 -9.53 -15.67 -29.47
C LYS M 88 -9.79 -16.76 -30.50
N ASP M 89 -10.14 -17.95 -30.01
CA ASP M 89 -10.32 -19.09 -30.90
C ASP M 89 -11.45 -18.88 -31.89
N HIS M 90 -12.32 -17.90 -31.64
CA HIS M 90 -13.39 -17.57 -32.58
C HIS M 90 -12.79 -16.88 -33.80
N ARG M 91 -12.46 -17.65 -34.83
CA ARG M 91 -11.80 -17.13 -36.01
C ARG M 91 -12.79 -17.04 -37.17
N PRO M 92 -13.00 -15.85 -37.72
CA PRO M 92 -13.95 -15.71 -38.83
C PRO M 92 -13.52 -16.50 -40.05
N ILE M 93 -14.53 -16.97 -40.79
CA ILE M 93 -14.29 -17.56 -42.12
C ILE M 93 -14.39 -16.42 -43.12
N SER M 94 -13.28 -15.70 -43.28
CA SER M 94 -13.24 -14.53 -44.15
C SER M 94 -13.17 -14.94 -45.62
C1 PTY N . 8.24 11.24 -32.07
C2 PTY N . 2.22 13.23 -36.38
C3 PTY N . 2.17 12.00 -35.46
O4 PTY N . 8.69 12.56 -32.17
C5 PTY N . 5.87 11.52 -32.78
C6 PTY N . 6.79 11.23 -31.60
O7 PTY N . 6.62 12.24 -30.64
C8 PTY N . 6.32 11.76 -29.36
O10 PTY N . 5.20 11.72 -28.99
C11 PTY N . 7.44 11.27 -28.44
C12 PTY N . 6.84 10.76 -27.14
C13 PTY N . 6.78 11.90 -26.12
C14 PTY N . 6.99 11.35 -24.71
C15 PTY N . 8.43 10.87 -24.54
C16 PTY N . 9.41 11.96 -24.97
C17 PTY N . 10.84 11.45 -24.85
C18 PTY N . 11.41 11.90 -23.51
C19 PTY N . 11.57 10.69 -22.59
C20 PTY N . 11.76 11.17 -21.15
C21 PTY N . 12.99 12.06 -21.07
C22 PTY N . 13.40 12.21 -19.61
C23 PTY N . 13.98 10.89 -19.09
C24 PTY N . 14.85 11.16 -17.87
C25 PTY N . 15.86 12.27 -18.20
C26 PTY N . 17.12 12.11 -17.38
C27 PTY N . 18.03 13.32 -17.59
C28 PTY N . 18.18 13.60 -19.08
C29 PTY N . 18.93 14.92 -19.27
C30 PTY N . 9.69 12.90 -31.25
C31 PTY N . 10.95 12.03 -31.13
O30 PTY N . 9.59 13.86 -30.58
C32 PTY N . 12.07 12.83 -30.48
C33 PTY N . 12.53 12.11 -29.21
C34 PTY N . 14.06 12.04 -29.18
C35 PTY N . 14.50 11.03 -28.14
C36 PTY N . 15.94 10.60 -28.41
C37 PTY N . 16.22 9.30 -27.65
C38 PTY N . 17.49 8.65 -28.21
C39 PTY N . 17.41 7.14 -28.02
C40 PTY N . 18.33 6.46 -29.03
C41 PTY N . 18.02 4.96 -29.10
C42 PTY N . 16.62 4.75 -29.67
C43 PTY N . 16.18 3.31 -29.41
C44 PTY N . 16.71 2.39 -30.52
P1 PTY N . 3.62 10.61 -33.79
O11 PTY N . 3.33 11.95 -34.70
O12 PTY N . 2.32 10.04 -33.28
O13 PTY N . 4.31 9.57 -34.64
O14 PTY N . 4.59 10.99 -32.51
N1 PTY N . 2.11 12.80 -37.76
C48 PC7 O . 10.39 5.32 -13.52
C47 PC7 O . 8.91 5.23 -13.14
C46 PC7 O . 8.78 5.23 -11.62
C45 PC7 O . 9.39 6.50 -11.06
C44 PC7 O . 9.49 6.38 -9.54
C43 PC7 O . 10.35 7.52 -9.00
C42 PC7 O . 10.77 7.21 -7.57
C41 PC7 O . 12.18 7.74 -7.34
C40 PC7 O . 13.15 6.97 -8.23
C39 PC7 O . 14.58 7.28 -7.82
C38 PC7 O . 14.70 7.24 -6.29
C37 PC7 O . 16.17 7.29 -5.89
C36 PC7 O . 16.48 6.07 -5.03
C35 PC7 O . 17.87 5.56 -5.39
C34 PC7 O . 18.92 6.39 -4.67
C33 PC7 O . 18.70 6.27 -3.16
C32 PC7 O . 18.88 7.64 -2.50
C31 PC7 O . 20.03 8.41 -3.16
O31 PC7 O . 21.14 8.22 -2.81
O2 PC7 O . 19.75 9.33 -4.15
C2 PC7 O . 20.33 10.59 -3.96
C1 PC7 O . 19.81 11.18 -2.65
O3P PC7 O . 20.87 11.40 -1.79
P PC7 O . 20.53 11.88 -0.25
O1P PC7 O . 21.17 13.23 0.00
O2P PC7 O . 19.04 12.01 -0.07
O4P PC7 O . 21.11 10.77 0.81
C4 PC7 O . 22.14 9.92 0.39
C5 PC7 O . 23.25 9.91 1.43
N PC7 O . 24.40 10.67 0.96
C7 PC7 O . 24.78 10.26 -0.38
C8 PC7 O . 25.51 10.50 1.87
C6 PC7 O . 24.06 12.08 0.91
C3 PC7 O . 19.91 11.49 -5.12
O3 PC7 O . 18.67 12.05 -4.81
C11 PC7 O . 17.58 11.36 -5.36
O11 PC7 O . 17.11 10.44 -4.80
C12 PC7 O . 17.01 11.81 -6.70
C13 PC7 O . 16.22 10.68 -7.34
C14 PC7 O . 14.72 10.87 -7.10
C15 PC7 O . 14.35 12.34 -7.34
C16 PC7 O . 14.19 12.59 -8.83
C17 PC7 O . 13.01 11.77 -9.35
C18 PC7 O . 12.19 12.64 -10.30
C19 PC7 O . 10.71 12.47 -9.99
C20 PC7 O . 10.32 11.01 -10.17
C21 PC7 O . 10.40 10.64 -11.64
C22 PC7 O . 9.41 11.49 -12.44
C23 PC7 O . 8.45 10.60 -13.22
C24 PC7 O . 7.79 9.58 -12.29
C25 PC7 O . 6.51 9.05 -12.93
C26 PC7 O . 6.87 8.17 -14.12
O4 8Q1 P . 15.82 -21.01 43.34
C16 8Q1 P . 10.31 -15.74 33.92
O3 8Q1 P . 26.23 -14.49 49.01
C15 8Q1 P . 10.42 -16.56 35.20
C14 8Q1 P . 11.06 -15.71 36.28
C13 8Q1 P . 12.05 -16.57 37.07
O2 8Q1 P . 28.40 -13.94 47.95
C12 8Q1 P . 11.31 -17.55 37.96
C11 8Q1 P . 12.30 -18.15 38.96
C10 8Q1 P . 13.47 -18.77 38.19
C9 8Q1 P . 14.57 -19.17 39.17
C8 8Q1 P . 14.00 -20.08 40.24
C7 8Q1 P . 15.06 -21.11 40.64
C6 8Q1 P . 16.30 -20.38 41.13
C1 8Q1 P . 16.65 -20.91 42.51
C28 8Q1 P . 25.24 -15.44 46.51
C29 8Q1 P . 25.02 -16.81 45.86
C30 8Q1 P . 23.54 -16.98 45.56
C31 8Q1 P . 25.80 -16.89 44.56
C32 8Q1 P . 25.51 -17.90 46.82
C34 8Q1 P . 24.81 -19.21 46.51
C37 8Q1 P . 23.00 -20.88 47.04
C38 8Q1 P . 22.21 -20.62 45.76
C39 8Q1 P . 20.82 -21.23 45.83
C42 8Q1 P . 20.06 -19.61 44.07
C43 8Q1 P . 19.43 -19.91 42.72
N36 8Q1 P . 23.69 -19.63 47.34
N41 8Q1 P . 19.77 -20.70 44.97
O27 8Q1 P . 26.61 -15.19 46.57
O33 8Q1 P . 25.23 -17.52 48.14
O35 8Q1 P . 25.18 -19.88 45.61
O40 8Q1 P . 20.60 -22.12 46.58
P24 8Q1 P . 27.29 -14.97 48.05
S44 8Q1 P . 18.36 -21.37 42.90
O1 8Q1 P . 27.86 -16.27 48.54
#